data_3NTI
# 
_entry.id   3NTI 
# 
_audit_conform.dict_name       mmcif_pdbx.dic 
_audit_conform.dict_version    5.398 
_audit_conform.dict_location   http://mmcif.pdb.org/dictionaries/ascii/mmcif_pdbx.dic 
# 
loop_
_database_2.database_id 
_database_2.database_code 
_database_2.pdbx_database_accession 
_database_2.pdbx_DOI 
PDB   3NTI         pdb_00003nti 10.2210/pdb3nti/pdb 
RCSB  RCSB060260   ?            ?                   
WWPDB D_1000060260 ?            ?                   
# 
loop_
_pdbx_audit_revision_history.ordinal 
_pdbx_audit_revision_history.data_content_type 
_pdbx_audit_revision_history.major_revision 
_pdbx_audit_revision_history.minor_revision 
_pdbx_audit_revision_history.revision_date 
1 'Structure model' 1 0 2010-09-15 
2 'Structure model' 1 1 2011-07-13 
3 'Structure model' 1 2 2023-11-01 
4 'Structure model' 1 3 2024-11-13 
# 
_pdbx_audit_revision_details.ordinal             1 
_pdbx_audit_revision_details.revision_ordinal    1 
_pdbx_audit_revision_details.data_content_type   'Structure model' 
_pdbx_audit_revision_details.provider            repository 
_pdbx_audit_revision_details.type                'Initial release' 
_pdbx_audit_revision_details.description         ? 
_pdbx_audit_revision_details.details             ? 
# 
loop_
_pdbx_audit_revision_group.ordinal 
_pdbx_audit_revision_group.revision_ordinal 
_pdbx_audit_revision_group.data_content_type 
_pdbx_audit_revision_group.group 
1 2 'Structure model' 'Version format compliance' 
2 3 'Structure model' 'Data collection'           
3 3 'Structure model' 'Database references'       
4 3 'Structure model' 'Derived calculations'      
5 3 'Structure model' 'Refinement description'    
6 4 'Structure model' 'Structure summary'         
# 
loop_
_pdbx_audit_revision_category.ordinal 
_pdbx_audit_revision_category.revision_ordinal 
_pdbx_audit_revision_category.data_content_type 
_pdbx_audit_revision_category.category 
1 3 'Structure model' chem_comp_atom                
2 3 'Structure model' chem_comp_bond                
3 3 'Structure model' database_2                    
4 3 'Structure model' pdbx_initial_refinement_model 
5 3 'Structure model' struct_conn                   
6 3 'Structure model' struct_sheet                  
7 4 'Structure model' pdbx_entry_details            
8 4 'Structure model' pdbx_modification_feature     
# 
loop_
_pdbx_audit_revision_item.ordinal 
_pdbx_audit_revision_item.revision_ordinal 
_pdbx_audit_revision_item.data_content_type 
_pdbx_audit_revision_item.item 
1 3 'Structure model' '_database_2.pdbx_DOI'                
2 3 'Structure model' '_database_2.pdbx_database_accession' 
3 3 'Structure model' '_struct_conn.pdbx_leaving_atom_flag' 
4 3 'Structure model' '_struct_sheet.number_strands'        
# 
_pdbx_database_status.entry_id                        3NTI 
_pdbx_database_status.deposit_site                    RCSB 
_pdbx_database_status.process_site                    PDBJ 
_pdbx_database_status.recvd_initial_deposition_date   2010-07-05 
_pdbx_database_status.status_code                     REL 
_pdbx_database_status.status_code_sf                  REL 
_pdbx_database_status.status_code_mr                  ? 
_pdbx_database_status.SG_entry                        ? 
_pdbx_database_status.pdb_format_compatible           Y 
_pdbx_database_status.status_code_cs                  ? 
_pdbx_database_status.status_code_nmr_data            ? 
_pdbx_database_status.methods_development_category    ? 
# 
loop_
_pdbx_database_related.db_name 
_pdbx_database_related.db_id 
_pdbx_database_related.details 
_pdbx_database_related.content_type 
PDB 3NTH . unspecified 
PDB 3NTK . unspecified 
# 
loop_
_audit_author.name 
_audit_author.pdbx_ordinal 
'Liu, H.P.'  1 
'Huang, Y.'  2 
'Li, Z.Z.'   3 
'Gong, W.M.' 4 
'Xu, R.M.'   5 
# 
_citation.id                        primary 
_citation.title                     'Structural basis for methylarginine-dependent recognition of Aubergine by Tudor' 
_citation.journal_abbrev            'Genes Dev.' 
_citation.journal_volume            24 
_citation.page_first                1876 
_citation.page_last                 1881 
_citation.year                      2010 
_citation.journal_id_ASTM           GEDEEP 
_citation.country                   US 
_citation.journal_id_ISSN           0890-9369 
_citation.journal_id_CSD            2056 
_citation.book_publisher            ? 
_citation.pdbx_database_id_PubMed   20713507 
_citation.pdbx_database_id_DOI      10.1101/gad.1956010 
# 
loop_
_citation_author.citation_id 
_citation_author.name 
_citation_author.ordinal 
_citation_author.identifier_ORCID 
primary 'Liu, H.P.'   1 ? 
primary 'Wang, J.Y.'  2 ? 
primary 'Huang, Y.'   3 ? 
primary 'Li, Z.Z.'    4 ? 
primary 'Gong, W.M.'  5 ? 
primary 'Lehmann, R.' 6 ? 
primary 'Xu, R.M.'    7 ? 
# 
loop_
_entity.id 
_entity.type 
_entity.src_method 
_entity.pdbx_description 
_entity.formula_weight 
_entity.pdbx_number_of_molecules 
_entity.pdbx_ec 
_entity.pdbx_mutation 
_entity.pdbx_fragment 
_entity.details 
1 polymer man 'Maternal protein tudor' 19568.021 1  ? ? 'the last extended Tudor domain' ? 
2 polymer syn 'peptide from Aubergine' 1468.755  1  ? ? ?                                ? 
3 water   nat water                    18.015    18 ? ? ?                                ? 
# 
_entity_name_com.entity_id   2 
_entity_name_com.name        'Aub[R15(me2s)]' 
# 
loop_
_entity_poly.entity_id 
_entity_poly.type 
_entity_poly.nstd_linkage 
_entity_poly.nstd_monomer 
_entity_poly.pdbx_seq_one_letter_code 
_entity_poly.pdbx_seq_one_letter_code_can 
_entity_poly.pdbx_strand_id 
_entity_poly.pdbx_target_identifier 
1 'polypeptide(L)' no no  
;LEAELHNCVVVQFDGPMSFYVQMESDVPALEQMTDKLLDAEQDLPAFSDLKEGALCVAQFPEDEVFYRAQIRKVLDDGKC
EVHFIDFGNNAVTQQFRQLPEELAKPARYSRHCELDASTISKCDAALLQSFIDTRFSETFQVEILATKGTGTHVVRLFYQ
SKNISEKLQECQ
;
;LEAELHNCVVVQFDGPMSFYVQMESDVPALEQMTDKLLDAEQDLPAFSDLKEGALCVAQFPEDEVFYRAQIRKVLDDGKC
EVHFIDFGNNAVTQQFRQLPEELAKPARYSRHCELDASTISKCDAALLQSFIDTRFSETFQVEILATKGTGTHVVRLFYQ
SKNISEKLQECQ
;
A ? 
2 'polypeptide(L)' no yes 'NPVIARGRG(2MR)GRK' NPVIARGRGRGRK C ? 
# 
_pdbx_entity_nonpoly.entity_id   3 
_pdbx_entity_nonpoly.name        water 
_pdbx_entity_nonpoly.comp_id     HOH 
# 
loop_
_entity_poly_seq.entity_id 
_entity_poly_seq.num 
_entity_poly_seq.mon_id 
_entity_poly_seq.hetero 
1 1   LEU n 
1 2   GLU n 
1 3   ALA n 
1 4   GLU n 
1 5   LEU n 
1 6   HIS n 
1 7   ASN n 
1 8   CYS n 
1 9   VAL n 
1 10  VAL n 
1 11  VAL n 
1 12  GLN n 
1 13  PHE n 
1 14  ASP n 
1 15  GLY n 
1 16  PRO n 
1 17  MET n 
1 18  SER n 
1 19  PHE n 
1 20  TYR n 
1 21  VAL n 
1 22  GLN n 
1 23  MET n 
1 24  GLU n 
1 25  SER n 
1 26  ASP n 
1 27  VAL n 
1 28  PRO n 
1 29  ALA n 
1 30  LEU n 
1 31  GLU n 
1 32  GLN n 
1 33  MET n 
1 34  THR n 
1 35  ASP n 
1 36  LYS n 
1 37  LEU n 
1 38  LEU n 
1 39  ASP n 
1 40  ALA n 
1 41  GLU n 
1 42  GLN n 
1 43  ASP n 
1 44  LEU n 
1 45  PRO n 
1 46  ALA n 
1 47  PHE n 
1 48  SER n 
1 49  ASP n 
1 50  LEU n 
1 51  LYS n 
1 52  GLU n 
1 53  GLY n 
1 54  ALA n 
1 55  LEU n 
1 56  CYS n 
1 57  VAL n 
1 58  ALA n 
1 59  GLN n 
1 60  PHE n 
1 61  PRO n 
1 62  GLU n 
1 63  ASP n 
1 64  GLU n 
1 65  VAL n 
1 66  PHE n 
1 67  TYR n 
1 68  ARG n 
1 69  ALA n 
1 70  GLN n 
1 71  ILE n 
1 72  ARG n 
1 73  LYS n 
1 74  VAL n 
1 75  LEU n 
1 76  ASP n 
1 77  ASP n 
1 78  GLY n 
1 79  LYS n 
1 80  CYS n 
1 81  GLU n 
1 82  VAL n 
1 83  HIS n 
1 84  PHE n 
1 85  ILE n 
1 86  ASP n 
1 87  PHE n 
1 88  GLY n 
1 89  ASN n 
1 90  ASN n 
1 91  ALA n 
1 92  VAL n 
1 93  THR n 
1 94  GLN n 
1 95  GLN n 
1 96  PHE n 
1 97  ARG n 
1 98  GLN n 
1 99  LEU n 
1 100 PRO n 
1 101 GLU n 
1 102 GLU n 
1 103 LEU n 
1 104 ALA n 
1 105 LYS n 
1 106 PRO n 
1 107 ALA n 
1 108 ARG n 
1 109 TYR n 
1 110 SER n 
1 111 ARG n 
1 112 HIS n 
1 113 CYS n 
1 114 GLU n 
1 115 LEU n 
1 116 ASP n 
1 117 ALA n 
1 118 SER n 
1 119 THR n 
1 120 ILE n 
1 121 SER n 
1 122 LYS n 
1 123 CYS n 
1 124 ASP n 
1 125 ALA n 
1 126 ALA n 
1 127 LEU n 
1 128 LEU n 
1 129 GLN n 
1 130 SER n 
1 131 PHE n 
1 132 ILE n 
1 133 ASP n 
1 134 THR n 
1 135 ARG n 
1 136 PHE n 
1 137 SER n 
1 138 GLU n 
1 139 THR n 
1 140 PHE n 
1 141 GLN n 
1 142 VAL n 
1 143 GLU n 
1 144 ILE n 
1 145 LEU n 
1 146 ALA n 
1 147 THR n 
1 148 LYS n 
1 149 GLY n 
1 150 THR n 
1 151 GLY n 
1 152 THR n 
1 153 HIS n 
1 154 VAL n 
1 155 VAL n 
1 156 ARG n 
1 157 LEU n 
1 158 PHE n 
1 159 TYR n 
1 160 GLN n 
1 161 SER n 
1 162 LYS n 
1 163 ASN n 
1 164 ILE n 
1 165 SER n 
1 166 GLU n 
1 167 LYS n 
1 168 LEU n 
1 169 GLN n 
1 170 GLU n 
1 171 CYS n 
1 172 GLN n 
2 1   ASN n 
2 2   PRO n 
2 3   VAL n 
2 4   ILE n 
2 5   ALA n 
2 6   ARG n 
2 7   GLY n 
2 8   ARG n 
2 9   GLY n 
2 10  2MR n 
2 11  GLY n 
2 12  ARG n 
2 13  LYS n 
# 
_entity_src_gen.entity_id                          1 
_entity_src_gen.pdbx_src_id                        1 
_entity_src_gen.pdbx_alt_source_flag               sample 
_entity_src_gen.pdbx_seq_type                      ? 
_entity_src_gen.pdbx_beg_seq_num                   ? 
_entity_src_gen.pdbx_end_seq_num                   ? 
_entity_src_gen.gene_src_common_name               'Fruit fly' 
_entity_src_gen.gene_src_genus                     ? 
_entity_src_gen.pdbx_gene_src_gene                 tud 
_entity_src_gen.gene_src_species                   ? 
_entity_src_gen.gene_src_strain                    ? 
_entity_src_gen.gene_src_tissue                    ? 
_entity_src_gen.gene_src_tissue_fraction           ? 
_entity_src_gen.gene_src_details                   ? 
_entity_src_gen.pdbx_gene_src_fragment             ? 
_entity_src_gen.pdbx_gene_src_scientific_name      'Drosophila melanogaster' 
_entity_src_gen.pdbx_gene_src_ncbi_taxonomy_id     7227 
_entity_src_gen.pdbx_gene_src_variant              ? 
_entity_src_gen.pdbx_gene_src_cell_line            ? 
_entity_src_gen.pdbx_gene_src_atcc                 ? 
_entity_src_gen.pdbx_gene_src_organ                ? 
_entity_src_gen.pdbx_gene_src_organelle            ? 
_entity_src_gen.pdbx_gene_src_cell                 ? 
_entity_src_gen.pdbx_gene_src_cellular_location    ? 
_entity_src_gen.host_org_common_name               ? 
_entity_src_gen.pdbx_host_org_scientific_name      'Escherichia coli' 
_entity_src_gen.pdbx_host_org_ncbi_taxonomy_id     562 
_entity_src_gen.host_org_genus                     ? 
_entity_src_gen.pdbx_host_org_gene                 ? 
_entity_src_gen.pdbx_host_org_organ                ? 
_entity_src_gen.host_org_species                   ? 
_entity_src_gen.pdbx_host_org_tissue               ? 
_entity_src_gen.pdbx_host_org_tissue_fraction      ? 
_entity_src_gen.pdbx_host_org_strain               Rosetta 
_entity_src_gen.pdbx_host_org_variant              ? 
_entity_src_gen.pdbx_host_org_cell_line            ? 
_entity_src_gen.pdbx_host_org_atcc                 ? 
_entity_src_gen.pdbx_host_org_culture_collection   ? 
_entity_src_gen.pdbx_host_org_cell                 ? 
_entity_src_gen.pdbx_host_org_organelle            ? 
_entity_src_gen.pdbx_host_org_cellular_location    ? 
_entity_src_gen.pdbx_host_org_vector_type          plasmid 
_entity_src_gen.pdbx_host_org_vector               ? 
_entity_src_gen.host_org_details                   ? 
_entity_src_gen.expression_system_id               ? 
_entity_src_gen.plasmid_name                       pET-Smt3 
_entity_src_gen.plasmid_details                    ? 
_entity_src_gen.pdbx_description                   ? 
# 
_pdbx_entity_src_syn.entity_id              2 
_pdbx_entity_src_syn.pdbx_src_id            1 
_pdbx_entity_src_syn.pdbx_alt_source_flag   sample 
_pdbx_entity_src_syn.pdbx_beg_seq_num       ? 
_pdbx_entity_src_syn.pdbx_end_seq_num       ? 
_pdbx_entity_src_syn.organism_scientific    'Drosophila melanogaster' 
_pdbx_entity_src_syn.organism_common_name   'Fruit fly' 
_pdbx_entity_src_syn.ncbi_taxonomy_id       7227 
_pdbx_entity_src_syn.details                'This sequence occurs naturally in drosophila.' 
# 
loop_
_chem_comp.id 
_chem_comp.type 
_chem_comp.mon_nstd_flag 
_chem_comp.name 
_chem_comp.pdbx_synonyms 
_chem_comp.formula 
_chem_comp.formula_weight 
2MR 'L-peptide linking' n 'N3, N4-DIMETHYLARGININE' ? 'C8 H18 N4 O2'   202.254 
ALA 'L-peptide linking' y ALANINE                   ? 'C3 H7 N O2'     89.093  
ARG 'L-peptide linking' y ARGININE                  ? 'C6 H15 N4 O2 1' 175.209 
ASN 'L-peptide linking' y ASPARAGINE                ? 'C4 H8 N2 O3'    132.118 
ASP 'L-peptide linking' y 'ASPARTIC ACID'           ? 'C4 H7 N O4'     133.103 
CYS 'L-peptide linking' y CYSTEINE                  ? 'C3 H7 N O2 S'   121.158 
GLN 'L-peptide linking' y GLUTAMINE                 ? 'C5 H10 N2 O3'   146.144 
GLU 'L-peptide linking' y 'GLUTAMIC ACID'           ? 'C5 H9 N O4'     147.129 
GLY 'peptide linking'   y GLYCINE                   ? 'C2 H5 N O2'     75.067  
HIS 'L-peptide linking' y HISTIDINE                 ? 'C6 H10 N3 O2 1' 156.162 
HOH non-polymer         . WATER                     ? 'H2 O'           18.015  
ILE 'L-peptide linking' y ISOLEUCINE                ? 'C6 H13 N O2'    131.173 
LEU 'L-peptide linking' y LEUCINE                   ? 'C6 H13 N O2'    131.173 
LYS 'L-peptide linking' y LYSINE                    ? 'C6 H15 N2 O2 1' 147.195 
MET 'L-peptide linking' y METHIONINE                ? 'C5 H11 N O2 S'  149.211 
PHE 'L-peptide linking' y PHENYLALANINE             ? 'C9 H11 N O2'    165.189 
PRO 'L-peptide linking' y PROLINE                   ? 'C5 H9 N O2'     115.130 
SER 'L-peptide linking' y SERINE                    ? 'C3 H7 N O3'     105.093 
THR 'L-peptide linking' y THREONINE                 ? 'C4 H9 N O3'     119.119 
TYR 'L-peptide linking' y TYROSINE                  ? 'C9 H11 N O3'    181.189 
VAL 'L-peptide linking' y VALINE                    ? 'C5 H11 N O2'    117.146 
# 
loop_
_pdbx_poly_seq_scheme.asym_id 
_pdbx_poly_seq_scheme.entity_id 
_pdbx_poly_seq_scheme.seq_id 
_pdbx_poly_seq_scheme.mon_id 
_pdbx_poly_seq_scheme.ndb_seq_num 
_pdbx_poly_seq_scheme.pdb_seq_num 
_pdbx_poly_seq_scheme.auth_seq_num 
_pdbx_poly_seq_scheme.pdb_mon_id 
_pdbx_poly_seq_scheme.auth_mon_id 
_pdbx_poly_seq_scheme.pdb_strand_id 
_pdbx_poly_seq_scheme.pdb_ins_code 
_pdbx_poly_seq_scheme.hetero 
A 1 1   LEU 1   2344 ?    ?   ?   A . n 
A 1 2   GLU 2   2345 ?    ?   ?   A . n 
A 1 3   ALA 3   2346 ?    ?   ?   A . n 
A 1 4   GLU 4   2347 2347 GLU GLU A . n 
A 1 5   LEU 5   2348 2348 LEU LEU A . n 
A 1 6   HIS 6   2349 2349 HIS HIS A . n 
A 1 7   ASN 7   2350 2350 ASN ASN A . n 
A 1 8   CYS 8   2351 2351 CYS CYS A . n 
A 1 9   VAL 9   2352 2352 VAL VAL A . n 
A 1 10  VAL 10  2353 2353 VAL VAL A . n 
A 1 11  VAL 11  2354 2354 VAL VAL A . n 
A 1 12  GLN 12  2355 2355 GLN GLN A . n 
A 1 13  PHE 13  2356 2356 PHE PHE A . n 
A 1 14  ASP 14  2357 2357 ASP ASP A . n 
A 1 15  GLY 15  2358 2358 GLY GLY A . n 
A 1 16  PRO 16  2359 2359 PRO PRO A . n 
A 1 17  MET 17  2360 2360 MET MET A . n 
A 1 18  SER 18  2361 2361 SER SER A . n 
A 1 19  PHE 19  2362 2362 PHE PHE A . n 
A 1 20  TYR 20  2363 2363 TYR TYR A . n 
A 1 21  VAL 21  2364 2364 VAL VAL A . n 
A 1 22  GLN 22  2365 2365 GLN GLN A . n 
A 1 23  MET 23  2366 2366 MET MET A . n 
A 1 24  GLU 24  2367 2367 GLU GLU A . n 
A 1 25  SER 25  2368 2368 SER SER A . n 
A 1 26  ASP 26  2369 2369 ASP ASP A . n 
A 1 27  VAL 27  2370 2370 VAL VAL A . n 
A 1 28  PRO 28  2371 2371 PRO PRO A . n 
A 1 29  ALA 29  2372 2372 ALA ALA A . n 
A 1 30  LEU 30  2373 2373 LEU LEU A . n 
A 1 31  GLU 31  2374 2374 GLU GLU A . n 
A 1 32  GLN 32  2375 2375 GLN GLN A . n 
A 1 33  MET 33  2376 2376 MET MET A . n 
A 1 34  THR 34  2377 2377 THR THR A . n 
A 1 35  ASP 35  2378 2378 ASP ASP A . n 
A 1 36  LYS 36  2379 2379 LYS LYS A . n 
A 1 37  LEU 37  2380 2380 LEU LEU A . n 
A 1 38  LEU 38  2381 2381 LEU LEU A . n 
A 1 39  ASP 39  2382 2382 ASP ASP A . n 
A 1 40  ALA 40  2383 2383 ALA ALA A . n 
A 1 41  GLU 41  2384 2384 GLU GLU A . n 
A 1 42  GLN 42  2385 2385 GLN GLN A . n 
A 1 43  ASP 43  2386 2386 ASP ASP A . n 
A 1 44  LEU 44  2387 2387 LEU LEU A . n 
A 1 45  PRO 45  2388 2388 PRO PRO A . n 
A 1 46  ALA 46  2389 2389 ALA ALA A . n 
A 1 47  PHE 47  2390 2390 PHE PHE A . n 
A 1 48  SER 48  2391 2391 SER SER A . n 
A 1 49  ASP 49  2392 2392 ASP ASP A . n 
A 1 50  LEU 50  2393 2393 LEU LEU A . n 
A 1 51  LYS 51  2394 2394 LYS LYS A . n 
A 1 52  GLU 52  2395 2395 GLU GLU A . n 
A 1 53  GLY 53  2396 2396 GLY GLY A . n 
A 1 54  ALA 54  2397 2397 ALA ALA A . n 
A 1 55  LEU 55  2398 2398 LEU LEU A . n 
A 1 56  CYS 56  2399 2399 CYS CYS A . n 
A 1 57  VAL 57  2400 2400 VAL VAL A . n 
A 1 58  ALA 58  2401 2401 ALA ALA A . n 
A 1 59  GLN 59  2402 2402 GLN GLN A . n 
A 1 60  PHE 60  2403 2403 PHE PHE A . n 
A 1 61  PRO 61  2404 2404 PRO PRO A . n 
A 1 62  GLU 62  2405 2405 GLU GLU A . n 
A 1 63  ASP 63  2406 2406 ASP ASP A . n 
A 1 64  GLU 64  2407 2407 GLU GLU A . n 
A 1 65  VAL 65  2408 2408 VAL VAL A . n 
A 1 66  PHE 66  2409 2409 PHE PHE A . n 
A 1 67  TYR 67  2410 2410 TYR TYR A . n 
A 1 68  ARG 68  2411 2411 ARG ARG A . n 
A 1 69  ALA 69  2412 2412 ALA ALA A . n 
A 1 70  GLN 70  2413 2413 GLN GLN A . n 
A 1 71  ILE 71  2414 2414 ILE ILE A . n 
A 1 72  ARG 72  2415 2415 ARG ARG A . n 
A 1 73  LYS 73  2416 2416 LYS LYS A . n 
A 1 74  VAL 74  2417 2417 VAL VAL A . n 
A 1 75  LEU 75  2418 2418 LEU LEU A . n 
A 1 76  ASP 76  2419 2419 ASP ASP A . n 
A 1 77  ASP 77  2420 2420 ASP ASP A . n 
A 1 78  GLY 78  2421 2421 GLY GLY A . n 
A 1 79  LYS 79  2422 2422 LYS LYS A . n 
A 1 80  CYS 80  2423 2423 CYS CYS A . n 
A 1 81  GLU 81  2424 2424 GLU GLU A . n 
A 1 82  VAL 82  2425 2425 VAL VAL A . n 
A 1 83  HIS 83  2426 2426 HIS HIS A . n 
A 1 84  PHE 84  2427 2427 PHE PHE A . n 
A 1 85  ILE 85  2428 2428 ILE ILE A . n 
A 1 86  ASP 86  2429 2429 ASP ASP A . n 
A 1 87  PHE 87  2430 2430 PHE PHE A . n 
A 1 88  GLY 88  2431 2431 GLY GLY A . n 
A 1 89  ASN 89  2432 2432 ASN ASN A . n 
A 1 90  ASN 90  2433 2433 ASN ASN A . n 
A 1 91  ALA 91  2434 2434 ALA ALA A . n 
A 1 92  VAL 92  2435 2435 VAL VAL A . n 
A 1 93  THR 93  2436 2436 THR THR A . n 
A 1 94  GLN 94  2437 2437 GLN GLN A . n 
A 1 95  GLN 95  2438 2438 GLN GLN A . n 
A 1 96  PHE 96  2439 2439 PHE PHE A . n 
A 1 97  ARG 97  2440 2440 ARG ARG A . n 
A 1 98  GLN 98  2441 2441 GLN GLN A . n 
A 1 99  LEU 99  2442 2442 LEU LEU A . n 
A 1 100 PRO 100 2443 2443 PRO PRO A . n 
A 1 101 GLU 101 2444 2444 GLU GLU A . n 
A 1 102 GLU 102 2445 2445 GLU GLU A . n 
A 1 103 LEU 103 2446 2446 LEU LEU A . n 
A 1 104 ALA 104 2447 2447 ALA ALA A . n 
A 1 105 LYS 105 2448 2448 LYS LYS A . n 
A 1 106 PRO 106 2449 2449 PRO PRO A . n 
A 1 107 ALA 107 2450 2450 ALA ALA A . n 
A 1 108 ARG 108 2451 2451 ARG ARG A . n 
A 1 109 TYR 109 2452 2452 TYR TYR A . n 
A 1 110 SER 110 2453 2453 SER SER A . n 
A 1 111 ARG 111 2454 2454 ARG ARG A . n 
A 1 112 HIS 112 2455 2455 HIS HIS A . n 
A 1 113 CYS 113 2456 2456 CYS CYS A . n 
A 1 114 GLU 114 2457 2457 GLU GLU A . n 
A 1 115 LEU 115 2458 2458 LEU LEU A . n 
A 1 116 ASP 116 2459 2459 ASP ASP A . n 
A 1 117 ALA 117 2460 2460 ALA ALA A . n 
A 1 118 SER 118 2461 2461 SER SER A . n 
A 1 119 THR 119 2462 2462 THR THR A . n 
A 1 120 ILE 120 2463 2463 ILE ILE A . n 
A 1 121 SER 121 2464 2464 SER SER A . n 
A 1 122 LYS 122 2465 ?    ?   ?   A . n 
A 1 123 CYS 123 2466 ?    ?   ?   A . n 
A 1 124 ASP 124 2467 ?    ?   ?   A . n 
A 1 125 ALA 125 2468 2468 ALA ALA A . n 
A 1 126 ALA 126 2469 2469 ALA ALA A . n 
A 1 127 LEU 127 2470 2470 LEU LEU A . n 
A 1 128 LEU 128 2471 2471 LEU LEU A . n 
A 1 129 GLN 129 2472 2472 GLN GLN A . n 
A 1 130 SER 130 2473 2473 SER SER A . n 
A 1 131 PHE 131 2474 2474 PHE PHE A . n 
A 1 132 ILE 132 2475 2475 ILE ILE A . n 
A 1 133 ASP 133 2476 2476 ASP ASP A . n 
A 1 134 THR 134 2477 2477 THR THR A . n 
A 1 135 ARG 135 2478 2478 ARG ARG A . n 
A 1 136 PHE 136 2479 2479 PHE PHE A . n 
A 1 137 SER 137 2480 2480 SER SER A . n 
A 1 138 GLU 138 2481 2481 GLU GLU A . n 
A 1 139 THR 139 2482 2482 THR THR A . n 
A 1 140 PHE 140 2483 2483 PHE PHE A . n 
A 1 141 GLN 141 2484 2484 GLN GLN A . n 
A 1 142 VAL 142 2485 2485 VAL VAL A . n 
A 1 143 GLU 143 2486 2486 GLU GLU A . n 
A 1 144 ILE 144 2487 2487 ILE ILE A . n 
A 1 145 LEU 145 2488 2488 LEU LEU A . n 
A 1 146 ALA 146 2489 2489 ALA ALA A . n 
A 1 147 THR 147 2490 2490 THR THR A . n 
A 1 148 LYS 148 2491 2491 LYS LYS A . n 
A 1 149 GLY 149 2492 2492 GLY GLY A . n 
A 1 150 THR 150 2493 2493 THR THR A . n 
A 1 151 GLY 151 2494 2494 GLY GLY A . n 
A 1 152 THR 152 2495 2495 THR THR A . n 
A 1 153 HIS 153 2496 2496 HIS HIS A . n 
A 1 154 VAL 154 2497 2497 VAL VAL A . n 
A 1 155 VAL 155 2498 2498 VAL VAL A . n 
A 1 156 ARG 156 2499 2499 ARG ARG A . n 
A 1 157 LEU 157 2500 2500 LEU LEU A . n 
A 1 158 PHE 158 2501 2501 PHE PHE A . n 
A 1 159 TYR 159 2502 2502 TYR TYR A . n 
A 1 160 GLN 160 2503 2503 GLN GLN A . n 
A 1 161 SER 161 2504 2504 SER SER A . n 
A 1 162 LYS 162 2505 2505 LYS LYS A . n 
A 1 163 ASN 163 2506 2506 ASN ASN A . n 
A 1 164 ILE 164 2507 2507 ILE ILE A . n 
A 1 165 SER 165 2508 2508 SER SER A . n 
A 1 166 GLU 166 2509 2509 GLU GLU A . n 
A 1 167 LYS 167 2510 2510 LYS LYS A . n 
A 1 168 LEU 168 2511 2511 LEU LEU A . n 
A 1 169 GLN 169 2512 2512 GLN GLN A . n 
A 1 170 GLU 170 2513 ?    ?   ?   A . n 
A 1 171 CYS 171 2514 ?    ?   ?   A . n 
A 1 172 GLN 172 2515 ?    ?   ?   A . n 
B 2 1   ASN 1   6    ?    ?   ?   C . n 
B 2 2   PRO 2   7    ?    ?   ?   C . n 
B 2 3   VAL 3   8    ?    ?   ?   C . n 
B 2 4   ILE 4   9    ?    ?   ?   C . n 
B 2 5   ALA 5   10   ?    ?   ?   C . n 
B 2 6   ARG 6   11   11   ARG ARG C . n 
B 2 7   GLY 7   12   12   GLY GLY C . n 
B 2 8   ARG 8   13   13   ARG ARG C . n 
B 2 9   GLY 9   14   14   GLY GLY C . n 
B 2 10  2MR 10  15   15   2MR 2MR C . n 
B 2 11  GLY 11  16   16   GLY GLY C . n 
B 2 12  ARG 12  17   17   ARG ARG C . n 
B 2 13  LYS 13  18   ?    ?   ?   C . n 
# 
loop_
_pdbx_nonpoly_scheme.asym_id 
_pdbx_nonpoly_scheme.entity_id 
_pdbx_nonpoly_scheme.mon_id 
_pdbx_nonpoly_scheme.ndb_seq_num 
_pdbx_nonpoly_scheme.pdb_seq_num 
_pdbx_nonpoly_scheme.auth_seq_num 
_pdbx_nonpoly_scheme.pdb_mon_id 
_pdbx_nonpoly_scheme.auth_mon_id 
_pdbx_nonpoly_scheme.pdb_strand_id 
_pdbx_nonpoly_scheme.pdb_ins_code 
C 3 HOH 1  1  1  HOH HOH A . 
C 3 HOH 2  2  2  HOH HOH A . 
C 3 HOH 3  3  3  HOH HOH A . 
C 3 HOH 4  4  4  HOH HOH A . 
C 3 HOH 5  5  5  HOH HOH A . 
C 3 HOH 6  6  6  HOH HOH A . 
C 3 HOH 7  7  7  HOH HOH A . 
C 3 HOH 8  8  8  HOH HOH A . 
C 3 HOH 9  9  9  HOH HOH A . 
C 3 HOH 10 10 10 HOH HOH A . 
C 3 HOH 11 11 11 HOH HOH A . 
C 3 HOH 12 12 12 HOH HOH A . 
C 3 HOH 13 13 13 HOH HOH A . 
C 3 HOH 14 14 14 HOH HOH A . 
C 3 HOH 15 15 15 HOH HOH A . 
C 3 HOH 16 16 16 HOH HOH A . 
C 3 HOH 17 17 17 HOH HOH A . 
C 3 HOH 18 18 18 HOH HOH A . 
# 
loop_
_pdbx_unobs_or_zero_occ_atoms.id 
_pdbx_unobs_or_zero_occ_atoms.PDB_model_num 
_pdbx_unobs_or_zero_occ_atoms.polymer_flag 
_pdbx_unobs_or_zero_occ_atoms.occupancy_flag 
_pdbx_unobs_or_zero_occ_atoms.auth_asym_id 
_pdbx_unobs_or_zero_occ_atoms.auth_comp_id 
_pdbx_unobs_or_zero_occ_atoms.auth_seq_id 
_pdbx_unobs_or_zero_occ_atoms.PDB_ins_code 
_pdbx_unobs_or_zero_occ_atoms.auth_atom_id 
_pdbx_unobs_or_zero_occ_atoms.label_alt_id 
_pdbx_unobs_or_zero_occ_atoms.label_asym_id 
_pdbx_unobs_or_zero_occ_atoms.label_comp_id 
_pdbx_unobs_or_zero_occ_atoms.label_seq_id 
_pdbx_unobs_or_zero_occ_atoms.label_atom_id 
1  1 Y 1 A SER 2464 ? OG  ? A SER 121 OG  
2  1 Y 1 A LEU 2470 ? CG  ? A LEU 127 CG  
3  1 Y 1 A LEU 2470 ? CD1 ? A LEU 127 CD1 
4  1 Y 1 A LEU 2470 ? CD2 ? A LEU 127 CD2 
5  1 Y 1 A LYS 2505 ? CG  ? A LYS 162 CG  
6  1 Y 1 A LYS 2505 ? CD  ? A LYS 162 CD  
7  1 Y 1 A LYS 2505 ? CE  ? A LYS 162 CE  
8  1 Y 1 A LYS 2505 ? NZ  ? A LYS 162 NZ  
9  1 Y 1 A LYS 2510 ? CG  ? A LYS 167 CG  
10 1 Y 1 A LYS 2510 ? CD  ? A LYS 167 CD  
11 1 Y 1 A LYS 2510 ? CE  ? A LYS 167 CE  
12 1 Y 1 A LYS 2510 ? NZ  ? A LYS 167 NZ  
13 1 Y 1 C ARG 17   ? CG  ? B ARG 12  CG  
14 1 Y 1 C ARG 17   ? CD  ? B ARG 12  CD  
15 1 Y 1 C ARG 17   ? NE  ? B ARG 12  NE  
16 1 Y 1 C ARG 17   ? CZ  ? B ARG 12  CZ  
17 1 Y 1 C ARG 17   ? NH1 ? B ARG 12  NH1 
18 1 Y 1 C ARG 17   ? NH2 ? B ARG 12  NH2 
# 
loop_
_software.pdbx_ordinal 
_software.name 
_software.version 
_software.date 
_software.type 
_software.contact_author 
_software.contact_author_email 
_software.classification 
_software.location 
_software.language 
_software.citation_id 
1 CNS         .    ?               package 'Axel T. Brunger' axel.brunger@yale.edu    refinement        http://cns-online.org/ 
Fortran_77 ? 
2 PDB_EXTRACT 3.10 'June 10, 2010' package PDB               deposit@deposit.rcsb.org 'data extraction' 
http://sw-tools.pdb.org/apps/PDB_EXTRACT/ C++        ? 
3 HKL-2000    .    ?               ?       ?                 ?                        'data collection' ? ?          ? 
4 HKL-2000    .    ?               ?       ?                 ?                        'data reduction'  ? ?          ? 
5 HKL-2000    .    ?               ?       ?                 ?                        'data scaling'    ? ?          ? 
6 PHASER      .    ?               ?       ?                 ?                        phasing           ? ?          ? 
# 
_cell.entry_id           3NTI 
_cell.length_a           48.790 
_cell.length_b           48.790 
_cell.length_c           152.159 
_cell.angle_alpha        90.00 
_cell.angle_beta         90.00 
_cell.angle_gamma        90.00 
_cell.Z_PDB              8 
_cell.pdbx_unique_axis   ? 
_cell.length_a_esd       ? 
_cell.length_b_esd       ? 
_cell.length_c_esd       ? 
_cell.angle_alpha_esd    ? 
_cell.angle_beta_esd     ? 
_cell.angle_gamma_esd    ? 
# 
_symmetry.entry_id                         3NTI 
_symmetry.space_group_name_H-M             'P 43 21 2' 
_symmetry.pdbx_full_space_group_name_H-M   ? 
_symmetry.cell_setting                     ? 
_symmetry.Int_Tables_number                96 
_symmetry.space_group_name_Hall            ? 
# 
_exptl.crystals_number   1 
_exptl.entry_id          3NTI 
_exptl.method            'X-RAY DIFFRACTION' 
# 
_exptl_crystal.id                    1 
_exptl_crystal.pdbx_mosaicity        ? 
_exptl_crystal.pdbx_mosaicity_esd    ? 
_exptl_crystal.density_Matthews      2.16 
_exptl_crystal.density_diffrn        ? 
_exptl_crystal.density_meas          ? 
_exptl_crystal.density_meas_temp     ? 
_exptl_crystal.density_percent_sol   42.94 
_exptl_crystal.size_max              ? 
_exptl_crystal.size_mid              ? 
_exptl_crystal.size_min              ? 
_exptl_crystal.size_rad              ? 
_exptl_crystal.description           ? 
_exptl_crystal.F_000                 ? 
_exptl_crystal.preparation           ? 
# 
_exptl_crystal_grow.crystal_id      1 
_exptl_crystal_grow.method          'VAPOR DIFFUSION, HANGING DROP' 
_exptl_crystal_grow.pH              6.0 
_exptl_crystal_grow.temp            289 
_exptl_crystal_grow.temp_details    ? 
_exptl_crystal_grow.pdbx_details    
;30% PEG8000, 0.2M sodium acetate trihytrate, 0.1M sodium cacodylate trihydrate, pH 6.0, VAPOR DIFFUSION, HANGING DROP, temperature 289K
;
_exptl_crystal_grow.pdbx_pH_range   . 
# 
_diffrn.id                     1 
_diffrn.ambient_temp           100 
_diffrn.ambient_temp_details   ? 
_diffrn.crystal_id             1 
# 
_diffrn_detector.diffrn_id              1 
_diffrn_detector.detector               CCD 
_diffrn_detector.type                   'MARMOSAIC 225 mm CCD' 
_diffrn_detector.pdbx_collection_date   2010-03-11 
_diffrn_detector.details                ? 
# 
_diffrn_radiation.diffrn_id                        1 
_diffrn_radiation.wavelength_id                    1 
_diffrn_radiation.pdbx_diffrn_protocol             'SINGLE WAVELENGTH' 
_diffrn_radiation.monochromator                    ? 
_diffrn_radiation.pdbx_monochromatic_or_laue_m_l   M 
_diffrn_radiation.pdbx_scattering_type             x-ray 
# 
_diffrn_radiation_wavelength.id           1 
_diffrn_radiation_wavelength.wavelength   0.9793 
_diffrn_radiation_wavelength.wt           1.0 
# 
_diffrn_source.diffrn_id                   1 
_diffrn_source.source                      SYNCHROTRON 
_diffrn_source.type                        'SSRF BEAMLINE BL17U' 
_diffrn_source.pdbx_wavelength             ? 
_diffrn_source.pdbx_wavelength_list        0.9793 
_diffrn_source.pdbx_synchrotron_site       SSRF 
_diffrn_source.pdbx_synchrotron_beamline   BL17U 
# 
_reflns.entry_id                     3NTI 
_reflns.observed_criterion_sigma_F   ? 
_reflns.observed_criterion_sigma_I   ? 
_reflns.d_resolution_high            2.8 
_reflns.d_resolution_low             50 
_reflns.number_all                   ? 
_reflns.number_obs                   5026 
_reflns.percent_possible_obs         99.9 
_reflns.pdbx_Rmerge_I_obs            0.062 
_reflns.pdbx_Rsym_value              ? 
_reflns.pdbx_netI_over_sigmaI        ? 
_reflns.B_iso_Wilson_estimate        ? 
_reflns.pdbx_redundancy              5.4 
_reflns.R_free_details               ? 
_reflns.limit_h_max                  ? 
_reflns.limit_h_min                  ? 
_reflns.limit_k_max                  ? 
_reflns.limit_k_min                  ? 
_reflns.limit_l_max                  ? 
_reflns.limit_l_min                  ? 
_reflns.observed_criterion_F_max     ? 
_reflns.observed_criterion_F_min     ? 
_reflns.pdbx_chi_squared             ? 
_reflns.pdbx_scaling_rejects         ? 
_reflns.pdbx_diffrn_id               1 
_reflns.pdbx_ordinal                 1 
# 
_reflns_shell.d_res_high                  2.8 
_reflns_shell.d_res_low                   2.9 
_reflns_shell.percent_possible_obs        ? 
_reflns_shell.percent_possible_all        100 
_reflns_shell.Rmerge_I_obs                0.326 
_reflns_shell.meanI_over_sigI_obs         4.0 
_reflns_shell.pdbx_Rsym_value             ? 
_reflns_shell.pdbx_redundancy             5.5 
_reflns_shell.number_unique_all           484 
_reflns_shell.number_measured_all         ? 
_reflns_shell.number_measured_obs         ? 
_reflns_shell.number_unique_obs           ? 
_reflns_shell.pdbx_chi_squared            ? 
_reflns_shell.pdbx_rejects                ? 
_reflns_shell.pdbx_netI_over_sigmaI_obs   ? 
_reflns_shell.number_possible             ? 
_reflns_shell.Rmerge_F_all                ? 
_reflns_shell.Rmerge_F_obs                ? 
_reflns_shell.Rmerge_I_all                ? 
_reflns_shell.meanI_over_sigI_all         ? 
_reflns_shell.pdbx_Rrim_I_all             ? 
_reflns_shell.pdbx_Rpim_I_all             ? 
_reflns_shell.pdbx_diffrn_id              ? 
_reflns_shell.pdbx_ordinal                1 
# 
_refine.entry_id                                 3NTI 
_refine.ls_d_res_high                            2.8000 
_refine.ls_d_res_low                             50.0000 
_refine.pdbx_ls_sigma_F                          0.000 
_refine.pdbx_data_cutoff_high_absF               ? 
_refine.pdbx_data_cutoff_low_absF                ? 
_refine.ls_percent_reflns_obs                    99.7000 
_refine.ls_number_reflns_obs                     4979 
_refine.ls_number_reflns_all                     ? 
_refine.pdbx_ls_cross_valid_method               ? 
_refine.pdbx_R_Free_selection_details            ? 
_refine.details                                  ? 
_refine.ls_R_factor_all                          ? 
_refine.ls_R_factor_obs                          ? 
_refine.ls_R_factor_R_work                       0.2386 
_refine.ls_wR_factor_R_work                      ? 
_refine.ls_R_factor_R_free                       0.2761 
_refine.ls_wR_factor_R_free                      ? 
_refine.ls_percent_reflns_R_free                 10.4000 
_refine.ls_number_reflns_R_free                  517 
_refine.ls_R_factor_R_free_error                 ? 
_refine.B_iso_mean                               69.2995 
_refine.solvent_model_param_bsol                 48.3909 
_refine.solvent_model_param_ksol                 ? 
_refine.pdbx_isotropic_thermal_model             ? 
_refine.aniso_B[1][1]                            5.8980 
_refine.aniso_B[2][2]                            5.8980 
_refine.aniso_B[3][3]                            -11.7970 
_refine.aniso_B[1][2]                            0.0000 
_refine.aniso_B[1][3]                            0.0000 
_refine.aniso_B[2][3]                            0.0000 
_refine.correlation_coeff_Fo_to_Fc               ? 
_refine.correlation_coeff_Fo_to_Fc_free          ? 
_refine.overall_SU_R_Cruickshank_DPI             ? 
_refine.overall_SU_R_free                        ? 
_refine.pdbx_overall_ESU_R_Free                  ? 
_refine.overall_SU_ML                            ? 
_refine.overall_SU_B                             ? 
_refine.solvent_model_details                    ? 
_refine.pdbx_solvent_vdw_probe_radii             ? 
_refine.pdbx_solvent_ion_probe_radii             ? 
_refine.pdbx_solvent_shrinkage_radii             ? 
_refine.ls_number_parameters                     ? 
_refine.ls_number_restraints                     ? 
_refine.pdbx_starting_model                      3NTK 
_refine.pdbx_method_to_determine_struct          'MOLECULAR REPLACEMENT' 
_refine.pdbx_stereochemistry_target_values       ? 
_refine.pdbx_stereochem_target_val_spec_case     ? 
_refine.overall_FOM_work_R_set                   0.8147 
_refine.B_iso_max                                100.000 
_refine.B_iso_min                                38.220 
_refine.occupancy_max                            1.000 
_refine.occupancy_min                            1.000 
_refine.pdbx_ls_sigma_I                          ? 
_refine.ls_redundancy_reflns_obs                 ? 
_refine.ls_R_factor_R_free_error_details         ? 
_refine.pdbx_data_cutoff_high_rms_absF           ? 
_refine.overall_FOM_free_R_set                   ? 
_refine.pdbx_refine_id                           'X-RAY DIFFRACTION' 
_refine.pdbx_overall_phase_error                 ? 
_refine.pdbx_overall_ESU_R                       ? 
_refine.pdbx_diffrn_id                           1 
_refine.pdbx_TLS_residual_ADP_flag               ? 
_refine.pdbx_overall_SU_R_free_Cruickshank_DPI   ? 
_refine.pdbx_overall_SU_R_Blow_DPI               ? 
_refine.pdbx_overall_SU_R_free_Blow_DPI          ? 
# 
_refine_hist.pdbx_refine_id                   'X-RAY DIFFRACTION' 
_refine_hist.cycle_id                         LAST 
_refine_hist.pdbx_number_atoms_protein        1342 
_refine_hist.pdbx_number_atoms_nucleic_acid   0 
_refine_hist.pdbx_number_atoms_ligand         0 
_refine_hist.number_atoms_solvent             18 
_refine_hist.number_atoms_total               1360 
_refine_hist.d_res_high                       2.8000 
_refine_hist.d_res_low                        50.0000 
# 
loop_
_refine_ls_restr.type 
_refine_ls_restr.number 
_refine_ls_restr.dev_ideal 
_refine_ls_restr.dev_ideal_target 
_refine_ls_restr.weight 
_refine_ls_restr.pdbx_refine_id 
_refine_ls_restr.pdbx_restraint_function 
c_bond_d    ? 0.008 1.500 ? 'X-RAY DIFFRACTION' ? 
c_angle_deg ? 1.58  2.000 ? 'X-RAY DIFFRACTION' ? 
# 
loop_
_refine_ls_shell.d_res_high 
_refine_ls_shell.d_res_low 
_refine_ls_shell.pdbx_total_number_of_bins_used 
_refine_ls_shell.percent_reflns_obs 
_refine_ls_shell.number_reflns_R_work 
_refine_ls_shell.R_factor_all 
_refine_ls_shell.R_factor_R_work 
_refine_ls_shell.R_factor_R_free 
_refine_ls_shell.percent_reflns_R_free 
_refine_ls_shell.number_reflns_R_free 
_refine_ls_shell.R_factor_R_free_error 
_refine_ls_shell.number_reflns_all 
_refine_ls_shell.number_reflns_obs 
_refine_ls_shell.pdbx_refine_id 
_refine_ls_shell.redundancy_reflns_obs 
2.8000 2.9000  10 . 430 . 0.3124 0.3492 . 40 . 470 . 'X-RAY DIFFRACTION' . 
2.9000 3.0200  10 . 431 . 0.2796 0.3346 . 56 . 487 . 'X-RAY DIFFRACTION' . 
3.0200 3.1500  10 . 414 . 0.2959 0.3580 . 59 . 473 . 'X-RAY DIFFRACTION' . 
3.1500 3.3200  10 . 439 . 0.2563 0.3562 . 47 . 486 . 'X-RAY DIFFRACTION' . 
3.3200 3.5300  10 . 442 . 0.2468 0.2851 . 47 . 489 . 'X-RAY DIFFRACTION' . 
3.5300 3.8000  10 . 446 . 0.2368 0.2898 . 52 . 498 . 'X-RAY DIFFRACTION' . 
3.8000 4.1800  10 . 436 . 0.2305 0.2477 . 52 . 488 . 'X-RAY DIFFRACTION' . 
4.1800 4.7900  10 . 442 . 0.1737 0.2210 . 62 . 504 . 'X-RAY DIFFRACTION' . 
4.7900 6.0300  10 . 466 . 0.2067 0.2535 . 52 . 518 . 'X-RAY DIFFRACTION' . 
6.0300 50.0000 10 . 516 . 0.2366 0.2975 . 50 . 566 . 'X-RAY DIFFRACTION' . 
# 
loop_
_pdbx_xplor_file.pdbx_refine_id 
_pdbx_xplor_file.serial_no 
_pdbx_xplor_file.param_file 
_pdbx_xplor_file.topol_file 
'X-RAY DIFFRACTION' 1 protein_rep_sa2.param ? 
'X-RAY DIFFRACTION' 2 water_rep.param       ? 
# 
_struct.entry_id                  3NTI 
_struct.title                     'Crystal structure of Tudor and Aubergine [R15(me2s)] complex' 
_struct.pdbx_model_details        ? 
_struct.pdbx_CASP_flag            ? 
_struct.pdbx_model_type_details   ? 
# 
_struct_keywords.entry_id        3NTI 
_struct_keywords.pdbx_keywords   TRANSCRIPTION 
_struct_keywords.text            'Tudor domain, OB-fold, germ cell formation, TRANSCRIPTION' 
# 
loop_
_struct_asym.id 
_struct_asym.pdbx_blank_PDB_chainid_flag 
_struct_asym.pdbx_modified 
_struct_asym.entity_id 
_struct_asym.details 
A N N 1 ? 
B N N 2 ? 
C N N 3 ? 
# 
loop_
_struct_ref.id 
_struct_ref.db_name 
_struct_ref.db_code 
_struct_ref.pdbx_db_accession 
_struct_ref.entity_id 
_struct_ref.pdbx_seq_one_letter_code 
_struct_ref.pdbx_align_begin 
_struct_ref.pdbx_db_isoform 
1 UNP TUD_DROME    P25823 1 
;LEAELHNCVVVQFDGPMSFYVQMESDVPALEQMTDKLLDAEQDLPAFSDLKEGALCVAQFPEDEVFYRAQIRKVLDDGKC
EVHFIDFGNNAVTQQFRQLPEELAKPARYSRHCELDASTISKCDAALLQSFIDTRFSETFQVEILATKGTGTHVVRLFYQ
SKNISEKLQECQ
;
2344 ? 
2 UNP O76922_DROME O76922 2 NPVIARGRGRGRK 6    ? 
# 
loop_
_struct_ref_seq.align_id 
_struct_ref_seq.ref_id 
_struct_ref_seq.pdbx_PDB_id_code 
_struct_ref_seq.pdbx_strand_id 
_struct_ref_seq.seq_align_beg 
_struct_ref_seq.pdbx_seq_align_beg_ins_code 
_struct_ref_seq.seq_align_end 
_struct_ref_seq.pdbx_seq_align_end_ins_code 
_struct_ref_seq.pdbx_db_accession 
_struct_ref_seq.db_align_beg 
_struct_ref_seq.pdbx_db_align_beg_ins_code 
_struct_ref_seq.db_align_end 
_struct_ref_seq.pdbx_db_align_end_ins_code 
_struct_ref_seq.pdbx_auth_seq_align_beg 
_struct_ref_seq.pdbx_auth_seq_align_end 
1 1 3NTI A 1 ? 172 ? P25823 2344 ? 2515 ? 2344 2515 
2 2 3NTI C 1 ? 13  ? O76922 6    ? 18   ? 6    18   
# 
_pdbx_struct_assembly.id                   1 
_pdbx_struct_assembly.details              author_and_software_defined_assembly 
_pdbx_struct_assembly.method_details       PISA 
_pdbx_struct_assembly.oligomeric_details   dimeric 
_pdbx_struct_assembly.oligomeric_count     2 
# 
loop_
_pdbx_struct_assembly_prop.biol_id 
_pdbx_struct_assembly_prop.type 
_pdbx_struct_assembly_prop.value 
_pdbx_struct_assembly_prop.details 
1 'ABSA (A^2)' 1110 ? 
1 MORE         -4   ? 
1 'SSA (A^2)'  8990 ? 
# 
_pdbx_struct_assembly_gen.assembly_id       1 
_pdbx_struct_assembly_gen.oper_expression   1 
_pdbx_struct_assembly_gen.asym_id_list      A,B,C 
# 
_pdbx_struct_oper_list.id                   1 
_pdbx_struct_oper_list.type                 'identity operation' 
_pdbx_struct_oper_list.name                 1_555 
_pdbx_struct_oper_list.symmetry_operation   x,y,z 
_pdbx_struct_oper_list.matrix[1][1]         1.0000000000 
_pdbx_struct_oper_list.matrix[1][2]         0.0000000000 
_pdbx_struct_oper_list.matrix[1][3]         0.0000000000 
_pdbx_struct_oper_list.vector[1]            0.0000000000 
_pdbx_struct_oper_list.matrix[2][1]         0.0000000000 
_pdbx_struct_oper_list.matrix[2][2]         1.0000000000 
_pdbx_struct_oper_list.matrix[2][3]         0.0000000000 
_pdbx_struct_oper_list.vector[2]            0.0000000000 
_pdbx_struct_oper_list.matrix[3][1]         0.0000000000 
_pdbx_struct_oper_list.matrix[3][2]         0.0000000000 
_pdbx_struct_oper_list.matrix[3][3]         1.0000000000 
_pdbx_struct_oper_list.vector[3]            0.0000000000 
# 
_struct_biol.id        1 
_struct_biol.details   ? 
# 
loop_
_struct_conf.conf_type_id 
_struct_conf.id 
_struct_conf.pdbx_PDB_helix_id 
_struct_conf.beg_label_comp_id 
_struct_conf.beg_label_asym_id 
_struct_conf.beg_label_seq_id 
_struct_conf.pdbx_beg_PDB_ins_code 
_struct_conf.end_label_comp_id 
_struct_conf.end_label_asym_id 
_struct_conf.end_label_seq_id 
_struct_conf.pdbx_end_PDB_ins_code 
_struct_conf.beg_auth_comp_id 
_struct_conf.beg_auth_asym_id 
_struct_conf.beg_auth_seq_id 
_struct_conf.end_auth_comp_id 
_struct_conf.end_auth_asym_id 
_struct_conf.end_auth_seq_id 
_struct_conf.pdbx_PDB_helix_class 
_struct_conf.details 
_struct_conf.pdbx_PDB_helix_length 
HELX_P HELX_P1 1 ASP A 26  ? ALA A 40  ? ASP A 2369 ALA A 2383 1 ? 15 
HELX_P HELX_P2 2 GLU A 41  ? LEU A 44  ? GLU A 2384 LEU A 2387 5 ? 4  
HELX_P HELX_P3 3 PRO A 100 ? ALA A 104 ? PRO A 2443 ALA A 2447 5 ? 5  
HELX_P HELX_P4 4 ALA A 117 ? ILE A 120 ? ALA A 2460 ILE A 2463 5 ? 4  
HELX_P HELX_P5 5 ALA A 125 ? THR A 134 ? ALA A 2468 THR A 2477 1 ? 10 
HELX_P HELX_P6 6 SER A 165 ? LEU A 168 ? SER A 2508 LEU A 2511 5 ? 4  
# 
_struct_conf_type.id          HELX_P 
_struct_conf_type.criteria    ? 
_struct_conf_type.reference   ? 
# 
loop_
_struct_conn.id 
_struct_conn.conn_type_id 
_struct_conn.pdbx_leaving_atom_flag 
_struct_conn.pdbx_PDB_id 
_struct_conn.ptnr1_label_asym_id 
_struct_conn.ptnr1_label_comp_id 
_struct_conn.ptnr1_label_seq_id 
_struct_conn.ptnr1_label_atom_id 
_struct_conn.pdbx_ptnr1_label_alt_id 
_struct_conn.pdbx_ptnr1_PDB_ins_code 
_struct_conn.pdbx_ptnr1_standard_comp_id 
_struct_conn.ptnr1_symmetry 
_struct_conn.ptnr2_label_asym_id 
_struct_conn.ptnr2_label_comp_id 
_struct_conn.ptnr2_label_seq_id 
_struct_conn.ptnr2_label_atom_id 
_struct_conn.pdbx_ptnr2_label_alt_id 
_struct_conn.pdbx_ptnr2_PDB_ins_code 
_struct_conn.ptnr1_auth_asym_id 
_struct_conn.ptnr1_auth_comp_id 
_struct_conn.ptnr1_auth_seq_id 
_struct_conn.ptnr2_auth_asym_id 
_struct_conn.ptnr2_auth_comp_id 
_struct_conn.ptnr2_auth_seq_id 
_struct_conn.ptnr2_symmetry 
_struct_conn.pdbx_ptnr3_label_atom_id 
_struct_conn.pdbx_ptnr3_label_seq_id 
_struct_conn.pdbx_ptnr3_label_comp_id 
_struct_conn.pdbx_ptnr3_label_asym_id 
_struct_conn.pdbx_ptnr3_label_alt_id 
_struct_conn.pdbx_ptnr3_PDB_ins_code 
_struct_conn.details 
_struct_conn.pdbx_dist_value 
_struct_conn.pdbx_value_order 
_struct_conn.pdbx_role 
covale1 covale both ? B GLY 9  C ? ? ? 1_555 B 2MR 10 N ? ? C GLY 14 C 2MR 15 1_555 ? ? ? ? ? ? ? 1.326 ? ? 
covale2 covale both ? B 2MR 10 C ? ? ? 1_555 B GLY 11 N ? ? C 2MR 15 C GLY 16 1_555 ? ? ? ? ? ? ? 1.318 ? ? 
# 
_struct_conn_type.id          covale 
_struct_conn_type.criteria    ? 
_struct_conn_type.reference   ? 
# 
_pdbx_modification_feature.ordinal                            1 
_pdbx_modification_feature.label_comp_id                      2MR 
_pdbx_modification_feature.label_asym_id                      B 
_pdbx_modification_feature.label_seq_id                       10 
_pdbx_modification_feature.label_alt_id                       ? 
_pdbx_modification_feature.modified_residue_label_comp_id     . 
_pdbx_modification_feature.modified_residue_label_asym_id     . 
_pdbx_modification_feature.modified_residue_label_seq_id      . 
_pdbx_modification_feature.modified_residue_label_alt_id      . 
_pdbx_modification_feature.auth_comp_id                       2MR 
_pdbx_modification_feature.auth_asym_id                       C 
_pdbx_modification_feature.auth_seq_id                        15 
_pdbx_modification_feature.PDB_ins_code                       ? 
_pdbx_modification_feature.symmetry                           1_555 
_pdbx_modification_feature.modified_residue_auth_comp_id      . 
_pdbx_modification_feature.modified_residue_auth_asym_id      . 
_pdbx_modification_feature.modified_residue_auth_seq_id       . 
_pdbx_modification_feature.modified_residue_PDB_ins_code      . 
_pdbx_modification_feature.modified_residue_symmetry          . 
_pdbx_modification_feature.comp_id_linking_atom               . 
_pdbx_modification_feature.modified_residue_id_linking_atom   . 
_pdbx_modification_feature.modified_residue_id                ARG 
_pdbx_modification_feature.ref_pcm_id                         1 
_pdbx_modification_feature.ref_comp_id                        2MR 
_pdbx_modification_feature.type                               Methylation 
_pdbx_modification_feature.category                           'Named protein modification' 
# 
loop_
_struct_sheet.id 
_struct_sheet.type 
_struct_sheet.number_strands 
_struct_sheet.details 
A ? 5 ? 
B ? 5 ? 
# 
loop_
_struct_sheet_order.sheet_id 
_struct_sheet_order.range_id_1 
_struct_sheet_order.range_id_2 
_struct_sheet_order.offset 
_struct_sheet_order.sense 
A 1 2 ? anti-parallel 
A 2 3 ? anti-parallel 
A 3 4 ? anti-parallel 
A 4 5 ? anti-parallel 
B 1 2 ? anti-parallel 
B 2 3 ? anti-parallel 
B 3 4 ? anti-parallel 
B 4 5 ? anti-parallel 
# 
loop_
_struct_sheet_range.sheet_id 
_struct_sheet_range.id 
_struct_sheet_range.beg_label_comp_id 
_struct_sheet_range.beg_label_asym_id 
_struct_sheet_range.beg_label_seq_id 
_struct_sheet_range.pdbx_beg_PDB_ins_code 
_struct_sheet_range.end_label_comp_id 
_struct_sheet_range.end_label_asym_id 
_struct_sheet_range.end_label_seq_id 
_struct_sheet_range.pdbx_end_PDB_ins_code 
_struct_sheet_range.beg_auth_comp_id 
_struct_sheet_range.beg_auth_asym_id 
_struct_sheet_range.beg_auth_seq_id 
_struct_sheet_range.end_auth_comp_id 
_struct_sheet_range.end_auth_asym_id 
_struct_sheet_range.end_auth_seq_id 
A 1 LYS A 162 ? ASN A 163 ? LYS A 2505 ASN A 2506 
A 2 PHE A 140 ? THR A 147 ? PHE A 2483 THR A 2490 
A 3 HIS A 6   ? VAL A 10  ? HIS A 2349 VAL A 2353 
A 4 PHE A 19  ? MET A 23  ? PHE A 2362 MET A 2366 
A 5 ARG A 111 ? LEU A 115 ? ARG A 2454 LEU A 2458 
B 1 ASN A 90  ? THR A 93  ? ASN A 2433 THR A 2436 
B 2 CYS A 80  ? HIS A 83  ? CYS A 2423 HIS A 2426 
B 3 PHE A 66  ? VAL A 74  ? PHE A 2409 VAL A 2417 
B 4 LEU A 55  ? GLN A 59  ? LEU A 2398 GLN A 2402 
B 5 PHE A 96  ? ARG A 97  ? PHE A 2439 ARG A 2440 
# 
loop_
_pdbx_struct_sheet_hbond.sheet_id 
_pdbx_struct_sheet_hbond.range_id_1 
_pdbx_struct_sheet_hbond.range_id_2 
_pdbx_struct_sheet_hbond.range_1_label_atom_id 
_pdbx_struct_sheet_hbond.range_1_label_comp_id 
_pdbx_struct_sheet_hbond.range_1_label_asym_id 
_pdbx_struct_sheet_hbond.range_1_label_seq_id 
_pdbx_struct_sheet_hbond.range_1_PDB_ins_code 
_pdbx_struct_sheet_hbond.range_1_auth_atom_id 
_pdbx_struct_sheet_hbond.range_1_auth_comp_id 
_pdbx_struct_sheet_hbond.range_1_auth_asym_id 
_pdbx_struct_sheet_hbond.range_1_auth_seq_id 
_pdbx_struct_sheet_hbond.range_2_label_atom_id 
_pdbx_struct_sheet_hbond.range_2_label_comp_id 
_pdbx_struct_sheet_hbond.range_2_label_asym_id 
_pdbx_struct_sheet_hbond.range_2_label_seq_id 
_pdbx_struct_sheet_hbond.range_2_PDB_ins_code 
_pdbx_struct_sheet_hbond.range_2_auth_atom_id 
_pdbx_struct_sheet_hbond.range_2_auth_comp_id 
_pdbx_struct_sheet_hbond.range_2_auth_asym_id 
_pdbx_struct_sheet_hbond.range_2_auth_seq_id 
A 1 2 O PHE A 158 ? O PHE A 2501 N GLN A 141 ? N GLN A 2484 
A 2 3 O PHE A 140 ? O PHE A 2483 N CYS A 8   ? N CYS A 2351 
A 3 4 N VAL A 9   ? N VAL A 2352 O GLN A 22  ? O GLN A 2365 
A 4 5 N VAL A 21  ? N VAL A 2364 O ARG A 111 ? O ARG A 2454 
B 1 2 O ALA A 91  ? O ALA A 2434 N VAL A 82  ? N VAL A 2425 
B 2 3 O GLU A 81  ? O GLU A 2424 N ARG A 72  ? N ARG A 2415 
B 3 4 O ALA A 69  ? O ALA A 2412 N CYS A 56  ? N CYS A 2399 
B 4 5 N VAL A 57  ? N VAL A 2400 O ARG A 97  ? O ARG A 2440 
# 
_pdbx_entry_details.entry_id                   3NTI 
_pdbx_entry_details.compound_details           ? 
_pdbx_entry_details.source_details             ? 
_pdbx_entry_details.nonpolymer_details         ? 
_pdbx_entry_details.sequence_details           ? 
_pdbx_entry_details.has_ligand_of_interest     ? 
_pdbx_entry_details.has_protein_modification   Y 
# 
loop_
_pdbx_validate_torsion.id 
_pdbx_validate_torsion.PDB_model_num 
_pdbx_validate_torsion.auth_comp_id 
_pdbx_validate_torsion.auth_asym_id 
_pdbx_validate_torsion.auth_seq_id 
_pdbx_validate_torsion.PDB_ins_code 
_pdbx_validate_torsion.label_alt_id 
_pdbx_validate_torsion.phi 
_pdbx_validate_torsion.psi 
1 1 CYS A 2399 ? ? -164.90 -164.74 
2 1 PHE A 2430 ? ? -120.13 -59.72  
3 1 ALA A 2469 ? ? -46.72  -11.23  
4 1 PHE A 2483 ? ? -114.79 -168.24 
5 1 SER A 2504 ? ? 99.18   5.78    
6 1 ILE A 2507 ? ? -54.62  -6.74   
# 
_pdbx_struct_mod_residue.id               1 
_pdbx_struct_mod_residue.label_asym_id    B 
_pdbx_struct_mod_residue.label_comp_id    2MR 
_pdbx_struct_mod_residue.label_seq_id     10 
_pdbx_struct_mod_residue.auth_asym_id     C 
_pdbx_struct_mod_residue.auth_comp_id     2MR 
_pdbx_struct_mod_residue.auth_seq_id      15 
_pdbx_struct_mod_residue.PDB_ins_code     ? 
_pdbx_struct_mod_residue.parent_comp_id   ARG 
_pdbx_struct_mod_residue.details          'N3, N4-DIMETHYLARGININE' 
# 
loop_
_pdbx_unobs_or_zero_occ_residues.id 
_pdbx_unobs_or_zero_occ_residues.PDB_model_num 
_pdbx_unobs_or_zero_occ_residues.polymer_flag 
_pdbx_unobs_or_zero_occ_residues.occupancy_flag 
_pdbx_unobs_or_zero_occ_residues.auth_asym_id 
_pdbx_unobs_or_zero_occ_residues.auth_comp_id 
_pdbx_unobs_or_zero_occ_residues.auth_seq_id 
_pdbx_unobs_or_zero_occ_residues.PDB_ins_code 
_pdbx_unobs_or_zero_occ_residues.label_asym_id 
_pdbx_unobs_or_zero_occ_residues.label_comp_id 
_pdbx_unobs_or_zero_occ_residues.label_seq_id 
1  1 Y 1 A LEU 2344 ? A LEU 1   
2  1 Y 1 A GLU 2345 ? A GLU 2   
3  1 Y 1 A ALA 2346 ? A ALA 3   
4  1 Y 1 A LYS 2465 ? A LYS 122 
5  1 Y 1 A CYS 2466 ? A CYS 123 
6  1 Y 1 A ASP 2467 ? A ASP 124 
7  1 Y 1 A GLU 2513 ? A GLU 170 
8  1 Y 1 A CYS 2514 ? A CYS 171 
9  1 Y 1 A GLN 2515 ? A GLN 172 
10 1 Y 1 C ASN 6    ? B ASN 1   
11 1 Y 1 C PRO 7    ? B PRO 2   
12 1 Y 1 C VAL 8    ? B VAL 3   
13 1 Y 1 C ILE 9    ? B ILE 4   
14 1 Y 1 C ALA 10   ? B ALA 5   
15 1 Y 1 C LYS 18   ? B LYS 13  
# 
loop_
_chem_comp_atom.comp_id 
_chem_comp_atom.atom_id 
_chem_comp_atom.type_symbol 
_chem_comp_atom.pdbx_aromatic_flag 
_chem_comp_atom.pdbx_stereo_config 
_chem_comp_atom.pdbx_ordinal 
2MR N    N N N 1   
2MR CA   C N S 2   
2MR CB   C N N 3   
2MR CG   C N N 4   
2MR CD   C N N 5   
2MR NE   N N N 6   
2MR CZ   C N N 7   
2MR NH1  N N N 8   
2MR CQ1  C N N 9   
2MR NH2  N N N 10  
2MR CQ2  C N N 11  
2MR C    C N N 12  
2MR O    O N N 13  
2MR OXT  O N N 14  
2MR H    H N N 15  
2MR H2   H N N 16  
2MR HA   H N N 17  
2MR HB2  H N N 18  
2MR HB3  H N N 19  
2MR HG2  H N N 20  
2MR HG3  H N N 21  
2MR HD2  H N N 22  
2MR HD3  H N N 23  
2MR HE   H N N 24  
2MR HQ11 H N N 25  
2MR HQ12 H N N 26  
2MR HQ13 H N N 27  
2MR HH2  H N N 28  
2MR HQ21 H N N 29  
2MR HQ22 H N N 30  
2MR HQ23 H N N 31  
2MR HXT  H N N 32  
ALA N    N N N 33  
ALA CA   C N S 34  
ALA C    C N N 35  
ALA O    O N N 36  
ALA CB   C N N 37  
ALA OXT  O N N 38  
ALA H    H N N 39  
ALA H2   H N N 40  
ALA HA   H N N 41  
ALA HB1  H N N 42  
ALA HB2  H N N 43  
ALA HB3  H N N 44  
ALA HXT  H N N 45  
ARG N    N N N 46  
ARG CA   C N S 47  
ARG C    C N N 48  
ARG O    O N N 49  
ARG CB   C N N 50  
ARG CG   C N N 51  
ARG CD   C N N 52  
ARG NE   N N N 53  
ARG CZ   C N N 54  
ARG NH1  N N N 55  
ARG NH2  N N N 56  
ARG OXT  O N N 57  
ARG H    H N N 58  
ARG H2   H N N 59  
ARG HA   H N N 60  
ARG HB2  H N N 61  
ARG HB3  H N N 62  
ARG HG2  H N N 63  
ARG HG3  H N N 64  
ARG HD2  H N N 65  
ARG HD3  H N N 66  
ARG HE   H N N 67  
ARG HH11 H N N 68  
ARG HH12 H N N 69  
ARG HH21 H N N 70  
ARG HH22 H N N 71  
ARG HXT  H N N 72  
ASN N    N N N 73  
ASN CA   C N S 74  
ASN C    C N N 75  
ASN O    O N N 76  
ASN CB   C N N 77  
ASN CG   C N N 78  
ASN OD1  O N N 79  
ASN ND2  N N N 80  
ASN OXT  O N N 81  
ASN H    H N N 82  
ASN H2   H N N 83  
ASN HA   H N N 84  
ASN HB2  H N N 85  
ASN HB3  H N N 86  
ASN HD21 H N N 87  
ASN HD22 H N N 88  
ASN HXT  H N N 89  
ASP N    N N N 90  
ASP CA   C N S 91  
ASP C    C N N 92  
ASP O    O N N 93  
ASP CB   C N N 94  
ASP CG   C N N 95  
ASP OD1  O N N 96  
ASP OD2  O N N 97  
ASP OXT  O N N 98  
ASP H    H N N 99  
ASP H2   H N N 100 
ASP HA   H N N 101 
ASP HB2  H N N 102 
ASP HB3  H N N 103 
ASP HD2  H N N 104 
ASP HXT  H N N 105 
CYS N    N N N 106 
CYS CA   C N R 107 
CYS C    C N N 108 
CYS O    O N N 109 
CYS CB   C N N 110 
CYS SG   S N N 111 
CYS OXT  O N N 112 
CYS H    H N N 113 
CYS H2   H N N 114 
CYS HA   H N N 115 
CYS HB2  H N N 116 
CYS HB3  H N N 117 
CYS HG   H N N 118 
CYS HXT  H N N 119 
GLN N    N N N 120 
GLN CA   C N S 121 
GLN C    C N N 122 
GLN O    O N N 123 
GLN CB   C N N 124 
GLN CG   C N N 125 
GLN CD   C N N 126 
GLN OE1  O N N 127 
GLN NE2  N N N 128 
GLN OXT  O N N 129 
GLN H    H N N 130 
GLN H2   H N N 131 
GLN HA   H N N 132 
GLN HB2  H N N 133 
GLN HB3  H N N 134 
GLN HG2  H N N 135 
GLN HG3  H N N 136 
GLN HE21 H N N 137 
GLN HE22 H N N 138 
GLN HXT  H N N 139 
GLU N    N N N 140 
GLU CA   C N S 141 
GLU C    C N N 142 
GLU O    O N N 143 
GLU CB   C N N 144 
GLU CG   C N N 145 
GLU CD   C N N 146 
GLU OE1  O N N 147 
GLU OE2  O N N 148 
GLU OXT  O N N 149 
GLU H    H N N 150 
GLU H2   H N N 151 
GLU HA   H N N 152 
GLU HB2  H N N 153 
GLU HB3  H N N 154 
GLU HG2  H N N 155 
GLU HG3  H N N 156 
GLU HE2  H N N 157 
GLU HXT  H N N 158 
GLY N    N N N 159 
GLY CA   C N N 160 
GLY C    C N N 161 
GLY O    O N N 162 
GLY OXT  O N N 163 
GLY H    H N N 164 
GLY H2   H N N 165 
GLY HA2  H N N 166 
GLY HA3  H N N 167 
GLY HXT  H N N 168 
HIS N    N N N 169 
HIS CA   C N S 170 
HIS C    C N N 171 
HIS O    O N N 172 
HIS CB   C N N 173 
HIS CG   C Y N 174 
HIS ND1  N Y N 175 
HIS CD2  C Y N 176 
HIS CE1  C Y N 177 
HIS NE2  N Y N 178 
HIS OXT  O N N 179 
HIS H    H N N 180 
HIS H2   H N N 181 
HIS HA   H N N 182 
HIS HB2  H N N 183 
HIS HB3  H N N 184 
HIS HD1  H N N 185 
HIS HD2  H N N 186 
HIS HE1  H N N 187 
HIS HE2  H N N 188 
HIS HXT  H N N 189 
HOH O    O N N 190 
HOH H1   H N N 191 
HOH H2   H N N 192 
ILE N    N N N 193 
ILE CA   C N S 194 
ILE C    C N N 195 
ILE O    O N N 196 
ILE CB   C N S 197 
ILE CG1  C N N 198 
ILE CG2  C N N 199 
ILE CD1  C N N 200 
ILE OXT  O N N 201 
ILE H    H N N 202 
ILE H2   H N N 203 
ILE HA   H N N 204 
ILE HB   H N N 205 
ILE HG12 H N N 206 
ILE HG13 H N N 207 
ILE HG21 H N N 208 
ILE HG22 H N N 209 
ILE HG23 H N N 210 
ILE HD11 H N N 211 
ILE HD12 H N N 212 
ILE HD13 H N N 213 
ILE HXT  H N N 214 
LEU N    N N N 215 
LEU CA   C N S 216 
LEU C    C N N 217 
LEU O    O N N 218 
LEU CB   C N N 219 
LEU CG   C N N 220 
LEU CD1  C N N 221 
LEU CD2  C N N 222 
LEU OXT  O N N 223 
LEU H    H N N 224 
LEU H2   H N N 225 
LEU HA   H N N 226 
LEU HB2  H N N 227 
LEU HB3  H N N 228 
LEU HG   H N N 229 
LEU HD11 H N N 230 
LEU HD12 H N N 231 
LEU HD13 H N N 232 
LEU HD21 H N N 233 
LEU HD22 H N N 234 
LEU HD23 H N N 235 
LEU HXT  H N N 236 
LYS N    N N N 237 
LYS CA   C N S 238 
LYS C    C N N 239 
LYS O    O N N 240 
LYS CB   C N N 241 
LYS CG   C N N 242 
LYS CD   C N N 243 
LYS CE   C N N 244 
LYS NZ   N N N 245 
LYS OXT  O N N 246 
LYS H    H N N 247 
LYS H2   H N N 248 
LYS HA   H N N 249 
LYS HB2  H N N 250 
LYS HB3  H N N 251 
LYS HG2  H N N 252 
LYS HG3  H N N 253 
LYS HD2  H N N 254 
LYS HD3  H N N 255 
LYS HE2  H N N 256 
LYS HE3  H N N 257 
LYS HZ1  H N N 258 
LYS HZ2  H N N 259 
LYS HZ3  H N N 260 
LYS HXT  H N N 261 
MET N    N N N 262 
MET CA   C N S 263 
MET C    C N N 264 
MET O    O N N 265 
MET CB   C N N 266 
MET CG   C N N 267 
MET SD   S N N 268 
MET CE   C N N 269 
MET OXT  O N N 270 
MET H    H N N 271 
MET H2   H N N 272 
MET HA   H N N 273 
MET HB2  H N N 274 
MET HB3  H N N 275 
MET HG2  H N N 276 
MET HG3  H N N 277 
MET HE1  H N N 278 
MET HE2  H N N 279 
MET HE3  H N N 280 
MET HXT  H N N 281 
PHE N    N N N 282 
PHE CA   C N S 283 
PHE C    C N N 284 
PHE O    O N N 285 
PHE CB   C N N 286 
PHE CG   C Y N 287 
PHE CD1  C Y N 288 
PHE CD2  C Y N 289 
PHE CE1  C Y N 290 
PHE CE2  C Y N 291 
PHE CZ   C Y N 292 
PHE OXT  O N N 293 
PHE H    H N N 294 
PHE H2   H N N 295 
PHE HA   H N N 296 
PHE HB2  H N N 297 
PHE HB3  H N N 298 
PHE HD1  H N N 299 
PHE HD2  H N N 300 
PHE HE1  H N N 301 
PHE HE2  H N N 302 
PHE HZ   H N N 303 
PHE HXT  H N N 304 
PRO N    N N N 305 
PRO CA   C N S 306 
PRO C    C N N 307 
PRO O    O N N 308 
PRO CB   C N N 309 
PRO CG   C N N 310 
PRO CD   C N N 311 
PRO OXT  O N N 312 
PRO H    H N N 313 
PRO HA   H N N 314 
PRO HB2  H N N 315 
PRO HB3  H N N 316 
PRO HG2  H N N 317 
PRO HG3  H N N 318 
PRO HD2  H N N 319 
PRO HD3  H N N 320 
PRO HXT  H N N 321 
SER N    N N N 322 
SER CA   C N S 323 
SER C    C N N 324 
SER O    O N N 325 
SER CB   C N N 326 
SER OG   O N N 327 
SER OXT  O N N 328 
SER H    H N N 329 
SER H2   H N N 330 
SER HA   H N N 331 
SER HB2  H N N 332 
SER HB3  H N N 333 
SER HG   H N N 334 
SER HXT  H N N 335 
THR N    N N N 336 
THR CA   C N S 337 
THR C    C N N 338 
THR O    O N N 339 
THR CB   C N R 340 
THR OG1  O N N 341 
THR CG2  C N N 342 
THR OXT  O N N 343 
THR H    H N N 344 
THR H2   H N N 345 
THR HA   H N N 346 
THR HB   H N N 347 
THR HG1  H N N 348 
THR HG21 H N N 349 
THR HG22 H N N 350 
THR HG23 H N N 351 
THR HXT  H N N 352 
TYR N    N N N 353 
TYR CA   C N S 354 
TYR C    C N N 355 
TYR O    O N N 356 
TYR CB   C N N 357 
TYR CG   C Y N 358 
TYR CD1  C Y N 359 
TYR CD2  C Y N 360 
TYR CE1  C Y N 361 
TYR CE2  C Y N 362 
TYR CZ   C Y N 363 
TYR OH   O N N 364 
TYR OXT  O N N 365 
TYR H    H N N 366 
TYR H2   H N N 367 
TYR HA   H N N 368 
TYR HB2  H N N 369 
TYR HB3  H N N 370 
TYR HD1  H N N 371 
TYR HD2  H N N 372 
TYR HE1  H N N 373 
TYR HE2  H N N 374 
TYR HH   H N N 375 
TYR HXT  H N N 376 
VAL N    N N N 377 
VAL CA   C N S 378 
VAL C    C N N 379 
VAL O    O N N 380 
VAL CB   C N N 381 
VAL CG1  C N N 382 
VAL CG2  C N N 383 
VAL OXT  O N N 384 
VAL H    H N N 385 
VAL H2   H N N 386 
VAL HA   H N N 387 
VAL HB   H N N 388 
VAL HG11 H N N 389 
VAL HG12 H N N 390 
VAL HG13 H N N 391 
VAL HG21 H N N 392 
VAL HG22 H N N 393 
VAL HG23 H N N 394 
VAL HXT  H N N 395 
# 
loop_
_chem_comp_bond.comp_id 
_chem_comp_bond.atom_id_1 
_chem_comp_bond.atom_id_2 
_chem_comp_bond.value_order 
_chem_comp_bond.pdbx_aromatic_flag 
_chem_comp_bond.pdbx_stereo_config 
_chem_comp_bond.pdbx_ordinal 
2MR N   CA   sing N N 1   
2MR N   H    sing N N 2   
2MR N   H2   sing N N 3   
2MR CA  CB   sing N N 4   
2MR CA  C    sing N N 5   
2MR CA  HA   sing N N 6   
2MR CB  CG   sing N N 7   
2MR CB  HB2  sing N N 8   
2MR CB  HB3  sing N N 9   
2MR CG  CD   sing N N 10  
2MR CG  HG2  sing N N 11  
2MR CG  HG3  sing N N 12  
2MR CD  NE   sing N N 13  
2MR CD  HD2  sing N N 14  
2MR CD  HD3  sing N N 15  
2MR NE  CZ   sing N N 16  
2MR NE  HE   sing N N 17  
2MR CZ  NH1  doub N N 18  
2MR CZ  NH2  sing N N 19  
2MR NH1 CQ1  sing N N 20  
2MR CQ1 HQ11 sing N N 21  
2MR CQ1 HQ12 sing N N 22  
2MR CQ1 HQ13 sing N N 23  
2MR NH2 CQ2  sing N N 24  
2MR NH2 HH2  sing N N 25  
2MR CQ2 HQ21 sing N N 26  
2MR CQ2 HQ22 sing N N 27  
2MR CQ2 HQ23 sing N N 28  
2MR C   O    doub N N 29  
2MR C   OXT  sing N N 30  
2MR OXT HXT  sing N N 31  
ALA N   CA   sing N N 32  
ALA N   H    sing N N 33  
ALA N   H2   sing N N 34  
ALA CA  C    sing N N 35  
ALA CA  CB   sing N N 36  
ALA CA  HA   sing N N 37  
ALA C   O    doub N N 38  
ALA C   OXT  sing N N 39  
ALA CB  HB1  sing N N 40  
ALA CB  HB2  sing N N 41  
ALA CB  HB3  sing N N 42  
ALA OXT HXT  sing N N 43  
ARG N   CA   sing N N 44  
ARG N   H    sing N N 45  
ARG N   H2   sing N N 46  
ARG CA  C    sing N N 47  
ARG CA  CB   sing N N 48  
ARG CA  HA   sing N N 49  
ARG C   O    doub N N 50  
ARG C   OXT  sing N N 51  
ARG CB  CG   sing N N 52  
ARG CB  HB2  sing N N 53  
ARG CB  HB3  sing N N 54  
ARG CG  CD   sing N N 55  
ARG CG  HG2  sing N N 56  
ARG CG  HG3  sing N N 57  
ARG CD  NE   sing N N 58  
ARG CD  HD2  sing N N 59  
ARG CD  HD3  sing N N 60  
ARG NE  CZ   sing N N 61  
ARG NE  HE   sing N N 62  
ARG CZ  NH1  sing N N 63  
ARG CZ  NH2  doub N N 64  
ARG NH1 HH11 sing N N 65  
ARG NH1 HH12 sing N N 66  
ARG NH2 HH21 sing N N 67  
ARG NH2 HH22 sing N N 68  
ARG OXT HXT  sing N N 69  
ASN N   CA   sing N N 70  
ASN N   H    sing N N 71  
ASN N   H2   sing N N 72  
ASN CA  C    sing N N 73  
ASN CA  CB   sing N N 74  
ASN CA  HA   sing N N 75  
ASN C   O    doub N N 76  
ASN C   OXT  sing N N 77  
ASN CB  CG   sing N N 78  
ASN CB  HB2  sing N N 79  
ASN CB  HB3  sing N N 80  
ASN CG  OD1  doub N N 81  
ASN CG  ND2  sing N N 82  
ASN ND2 HD21 sing N N 83  
ASN ND2 HD22 sing N N 84  
ASN OXT HXT  sing N N 85  
ASP N   CA   sing N N 86  
ASP N   H    sing N N 87  
ASP N   H2   sing N N 88  
ASP CA  C    sing N N 89  
ASP CA  CB   sing N N 90  
ASP CA  HA   sing N N 91  
ASP C   O    doub N N 92  
ASP C   OXT  sing N N 93  
ASP CB  CG   sing N N 94  
ASP CB  HB2  sing N N 95  
ASP CB  HB3  sing N N 96  
ASP CG  OD1  doub N N 97  
ASP CG  OD2  sing N N 98  
ASP OD2 HD2  sing N N 99  
ASP OXT HXT  sing N N 100 
CYS N   CA   sing N N 101 
CYS N   H    sing N N 102 
CYS N   H2   sing N N 103 
CYS CA  C    sing N N 104 
CYS CA  CB   sing N N 105 
CYS CA  HA   sing N N 106 
CYS C   O    doub N N 107 
CYS C   OXT  sing N N 108 
CYS CB  SG   sing N N 109 
CYS CB  HB2  sing N N 110 
CYS CB  HB3  sing N N 111 
CYS SG  HG   sing N N 112 
CYS OXT HXT  sing N N 113 
GLN N   CA   sing N N 114 
GLN N   H    sing N N 115 
GLN N   H2   sing N N 116 
GLN CA  C    sing N N 117 
GLN CA  CB   sing N N 118 
GLN CA  HA   sing N N 119 
GLN C   O    doub N N 120 
GLN C   OXT  sing N N 121 
GLN CB  CG   sing N N 122 
GLN CB  HB2  sing N N 123 
GLN CB  HB3  sing N N 124 
GLN CG  CD   sing N N 125 
GLN CG  HG2  sing N N 126 
GLN CG  HG3  sing N N 127 
GLN CD  OE1  doub N N 128 
GLN CD  NE2  sing N N 129 
GLN NE2 HE21 sing N N 130 
GLN NE2 HE22 sing N N 131 
GLN OXT HXT  sing N N 132 
GLU N   CA   sing N N 133 
GLU N   H    sing N N 134 
GLU N   H2   sing N N 135 
GLU CA  C    sing N N 136 
GLU CA  CB   sing N N 137 
GLU CA  HA   sing N N 138 
GLU C   O    doub N N 139 
GLU C   OXT  sing N N 140 
GLU CB  CG   sing N N 141 
GLU CB  HB2  sing N N 142 
GLU CB  HB3  sing N N 143 
GLU CG  CD   sing N N 144 
GLU CG  HG2  sing N N 145 
GLU CG  HG3  sing N N 146 
GLU CD  OE1  doub N N 147 
GLU CD  OE2  sing N N 148 
GLU OE2 HE2  sing N N 149 
GLU OXT HXT  sing N N 150 
GLY N   CA   sing N N 151 
GLY N   H    sing N N 152 
GLY N   H2   sing N N 153 
GLY CA  C    sing N N 154 
GLY CA  HA2  sing N N 155 
GLY CA  HA3  sing N N 156 
GLY C   O    doub N N 157 
GLY C   OXT  sing N N 158 
GLY OXT HXT  sing N N 159 
HIS N   CA   sing N N 160 
HIS N   H    sing N N 161 
HIS N   H2   sing N N 162 
HIS CA  C    sing N N 163 
HIS CA  CB   sing N N 164 
HIS CA  HA   sing N N 165 
HIS C   O    doub N N 166 
HIS C   OXT  sing N N 167 
HIS CB  CG   sing N N 168 
HIS CB  HB2  sing N N 169 
HIS CB  HB3  sing N N 170 
HIS CG  ND1  sing Y N 171 
HIS CG  CD2  doub Y N 172 
HIS ND1 CE1  doub Y N 173 
HIS ND1 HD1  sing N N 174 
HIS CD2 NE2  sing Y N 175 
HIS CD2 HD2  sing N N 176 
HIS CE1 NE2  sing Y N 177 
HIS CE1 HE1  sing N N 178 
HIS NE2 HE2  sing N N 179 
HIS OXT HXT  sing N N 180 
HOH O   H1   sing N N 181 
HOH O   H2   sing N N 182 
ILE N   CA   sing N N 183 
ILE N   H    sing N N 184 
ILE N   H2   sing N N 185 
ILE CA  C    sing N N 186 
ILE CA  CB   sing N N 187 
ILE CA  HA   sing N N 188 
ILE C   O    doub N N 189 
ILE C   OXT  sing N N 190 
ILE CB  CG1  sing N N 191 
ILE CB  CG2  sing N N 192 
ILE CB  HB   sing N N 193 
ILE CG1 CD1  sing N N 194 
ILE CG1 HG12 sing N N 195 
ILE CG1 HG13 sing N N 196 
ILE CG2 HG21 sing N N 197 
ILE CG2 HG22 sing N N 198 
ILE CG2 HG23 sing N N 199 
ILE CD1 HD11 sing N N 200 
ILE CD1 HD12 sing N N 201 
ILE CD1 HD13 sing N N 202 
ILE OXT HXT  sing N N 203 
LEU N   CA   sing N N 204 
LEU N   H    sing N N 205 
LEU N   H2   sing N N 206 
LEU CA  C    sing N N 207 
LEU CA  CB   sing N N 208 
LEU CA  HA   sing N N 209 
LEU C   O    doub N N 210 
LEU C   OXT  sing N N 211 
LEU CB  CG   sing N N 212 
LEU CB  HB2  sing N N 213 
LEU CB  HB3  sing N N 214 
LEU CG  CD1  sing N N 215 
LEU CG  CD2  sing N N 216 
LEU CG  HG   sing N N 217 
LEU CD1 HD11 sing N N 218 
LEU CD1 HD12 sing N N 219 
LEU CD1 HD13 sing N N 220 
LEU CD2 HD21 sing N N 221 
LEU CD2 HD22 sing N N 222 
LEU CD2 HD23 sing N N 223 
LEU OXT HXT  sing N N 224 
LYS N   CA   sing N N 225 
LYS N   H    sing N N 226 
LYS N   H2   sing N N 227 
LYS CA  C    sing N N 228 
LYS CA  CB   sing N N 229 
LYS CA  HA   sing N N 230 
LYS C   O    doub N N 231 
LYS C   OXT  sing N N 232 
LYS CB  CG   sing N N 233 
LYS CB  HB2  sing N N 234 
LYS CB  HB3  sing N N 235 
LYS CG  CD   sing N N 236 
LYS CG  HG2  sing N N 237 
LYS CG  HG3  sing N N 238 
LYS CD  CE   sing N N 239 
LYS CD  HD2  sing N N 240 
LYS CD  HD3  sing N N 241 
LYS CE  NZ   sing N N 242 
LYS CE  HE2  sing N N 243 
LYS CE  HE3  sing N N 244 
LYS NZ  HZ1  sing N N 245 
LYS NZ  HZ2  sing N N 246 
LYS NZ  HZ3  sing N N 247 
LYS OXT HXT  sing N N 248 
MET N   CA   sing N N 249 
MET N   H    sing N N 250 
MET N   H2   sing N N 251 
MET CA  C    sing N N 252 
MET CA  CB   sing N N 253 
MET CA  HA   sing N N 254 
MET C   O    doub N N 255 
MET C   OXT  sing N N 256 
MET CB  CG   sing N N 257 
MET CB  HB2  sing N N 258 
MET CB  HB3  sing N N 259 
MET CG  SD   sing N N 260 
MET CG  HG2  sing N N 261 
MET CG  HG3  sing N N 262 
MET SD  CE   sing N N 263 
MET CE  HE1  sing N N 264 
MET CE  HE2  sing N N 265 
MET CE  HE3  sing N N 266 
MET OXT HXT  sing N N 267 
PHE N   CA   sing N N 268 
PHE N   H    sing N N 269 
PHE N   H2   sing N N 270 
PHE CA  C    sing N N 271 
PHE CA  CB   sing N N 272 
PHE CA  HA   sing N N 273 
PHE C   O    doub N N 274 
PHE C   OXT  sing N N 275 
PHE CB  CG   sing N N 276 
PHE CB  HB2  sing N N 277 
PHE CB  HB3  sing N N 278 
PHE CG  CD1  doub Y N 279 
PHE CG  CD2  sing Y N 280 
PHE CD1 CE1  sing Y N 281 
PHE CD1 HD1  sing N N 282 
PHE CD2 CE2  doub Y N 283 
PHE CD2 HD2  sing N N 284 
PHE CE1 CZ   doub Y N 285 
PHE CE1 HE1  sing N N 286 
PHE CE2 CZ   sing Y N 287 
PHE CE2 HE2  sing N N 288 
PHE CZ  HZ   sing N N 289 
PHE OXT HXT  sing N N 290 
PRO N   CA   sing N N 291 
PRO N   CD   sing N N 292 
PRO N   H    sing N N 293 
PRO CA  C    sing N N 294 
PRO CA  CB   sing N N 295 
PRO CA  HA   sing N N 296 
PRO C   O    doub N N 297 
PRO C   OXT  sing N N 298 
PRO CB  CG   sing N N 299 
PRO CB  HB2  sing N N 300 
PRO CB  HB3  sing N N 301 
PRO CG  CD   sing N N 302 
PRO CG  HG2  sing N N 303 
PRO CG  HG3  sing N N 304 
PRO CD  HD2  sing N N 305 
PRO CD  HD3  sing N N 306 
PRO OXT HXT  sing N N 307 
SER N   CA   sing N N 308 
SER N   H    sing N N 309 
SER N   H2   sing N N 310 
SER CA  C    sing N N 311 
SER CA  CB   sing N N 312 
SER CA  HA   sing N N 313 
SER C   O    doub N N 314 
SER C   OXT  sing N N 315 
SER CB  OG   sing N N 316 
SER CB  HB2  sing N N 317 
SER CB  HB3  sing N N 318 
SER OG  HG   sing N N 319 
SER OXT HXT  sing N N 320 
THR N   CA   sing N N 321 
THR N   H    sing N N 322 
THR N   H2   sing N N 323 
THR CA  C    sing N N 324 
THR CA  CB   sing N N 325 
THR CA  HA   sing N N 326 
THR C   O    doub N N 327 
THR C   OXT  sing N N 328 
THR CB  OG1  sing N N 329 
THR CB  CG2  sing N N 330 
THR CB  HB   sing N N 331 
THR OG1 HG1  sing N N 332 
THR CG2 HG21 sing N N 333 
THR CG2 HG22 sing N N 334 
THR CG2 HG23 sing N N 335 
THR OXT HXT  sing N N 336 
TYR N   CA   sing N N 337 
TYR N   H    sing N N 338 
TYR N   H2   sing N N 339 
TYR CA  C    sing N N 340 
TYR CA  CB   sing N N 341 
TYR CA  HA   sing N N 342 
TYR C   O    doub N N 343 
TYR C   OXT  sing N N 344 
TYR CB  CG   sing N N 345 
TYR CB  HB2  sing N N 346 
TYR CB  HB3  sing N N 347 
TYR CG  CD1  doub Y N 348 
TYR CG  CD2  sing Y N 349 
TYR CD1 CE1  sing Y N 350 
TYR CD1 HD1  sing N N 351 
TYR CD2 CE2  doub Y N 352 
TYR CD2 HD2  sing N N 353 
TYR CE1 CZ   doub Y N 354 
TYR CE1 HE1  sing N N 355 
TYR CE2 CZ   sing Y N 356 
TYR CE2 HE2  sing N N 357 
TYR CZ  OH   sing N N 358 
TYR OH  HH   sing N N 359 
TYR OXT HXT  sing N N 360 
VAL N   CA   sing N N 361 
VAL N   H    sing N N 362 
VAL N   H2   sing N N 363 
VAL CA  C    sing N N 364 
VAL CA  CB   sing N N 365 
VAL CA  HA   sing N N 366 
VAL C   O    doub N N 367 
VAL C   OXT  sing N N 368 
VAL CB  CG1  sing N N 369 
VAL CB  CG2  sing N N 370 
VAL CB  HB   sing N N 371 
VAL CG1 HG11 sing N N 372 
VAL CG1 HG12 sing N N 373 
VAL CG1 HG13 sing N N 374 
VAL CG2 HG21 sing N N 375 
VAL CG2 HG22 sing N N 376 
VAL CG2 HG23 sing N N 377 
VAL OXT HXT  sing N N 378 
# 
_pdbx_initial_refinement_model.id               1 
_pdbx_initial_refinement_model.entity_id_list   ? 
_pdbx_initial_refinement_model.type             'experimental model' 
_pdbx_initial_refinement_model.source_name      PDB 
_pdbx_initial_refinement_model.accession_code   3NTK 
_pdbx_initial_refinement_model.details          ? 
# 
_atom_sites.entry_id                    3NTI 
_atom_sites.fract_transf_matrix[1][1]   -0.01285176 
_atom_sites.fract_transf_matrix[1][2]   0.00298892 
_atom_sites.fract_transf_matrix[1][3]   -0.01568390 
_atom_sites.fract_transf_matrix[2][1]   -0.01395176 
_atom_sites.fract_transf_matrix[2][2]   -0.01189186 
_atom_sites.fract_transf_matrix[2][3]   0.00916614 
_atom_sites.fract_transf_matrix[3][1]   -0.00248924 
_atom_sites.fract_transf_matrix[3][2]   0.00526621 
_atom_sites.fract_transf_matrix[3][3]   0.00304334 
_atom_sites.fract_transf_vector[1]      0.122018 
_atom_sites.fract_transf_vector[2]      -0.138645 
_atom_sites.fract_transf_vector[3]      -0.052909 
# 
loop_
_atom_type.symbol 
C 
N 
O 
S 
# 
loop_
_atom_site.group_PDB 
_atom_site.id 
_atom_site.type_symbol 
_atom_site.label_atom_id 
_atom_site.label_alt_id 
_atom_site.label_comp_id 
_atom_site.label_asym_id 
_atom_site.label_entity_id 
_atom_site.label_seq_id 
_atom_site.pdbx_PDB_ins_code 
_atom_site.Cartn_x 
_atom_site.Cartn_y 
_atom_site.Cartn_z 
_atom_site.occupancy 
_atom_site.B_iso_or_equiv 
_atom_site.pdbx_formal_charge 
_atom_site.auth_seq_id 
_atom_site.auth_comp_id 
_atom_site.auth_asym_id 
_atom_site.auth_atom_id 
_atom_site.pdbx_PDB_model_num 
ATOM   1    N N   . GLU A 1 4   ? 4.632   20.645  -8.779  1.00 89.99  ? 2347 GLU A N   1 
ATOM   2    C CA  . GLU A 1 4   ? 3.280   20.032  -8.911  1.00 89.48  ? 2347 GLU A CA  1 
ATOM   3    C C   . GLU A 1 4   ? 2.924   19.103  -7.747  1.00 88.18  ? 2347 GLU A C   1 
ATOM   4    O O   . GLU A 1 4   ? 3.727   18.253  -7.340  1.00 88.45  ? 2347 GLU A O   1 
ATOM   5    C CB  . GLU A 1 4   ? 3.191   19.242  -10.211 1.00 90.66  ? 2347 GLU A CB  1 
ATOM   6    C CG  . GLU A 1 4   ? 1.946   18.382  -10.277 1.00 93.70  ? 2347 GLU A CG  1 
ATOM   7    C CD  . GLU A 1 4   ? 1.984   17.380  -11.406 1.00 95.37  ? 2347 GLU A CD  1 
ATOM   8    O OE1 . GLU A 1 4   ? 2.983   16.630  -11.498 1.00 96.78  ? 2347 GLU A OE1 1 
ATOM   9    O OE2 . GLU A 1 4   ? 1.013   17.340  -12.193 1.00 95.52  ? 2347 GLU A OE2 1 
ATOM   10   N N   . LEU A 1 5   ? 1.703   19.258  -7.237  1.00 85.68  ? 2348 LEU A N   1 
ATOM   11   C CA  . LEU A 1 5   ? 1.208   18.455  -6.122  1.00 82.69  ? 2348 LEU A CA  1 
ATOM   12   C C   . LEU A 1 5   ? 0.137   17.455  -6.547  1.00 80.68  ? 2348 LEU A C   1 
ATOM   13   O O   . LEU A 1 5   ? -0.817  17.802  -7.253  1.00 79.77  ? 2348 LEU A O   1 
ATOM   14   C CB  . LEU A 1 5   ? 0.645   19.371  -5.028  1.00 82.63  ? 2348 LEU A CB  1 
ATOM   15   C CG  . LEU A 1 5   ? 1.636   20.041  -4.067  1.00 82.18  ? 2348 LEU A CG  1 
ATOM   16   C CD1 . LEU A 1 5   ? 2.831   20.595  -4.820  1.00 82.32  ? 2348 LEU A CD1 1 
ATOM   17   C CD2 . LEU A 1 5   ? 0.919   21.141  -3.305  1.00 82.01  ? 2348 LEU A CD2 1 
ATOM   18   N N   . HIS A 1 6   ? 0.302   16.212  -6.108  1.00 78.52  ? 2349 HIS A N   1 
ATOM   19   C CA  . HIS A 1 6   ? -0.650  15.157  -6.428  1.00 77.31  ? 2349 HIS A CA  1 
ATOM   20   C C   . HIS A 1 6   ? -1.452  14.753  -5.193  1.00 74.13  ? 2349 HIS A C   1 
ATOM   21   O O   . HIS A 1 6   ? -0.879  14.497  -4.134  1.00 74.08  ? 2349 HIS A O   1 
ATOM   22   C CB  . HIS A 1 6   ? 0.068   13.914  -6.952  1.00 81.02  ? 2349 HIS A CB  1 
ATOM   23   C CG  . HIS A 1 6   ? 0.859   14.139  -8.203  1.00 85.36  ? 2349 HIS A CG  1 
ATOM   24   N ND1 . HIS A 1 6   ? 2.083   14.773  -8.206  1.00 87.98  ? 2349 HIS A ND1 1 
ATOM   25   C CD2 . HIS A 1 6   ? 0.614   13.785  -9.487  1.00 87.04  ? 2349 HIS A CD2 1 
ATOM   26   C CE1 . HIS A 1 6   ? 2.561   14.797  -9.438  1.00 88.61  ? 2349 HIS A CE1 1 
ATOM   27   N NE2 . HIS A 1 6   ? 1.688   14.204  -10.234 1.00 88.93  ? 2349 HIS A NE2 1 
ATOM   28   N N   . ASN A 1 7   ? -2.773  14.685  -5.335  1.00 69.78  ? 2350 ASN A N   1 
ATOM   29   C CA  . ASN A 1 7   ? -3.634  14.295  -4.224  1.00 65.89  ? 2350 ASN A CA  1 
ATOM   30   C C   . ASN A 1 7   ? -3.446  12.830  -3.871  1.00 63.33  ? 2350 ASN A C   1 
ATOM   31   O O   . ASN A 1 7   ? -3.455  11.965  -4.746  1.00 62.39  ? 2350 ASN A O   1 
ATOM   32   C CB  . ASN A 1 7   ? -5.099  14.523  -4.575  1.00 65.84  ? 2350 ASN A CB  1 
ATOM   33   C CG  . ASN A 1 7   ? -5.414  15.963  -4.774  1.00 66.19  ? 2350 ASN A CG  1 
ATOM   34   O OD1 . ASN A 1 7   ? -4.700  16.825  -4.276  1.00 69.14  ? 2350 ASN A OD1 1 
ATOM   35   N ND2 . ASN A 1 7   ? -6.493  16.247  -5.489  1.00 65.72  ? 2350 ASN A ND2 1 
ATOM   36   N N   . CYS A 1 8   ? -3.291  12.546  -2.589  1.00 60.59  ? 2351 CYS A N   1 
ATOM   37   C CA  . CYS A 1 8   ? -3.112  11.171  -2.186  1.00 61.16  ? 2351 CYS A CA  1 
ATOM   38   C C   . CYS A 1 8   ? -3.670  10.866  -0.802  1.00 60.29  ? 2351 CYS A C   1 
ATOM   39   O O   . CYS A 1 8   ? -4.163  11.743  -0.100  1.00 60.75  ? 2351 CYS A O   1 
ATOM   40   C CB  . CYS A 1 8   ? -1.627  10.782  -2.265  1.00 61.19  ? 2351 CYS A CB  1 
ATOM   41   S SG  . CYS A 1 8   ? -0.539  11.610  -1.088  1.00 65.15  ? 2351 CYS A SG  1 
ATOM   42   N N   . VAL A 1 9   ? -3.600  9.597   -0.435  1.00 58.52  ? 2352 VAL A N   1 
ATOM   43   C CA  . VAL A 1 9   ? -4.082  9.124   0.841   1.00 57.63  ? 2352 VAL A CA  1 
ATOM   44   C C   . VAL A 1 9   ? -2.928  8.336   1.438   1.00 56.85  ? 2352 VAL A C   1 
ATOM   45   O O   . VAL A 1 9   ? -2.528  7.310   0.899   1.00 58.62  ? 2352 VAL A O   1 
ATOM   46   C CB  . VAL A 1 9   ? -5.332  8.195   0.637   1.00 59.00  ? 2352 VAL A CB  1 
ATOM   47   C CG1 . VAL A 1 9   ? -5.681  7.461   1.915   1.00 58.25  ? 2352 VAL A CG1 1 
ATOM   48   C CG2 . VAL A 1 9   ? -6.525  9.022   0.186   1.00 58.34  ? 2352 VAL A CG2 1 
ATOM   49   N N   . VAL A 1 10  ? -2.362  8.822   2.532   1.00 55.18  ? 2353 VAL A N   1 
ATOM   50   C CA  . VAL A 1 10  ? -1.261  8.102   3.173   1.00 53.59  ? 2353 VAL A CA  1 
ATOM   51   C C   . VAL A 1 10  ? -1.928  6.888   3.816   1.00 53.60  ? 2353 VAL A C   1 
ATOM   52   O O   . VAL A 1 10  ? -2.642  7.038   4.804   1.00 55.20  ? 2353 VAL A O   1 
ATOM   53   C CB  . VAL A 1 10  ? -0.603  8.974   4.270   1.00 51.26  ? 2353 VAL A CB  1 
ATOM   54   C CG1 . VAL A 1 10  ? 0.722   8.397   4.685   1.00 48.80  ? 2353 VAL A CG1 1 
ATOM   55   C CG2 . VAL A 1 10  ? -0.445  10.391  3.768   1.00 51.11  ? 2353 VAL A CG2 1 
ATOM   56   N N   . VAL A 1 11  ? -1.738  5.691   3.268   1.00 52.64  ? 2354 VAL A N   1 
ATOM   57   C CA  . VAL A 1 11  ? -2.405  4.551   3.882   1.00 53.51  ? 2354 VAL A CA  1 
ATOM   58   C C   . VAL A 1 11  ? -1.534  3.823   4.889   1.00 54.80  ? 2354 VAL A C   1 
ATOM   59   O O   . VAL A 1 11  ? -2.044  3.248   5.841   1.00 57.93  ? 2354 VAL A O   1 
ATOM   60   C CB  . VAL A 1 11  ? -2.969  3.525   2.837   1.00 50.08  ? 2354 VAL A CB  1 
ATOM   61   C CG1 . VAL A 1 11  ? -3.238  4.202   1.524   1.00 48.73  ? 2354 VAL A CG1 1 
ATOM   62   C CG2 . VAL A 1 11  ? -2.044  2.366   2.680   1.00 50.49  ? 2354 VAL A CG2 1 
ATOM   63   N N   . GLN A 1 12  ? -0.229  3.834   4.681   1.00 56.40  ? 2355 GLN A N   1 
ATOM   64   C CA  . GLN A 1 12  ? 0.680   3.175   5.607   1.00 58.09  ? 2355 GLN A CA  1 
ATOM   65   C C   . GLN A 1 12  ? 1.782   4.164   5.924   1.00 60.36  ? 2355 GLN A C   1 
ATOM   66   O O   . GLN A 1 12  ? 2.125   5.007   5.091   1.00 60.81  ? 2355 GLN A O   1 
ATOM   67   C CB  . GLN A 1 12  ? 1.279   1.923   4.980   1.00 58.89  ? 2355 GLN A CB  1 
ATOM   68   C CG  . GLN A 1 12  ? 2.272   1.233   5.871   1.00 59.40  ? 2355 GLN A CG  1 
ATOM   69   C CD  . GLN A 1 12  ? 1.640   0.729   7.147   1.00 62.28  ? 2355 GLN A CD  1 
ATOM   70   O OE1 . GLN A 1 12  ? 2.333   0.488   8.132   1.00 63.98  ? 2355 GLN A OE1 1 
ATOM   71   N NE2 . GLN A 1 12  ? 0.318   0.557   7.139   1.00 63.67  ? 2355 GLN A NE2 1 
ATOM   72   N N   . PHE A 1 13  ? 2.338   4.083   7.124   1.00 62.36  ? 2356 PHE A N   1 
ATOM   73   C CA  . PHE A 1 13  ? 3.385   5.022   7.487   1.00 63.80  ? 2356 PHE A CA  1 
ATOM   74   C C   . PHE A 1 13  ? 4.253   4.507   8.627   1.00 65.97  ? 2356 PHE A C   1 
ATOM   75   O O   . PHE A 1 13  ? 3.856   4.566   9.791   1.00 67.51  ? 2356 PHE A O   1 
ATOM   76   C CB  . PHE A 1 13  ? 2.735   6.358   7.839   1.00 61.36  ? 2356 PHE A CB  1 
ATOM   77   C CG  . PHE A 1 13  ? 3.694   7.490   7.969   1.00 61.45  ? 2356 PHE A CG  1 
ATOM   78   C CD1 . PHE A 1 13  ? 4.423   7.670   9.137   1.00 60.94  ? 2356 PHE A CD1 1 
ATOM   79   C CD2 . PHE A 1 13  ? 3.873   8.385   6.918   1.00 62.30  ? 2356 PHE A CD2 1 
ATOM   80   C CE1 . PHE A 1 13  ? 5.319   8.726   9.262   1.00 61.94  ? 2356 PHE A CE1 1 
ATOM   81   C CE2 . PHE A 1 13  ? 4.769   9.450   7.029   1.00 62.48  ? 2356 PHE A CE2 1 
ATOM   82   C CZ  . PHE A 1 13  ? 5.494   9.621   8.207   1.00 62.46  ? 2356 PHE A CZ  1 
ATOM   83   N N   . ASP A 1 14  ? 5.436   3.997   8.272   1.00 68.29  ? 2357 ASP A N   1 
ATOM   84   C CA  . ASP A 1 14  ? 6.401   3.453   9.229   1.00 71.04  ? 2357 ASP A CA  1 
ATOM   85   C C   . ASP A 1 14  ? 7.467   4.481   9.610   1.00 72.45  ? 2357 ASP A C   1 
ATOM   86   O O   . ASP A 1 14  ? 8.270   4.249   10.514  1.00 74.57  ? 2357 ASP A O   1 
ATOM   87   C CB  . ASP A 1 14  ? 7.099   2.229   8.638   1.00 72.59  ? 2357 ASP A CB  1 
ATOM   88   C CG  . ASP A 1 14  ? 6.132   1.273   7.971   1.00 75.01  ? 2357 ASP A CG  1 
ATOM   89   O OD1 . ASP A 1 14  ? 5.234   0.754   8.671   1.00 76.26  ? 2357 ASP A OD1 1 
ATOM   90   O OD2 . ASP A 1 14  ? 6.271   1.041   6.747   1.00 75.22  ? 2357 ASP A OD2 1 
ATOM   91   N N   . GLY A 1 15  ? 7.482   5.608   8.907   1.00 72.18  ? 2358 GLY A N   1 
ATOM   92   C CA  . GLY A 1 15  ? 8.446   6.652   9.186   1.00 71.46  ? 2358 GLY A CA  1 
ATOM   93   C C   . GLY A 1 15  ? 8.448   7.614   8.019   1.00 72.84  ? 2358 GLY A C   1 
ATOM   94   O O   . GLY A 1 15  ? 7.588   7.495   7.143   1.00 72.92  ? 2358 GLY A O   1 
ATOM   95   N N   . PRO A 1 16  ? 9.369   8.597   7.986   1.00 73.77  ? 2359 PRO A N   1 
ATOM   96   C CA  . PRO A 1 16  ? 9.433   9.560   6.876   1.00 73.87  ? 2359 PRO A CA  1 
ATOM   97   C C   . PRO A 1 16  ? 10.260  8.930   5.748   1.00 74.85  ? 2359 PRO A C   1 
ATOM   98   O O   . PRO A 1 16  ? 10.299  9.435   4.622   1.00 75.01  ? 2359 PRO A O   1 
ATOM   99   C CB  . PRO A 1 16  ? 10.152  10.763  7.490   1.00 73.19  ? 2359 PRO A CB  1 
ATOM   100  C CG  . PRO A 1 16  ? 10.011  10.554  8.990   1.00 73.40  ? 2359 PRO A CG  1 
ATOM   101  C CD  . PRO A 1 16  ? 10.173  9.074   9.124   1.00 72.58  ? 2359 PRO A CD  1 
ATOM   102  N N   . MET A 1 17  ? 10.926  7.824   6.086   1.00 74.66  ? 2360 MET A N   1 
ATOM   103  C CA  . MET A 1 17  ? 11.767  7.083   5.155   1.00 74.10  ? 2360 MET A CA  1 
ATOM   104  C C   . MET A 1 17  ? 11.021  5.934   4.481   1.00 72.24  ? 2360 MET A C   1 
ATOM   105  O O   . MET A 1 17  ? 11.407  5.482   3.398   1.00 73.12  ? 2360 MET A O   1 
ATOM   106  C CB  . MET A 1 17  ? 12.992  6.530   5.889   1.00 76.83  ? 2360 MET A CB  1 
ATOM   107  C CG  . MET A 1 17  ? 13.923  7.605   6.397   1.00 81.57  ? 2360 MET A CG  1 
ATOM   108  S SD  . MET A 1 17  ? 14.355  8.769   5.069   1.00 88.48  ? 2360 MET A SD  1 
ATOM   109  C CE  . MET A 1 17  ? 13.155  10.085  5.355   1.00 86.61  ? 2360 MET A CE  1 
ATOM   110  N N   . SER A 1 18  ? 9.955   5.459   5.116   1.00 68.30  ? 2361 SER A N   1 
ATOM   111  C CA  . SER A 1 18  ? 9.190   4.364   4.550   1.00 63.11  ? 2361 SER A CA  1 
ATOM   112  C C   . SER A 1 18  ? 7.688   4.496   4.746   1.00 60.44  ? 2361 SER A C   1 
ATOM   113  O O   . SER A 1 18  ? 7.164   4.231   5.823   1.00 60.81  ? 2361 SER A O   1 
ATOM   114  C CB  . SER A 1 18  ? 9.664   3.038   5.142   1.00 62.26  ? 2361 SER A CB  1 
ATOM   115  O OG  . SER A 1 18  ? 8.994   1.945   4.537   1.00 61.66  ? 2361 SER A OG  1 
ATOM   116  N N   . PHE A 1 19  ? 6.992   4.920   3.702   1.00 56.92  ? 2362 PHE A N   1 
ATOM   117  C CA  . PHE A 1 19  ? 5.548   5.029   3.786   1.00 53.81  ? 2362 PHE A CA  1 
ATOM   118  C C   . PHE A 1 19  ? 4.872   4.968   2.420   1.00 53.45  ? 2362 PHE A C   1 
ATOM   119  O O   . PHE A 1 19  ? 5.343   5.532   1.438   1.00 53.45  ? 2362 PHE A O   1 
ATOM   120  C CB  . PHE A 1 19  ? 5.139   6.295   4.533   1.00 50.51  ? 2362 PHE A CB  1 
ATOM   121  C CG  . PHE A 1 19  ? 5.452   7.557   3.813   1.00 48.04  ? 2362 PHE A CG  1 
ATOM   122  C CD1 . PHE A 1 19  ? 6.739   8.062   3.794   1.00 47.32  ? 2362 PHE A CD1 1 
ATOM   123  C CD2 . PHE A 1 19  ? 4.440   8.276   3.191   1.00 48.04  ? 2362 PHE A CD2 1 
ATOM   124  C CE1 . PHE A 1 19  ? 7.013   9.271   3.170   1.00 46.89  ? 2362 PHE A CE1 1 
ATOM   125  C CE2 . PHE A 1 19  ? 4.708   9.487   2.563   1.00 47.80  ? 2362 PHE A CE2 1 
ATOM   126  C CZ  . PHE A 1 19  ? 5.999   9.985   2.557   1.00 46.35  ? 2362 PHE A CZ  1 
ATOM   127  N N   . TYR A 1 20  ? 3.752   4.265   2.365   1.00 52.89  ? 2363 TYR A N   1 
ATOM   128  C CA  . TYR A 1 20  ? 3.030   4.106   1.121   1.00 51.21  ? 2363 TYR A CA  1 
ATOM   129  C C   . TYR A 1 20  ? 1.842   5.047   0.997   1.00 51.29  ? 2363 TYR A C   1 
ATOM   130  O O   . TYR A 1 20  ? 1.243   5.445   1.992   1.00 52.38  ? 2363 TYR A O   1 
ATOM   131  C CB  . TYR A 1 20  ? 2.568   2.663   1.007   1.00 49.03  ? 2363 TYR A CB  1 
ATOM   132  C CG  . TYR A 1 20  ? 3.681   1.684   1.254   1.00 49.72  ? 2363 TYR A CG  1 
ATOM   133  C CD1 . TYR A 1 20  ? 4.161   1.462   2.543   1.00 49.20  ? 2363 TYR A CD1 1 
ATOM   134  C CD2 . TYR A 1 20  ? 4.269   0.982   0.198   1.00 50.52  ? 2363 TYR A CD2 1 
ATOM   135  C CE1 . TYR A 1 20  ? 5.197   0.567   2.785   1.00 50.12  ? 2363 TYR A CE1 1 
ATOM   136  C CE2 . TYR A 1 20  ? 5.318   0.075   0.427   1.00 51.40  ? 2363 TYR A CE2 1 
ATOM   137  C CZ  . TYR A 1 20  ? 5.775   -0.127  1.726   1.00 50.71  ? 2363 TYR A CZ  1 
ATOM   138  O OH  . TYR A 1 20  ? 6.800   -1.014  1.972   1.00 50.00  ? 2363 TYR A OH  1 
ATOM   139  N N   . VAL A 1 21  ? 1.517   5.424   -0.230  1.00 50.49  ? 2364 VAL A N   1 
ATOM   140  C CA  . VAL A 1 21  ? 0.370   6.283   -0.462  1.00 50.84  ? 2364 VAL A CA  1 
ATOM   141  C C   . VAL A 1 21  ? -0.359  5.826   -1.734  1.00 51.73  ? 2364 VAL A C   1 
ATOM   142  O O   . VAL A 1 21  ? 0.133   4.982   -2.488  1.00 49.94  ? 2364 VAL A O   1 
ATOM   143  C CB  . VAL A 1 21  ? 0.783   7.794   -0.572  1.00 49.64  ? 2364 VAL A CB  1 
ATOM   144  C CG1 . VAL A 1 21  ? 1.650   8.179   0.608   1.00 50.59  ? 2364 VAL A CG1 1 
ATOM   145  C CG2 . VAL A 1 21  ? 1.511   8.067   -1.861  1.00 46.11  ? 2364 VAL A CG2 1 
ATOM   146  N N   . GLN A 1 22  ? -1.551  6.368   -1.942  1.00 52.91  ? 2365 GLN A N   1 
ATOM   147  C CA  . GLN A 1 22  ? -2.361  6.051   -3.102  1.00 55.17  ? 2365 GLN A CA  1 
ATOM   148  C C   . GLN A 1 22  ? -2.682  7.360   -3.796  1.00 57.03  ? 2365 GLN A C   1 
ATOM   149  O O   . GLN A 1 22  ? -3.255  8.267   -3.189  1.00 57.05  ? 2365 GLN A O   1 
ATOM   150  C CB  . GLN A 1 22  ? -3.667  5.369   -2.682  1.00 54.39  ? 2365 GLN A CB  1 
ATOM   151  C CG  . GLN A 1 22  ? -3.496  3.930   -2.226  1.00 55.56  ? 2365 GLN A CG  1 
ATOM   152  C CD  . GLN A 1 22  ? -4.773  3.334   -1.648  1.00 55.89  ? 2365 GLN A CD  1 
ATOM   153  O OE1 . GLN A 1 22  ? -4.847  2.134   -1.404  1.00 57.84  ? 2365 GLN A OE1 1 
ATOM   154  N NE2 . GLN A 1 22  ? -5.776  4.173   -1.418  1.00 53.21  ? 2365 GLN A NE2 1 
ATOM   155  N N   . MET A 1 23  ? -2.313  7.453   -5.066  1.00 58.44  ? 2366 MET A N   1 
ATOM   156  C CA  . MET A 1 23  ? -2.575  8.653   -5.834  1.00 60.62  ? 2366 MET A CA  1 
ATOM   157  C C   . MET A 1 23  ? -4.045  8.720   -6.222  1.00 62.48  ? 2366 MET A C   1 
ATOM   158  O O   . MET A 1 23  ? -4.642  7.734   -6.642  1.00 62.80  ? 2366 MET A O   1 
ATOM   159  C CB  . MET A 1 23  ? -1.715  8.653   -7.085  1.00 61.90  ? 2366 MET A CB  1 
ATOM   160  C CG  . MET A 1 23  ? -0.273  8.301   -6.805  1.00 65.05  ? 2366 MET A CG  1 
ATOM   161  S SD  . MET A 1 23  ? 0.495   9.490   -5.702  1.00 69.12  ? 2366 MET A SD  1 
ATOM   162  C CE  . MET A 1 23  ? 0.589   10.882  -6.799  1.00 67.53  ? 2366 MET A CE  1 
ATOM   163  N N   . GLU A 1 24  ? -4.630  9.896   -6.081  1.00 65.08  ? 2367 GLU A N   1 
ATOM   164  C CA  . GLU A 1 24  ? -6.029  10.080  -6.424  1.00 68.01  ? 2367 GLU A CA  1 
ATOM   165  C C   . GLU A 1 24  ? -6.319  9.639   -7.868  1.00 67.78  ? 2367 GLU A C   1 
ATOM   166  O O   . GLU A 1 24  ? -7.470  9.358   -8.217  1.00 69.64  ? 2367 GLU A O   1 
ATOM   167  C CB  . GLU A 1 24  ? -6.395  11.550  -6.235  1.00 71.15  ? 2367 GLU A CB  1 
ATOM   168  C CG  . GLU A 1 24  ? -7.879  11.848  -6.159  1.00 76.88  ? 2367 GLU A CG  1 
ATOM   169  C CD  . GLU A 1 24  ? -8.150  13.329  -5.885  1.00 80.46  ? 2367 GLU A CD  1 
ATOM   170  O OE1 . GLU A 1 24  ? -7.820  14.169  -6.759  1.00 81.19  ? 2367 GLU A OE1 1 
ATOM   171  O OE2 . GLU A 1 24  ? -8.685  13.651  -4.793  1.00 82.42  ? 2367 GLU A OE2 1 
ATOM   172  N N   . SER A 1 25  ? -5.287  9.565   -8.704  1.00 66.11  ? 2368 SER A N   1 
ATOM   173  C CA  . SER A 1 25  ? -5.487  9.171   -10.095 1.00 66.71  ? 2368 SER A CA  1 
ATOM   174  C C   . SER A 1 25  ? -5.515  7.652   -10.346 1.00 66.58  ? 2368 SER A C   1 
ATOM   175  O O   . SER A 1 25  ? -6.066  7.204   -11.352 1.00 66.24  ? 2368 SER A O   1 
ATOM   176  C CB  . SER A 1 25  ? -4.434  9.846   -10.997 1.00 67.58  ? 2368 SER A CB  1 
ATOM   177  O OG  . SER A 1 25  ? -3.101  9.467   -10.679 1.00 67.60  ? 2368 SER A OG  1 
ATOM   178  N N   . ASP A 1 26  ? -4.927  6.863   -9.448  1.00 65.99  ? 2369 ASP A N   1 
ATOM   179  C CA  . ASP A 1 26  ? -4.932  5.408   -9.603  1.00 66.43  ? 2369 ASP A CA  1 
ATOM   180  C C   . ASP A 1 26  ? -6.165  4.812   -8.947  1.00 65.60  ? 2369 ASP A C   1 
ATOM   181  O O   . ASP A 1 26  ? -6.386  3.603   -9.000  1.00 63.37  ? 2369 ASP A O   1 
ATOM   182  C CB  . ASP A 1 26  ? -3.695  4.782   -8.967  1.00 69.86  ? 2369 ASP A CB  1 
ATOM   183  C CG  . ASP A 1 26  ? -2.422  5.172   -9.671  1.00 73.78  ? 2369 ASP A CG  1 
ATOM   184  O OD1 . ASP A 1 26  ? -2.327  4.949   -10.906 1.00 75.64  ? 2369 ASP A OD1 1 
ATOM   185  O OD2 . ASP A 1 26  ? -1.516  5.701   -8.986  1.00 75.41  ? 2369 ASP A OD2 1 
ATOM   186  N N   . VAL A 1 27  ? -6.960  5.678   -8.321  1.00 65.24  ? 2370 VAL A N   1 
ATOM   187  C CA  . VAL A 1 27  ? -8.178  5.265   -7.640  1.00 63.51  ? 2370 VAL A CA  1 
ATOM   188  C C   . VAL A 1 27  ? -9.169  4.575   -8.572  1.00 62.14  ? 2370 VAL A C   1 
ATOM   189  O O   . VAL A 1 27  ? -9.698  3.522   -8.243  1.00 61.48  ? 2370 VAL A O   1 
ATOM   190  C CB  . VAL A 1 27  ? -8.847  6.475   -6.933  1.00 63.56  ? 2370 VAL A CB  1 
ATOM   191  C CG1 . VAL A 1 27  ? -10.267 6.129   -6.486  1.00 63.19  ? 2370 VAL A CG1 1 
ATOM   192  C CG2 . VAL A 1 27  ? -8.019  6.860   -5.728  1.00 61.94  ? 2370 VAL A CG2 1 
ATOM   193  N N   . PRO A 1 28  ? -9.432  5.154   -9.751  1.00 62.12  ? 2371 PRO A N   1 
ATOM   194  C CA  . PRO A 1 28  ? -10.383 4.480   -10.640 1.00 61.66  ? 2371 PRO A CA  1 
ATOM   195  C C   . PRO A 1 28  ? -9.992  3.028   -10.919 1.00 61.37  ? 2371 PRO A C   1 
ATOM   196  O O   . PRO A 1 28  ? -10.793 2.132   -10.702 1.00 62.18  ? 2371 PRO A O   1 
ATOM   197  C CB  . PRO A 1 28  ? -10.344 5.346   -11.892 1.00 61.30  ? 2371 PRO A CB  1 
ATOM   198  C CG  . PRO A 1 28  ? -10.109 6.706   -11.335 1.00 61.74  ? 2371 PRO A CG  1 
ATOM   199  C CD  . PRO A 1 28  ? -9.018  6.449   -10.316 1.00 61.89  ? 2371 PRO A CD  1 
ATOM   200  N N   . ALA A 1 29  ? -8.756  2.812   -11.380 1.00 60.78  ? 2372 ALA A N   1 
ATOM   201  C CA  . ALA A 1 29  ? -8.224  1.479   -11.705 1.00 59.52  ? 2372 ALA A CA  1 
ATOM   202  C C   . ALA A 1 29  ? -8.265  0.520   -10.520 1.00 60.58  ? 2372 ALA A C   1 
ATOM   203  O O   . ALA A 1 29  ? -8.598  -0.661  -10.665 1.00 59.81  ? 2372 ALA A O   1 
ATOM   204  C CB  . ALA A 1 29  ? -6.781  1.601   -12.214 1.00 57.66  ? 2372 ALA A CB  1 
ATOM   205  N N   . LEU A 1 30  ? -7.906  1.041   -9.350  1.00 61.44  ? 2373 LEU A N   1 
ATOM   206  C CA  . LEU A 1 30  ? -7.898  0.264   -8.122  1.00 62.00  ? 2373 LEU A CA  1 
ATOM   207  C C   . LEU A 1 30  ? -9.314  -0.176  -7.794  1.00 63.68  ? 2373 LEU A C   1 
ATOM   208  O O   . LEU A 1 30  ? -9.538  -1.300  -7.330  1.00 63.36  ? 2373 LEU A O   1 
ATOM   209  C CB  . LEU A 1 30  ? -7.342  1.107   -6.981  1.00 60.66  ? 2373 LEU A CB  1 
ATOM   210  C CG  . LEU A 1 30  ? -7.469  0.553   -5.563  1.00 60.16  ? 2373 LEU A CG  1 
ATOM   211  C CD1 . LEU A 1 30  ? -6.734  -0.771  -5.403  1.00 58.27  ? 2373 LEU A CD1 1 
ATOM   212  C CD2 . LEU A 1 30  ? -6.904  1.584   -4.627  1.00 62.13  ? 2373 LEU A CD2 1 
ATOM   213  N N   . GLU A 1 31  ? -10.264 0.726   -8.034  1.00 65.74  ? 2374 GLU A N   1 
ATOM   214  C CA  . GLU A 1 31  ? -11.677 0.458   -7.786  1.00 68.47  ? 2374 GLU A CA  1 
ATOM   215  C C   . GLU A 1 31  ? -12.125 -0.690  -8.681  1.00 68.15  ? 2374 GLU A C   1 
ATOM   216  O O   . GLU A 1 31  ? -12.933 -1.518  -8.277  1.00 67.99  ? 2374 GLU A O   1 
ATOM   217  C CB  . GLU A 1 31  ? -12.520 1.701   -8.084  1.00 72.13  ? 2374 GLU A CB  1 
ATOM   218  C CG  . GLU A 1 31  ? -12.296 2.874   -7.133  1.00 77.69  ? 2374 GLU A CG  1 
ATOM   219  C CD  . GLU A 1 31  ? -13.236 2.862   -5.932  1.00 82.05  ? 2374 GLU A CD  1 
ATOM   220  O OE1 . GLU A 1 31  ? -14.471 2.836   -6.140  1.00 85.16  ? 2374 GLU A OE1 1 
ATOM   221  O OE2 . GLU A 1 31  ? -12.747 2.893   -4.779  1.00 84.46  ? 2374 GLU A OE2 1 
ATOM   222  N N   . GLN A 1 32  ? -11.596 -0.739  -9.898  1.00 68.33  ? 2375 GLN A N   1 
ATOM   223  C CA  . GLN A 1 32  ? -11.955 -1.810  -10.806 1.00 69.80  ? 2375 GLN A CA  1 
ATOM   224  C C   . GLN A 1 32  ? -11.294 -3.118  -10.371 1.00 69.36  ? 2375 GLN A C   1 
ATOM   225  O O   . GLN A 1 32  ? -11.913 -4.185  -10.420 1.00 69.03  ? 2375 GLN A O   1 
ATOM   226  C CB  . GLN A 1 32  ? -11.535 -1.484  -12.232 1.00 72.23  ? 2375 GLN A CB  1 
ATOM   227  C CG  . GLN A 1 32  ? -11.593 -2.728  -13.116 1.00 79.31  ? 2375 GLN A CG  1 
ATOM   228  C CD  . GLN A 1 32  ? -11.407 -2.437  -14.586 1.00 82.47  ? 2375 GLN A CD  1 
ATOM   229  O OE1 . GLN A 1 32  ? -12.259 -1.792  -15.220 1.00 84.51  ? 2375 GLN A OE1 1 
ATOM   230  N NE2 . GLN A 1 32  ? -10.289 -2.912  -15.147 1.00 81.54  ? 2375 GLN A NE2 1 
ATOM   231  N N   . MET A 1 33  ? -10.030 -3.033  -9.964  1.00 68.12  ? 2376 MET A N   1 
ATOM   232  C CA  . MET A 1 33  ? -9.287  -4.198  -9.512  1.00 65.31  ? 2376 MET A CA  1 
ATOM   233  C C   . MET A 1 33  ? -10.111 -4.854  -8.421  1.00 64.06  ? 2376 MET A C   1 
ATOM   234  O O   . MET A 1 33  ? -10.281 -6.069  -8.388  1.00 61.32  ? 2376 MET A O   1 
ATOM   235  C CB  . MET A 1 33  ? -7.937  -3.761  -8.951  1.00 66.59  ? 2376 MET A CB  1 
ATOM   236  C CG  . MET A 1 33  ? -7.110  -4.879  -8.336  1.00 67.41  ? 2376 MET A CG  1 
ATOM   237  S SD  . MET A 1 33  ? -6.552  -6.053  -9.567  1.00 71.26  ? 2376 MET A SD  1 
ATOM   238  C CE  . MET A 1 33  ? -5.365  -5.018  -10.472 1.00 68.48  ? 2376 MET A CE  1 
ATOM   239  N N   . THR A 1 34  ? -10.637 -4.023  -7.534  1.00 64.74  ? 2377 THR A N   1 
ATOM   240  C CA  . THR A 1 34  ? -11.445 -4.505  -6.427  1.00 66.05  ? 2377 THR A CA  1 
ATOM   241  C C   . THR A 1 34  ? -12.724 -5.203  -6.908  1.00 68.11  ? 2377 THR A C   1 
ATOM   242  O O   . THR A 1 34  ? -13.060 -6.276  -6.406  1.00 68.76  ? 2377 THR A O   1 
ATOM   243  C CB  . THR A 1 34  ? -11.777 -3.351  -5.471  1.00 64.39  ? 2377 THR A CB  1 
ATOM   244  O OG1 . THR A 1 34  ? -10.583 -2.595  -5.236  1.00 62.97  ? 2377 THR A OG1 1 
ATOM   245  C CG2 . THR A 1 34  ? -12.280 -3.883  -4.142  1.00 61.19  ? 2377 THR A CG2 1 
ATOM   246  N N   . ASP A 1 35  ? -13.428 -4.611  -7.877  1.00 69.79  ? 2378 ASP A N   1 
ATOM   247  C CA  . ASP A 1 35  ? -14.642 -5.239  -8.413  1.00 70.92  ? 2378 ASP A CA  1 
ATOM   248  C C   . ASP A 1 35  ? -14.257 -6.602  -8.973  1.00 70.47  ? 2378 ASP A C   1 
ATOM   249  O O   . ASP A 1 35  ? -14.841 -7.617  -8.614  1.00 71.66  ? 2378 ASP A O   1 
ATOM   250  C CB  . ASP A 1 35  ? -15.261 -4.433  -9.565  1.00 73.37  ? 2378 ASP A CB  1 
ATOM   251  C CG  . ASP A 1 35  ? -15.482 -2.973  -9.223  1.00 76.74  ? 2378 ASP A CG  1 
ATOM   252  O OD1 . ASP A 1 35  ? -15.938 -2.682  -8.091  1.00 80.34  ? 2378 ASP A OD1 1 
ATOM   253  O OD2 . ASP A 1 35  ? -15.213 -2.117  -10.101 1.00 76.13  ? 2378 ASP A OD2 1 
ATOM   254  N N   . LYS A 1 36  ? -13.268 -6.608  -9.860  1.00 69.21  ? 2379 LYS A N   1 
ATOM   255  C CA  . LYS A 1 36  ? -12.802 -7.832  -10.496 1.00 69.92  ? 2379 LYS A CA  1 
ATOM   256  C C   . LYS A 1 36  ? -12.340 -8.909  -9.527  1.00 70.88  ? 2379 LYS A C   1 
ATOM   257  O O   . LYS A 1 36  ? -12.549 -10.094 -9.775  1.00 70.72  ? 2379 LYS A O   1 
ATOM   258  C CB  . LYS A 1 36  ? -11.682 -7.506  -11.486 1.00 69.71  ? 2379 LYS A CB  1 
ATOM   259  C CG  . LYS A 1 36  ? -12.171 -6.832  -12.758 1.00 70.29  ? 2379 LYS A CG  1 
ATOM   260  C CD  . LYS A 1 36  ? -11.029 -6.212  -13.538 1.00 71.85  ? 2379 LYS A CD  1 
ATOM   261  C CE  . LYS A 1 36  ? -11.390 -6.026  -15.012 1.00 73.84  ? 2379 LYS A CE  1 
ATOM   262  N NZ  . LYS A 1 36  ? -11.311 -7.312  -15.792 1.00 75.40  ? 2379 LYS A NZ  1 
ATOM   263  N N   . LEU A 1 37  ? -11.714 -8.508  -8.424  1.00 72.13  ? 2380 LEU A N   1 
ATOM   264  C CA  . LEU A 1 37  ? -11.238 -9.476  -7.442  1.00 72.55  ? 2380 LEU A CA  1 
ATOM   265  C C   . LEU A 1 37  ? -12.351 -9.945  -6.516  1.00 75.00  ? 2380 LEU A C   1 
ATOM   266  O O   . LEU A 1 37  ? -12.225 -10.972 -5.839  1.00 75.51  ? 2380 LEU A O   1 
ATOM   267  C CB  . LEU A 1 37  ? -10.107 -8.884  -6.606  1.00 68.85  ? 2380 LEU A CB  1 
ATOM   268  C CG  . LEU A 1 37  ? -8.685  -9.133  -7.094  1.00 67.45  ? 2380 LEU A CG  1 
ATOM   269  C CD1 . LEU A 1 37  ? -7.727  -8.606  -6.054  1.00 66.18  ? 2380 LEU A CD1 1 
ATOM   270  C CD2 . LEU A 1 37  ? -8.445  -10.620 -7.313  1.00 65.64  ? 2380 LEU A CD2 1 
ATOM   271  N N   . LEU A 1 38  ? -13.440 -9.189  -6.481  1.00 77.53  ? 2381 LEU A N   1 
ATOM   272  C CA  . LEU A 1 38  ? -14.563 -9.541  -5.628  1.00 79.84  ? 2381 LEU A CA  1 
ATOM   273  C C   . LEU A 1 38  ? -15.521 -10.408 -6.427  1.00 81.00  ? 2381 LEU A C   1 
ATOM   274  O O   . LEU A 1 38  ? -16.085 -11.367 -5.907  1.00 80.67  ? 2381 LEU A O   1 
ATOM   275  C CB  . LEU A 1 38  ? -15.255 -8.272  -5.136  1.00 79.58  ? 2381 LEU A CB  1 
ATOM   276  C CG  . LEU A 1 38  ? -15.915 -8.338  -3.759  1.00 81.49  ? 2381 LEU A CG  1 
ATOM   277  C CD1 . LEU A 1 38  ? -15.172 -9.316  -2.855  1.00 82.18  ? 2381 LEU A CD1 1 
ATOM   278  C CD2 . LEU A 1 38  ? -15.921 -6.942  -3.145  1.00 81.13  ? 2381 LEU A CD2 1 
ATOM   279  N N   . ASP A 1 39  ? -15.662 -10.063 -7.706  1.00 83.13  ? 2382 ASP A N   1 
ATOM   280  C CA  . ASP A 1 39  ? -16.524 -10.764 -8.653  1.00 84.31  ? 2382 ASP A CA  1 
ATOM   281  C C   . ASP A 1 39  ? -15.992 -12.174 -8.952  1.00 84.29  ? 2382 ASP A C   1 
ATOM   282  O O   . ASP A 1 39  ? -16.743 -13.043 -9.389  1.00 85.51  ? 2382 ASP A O   1 
ATOM   283  C CB  . ASP A 1 39  ? -16.609 -9.952  -9.955  1.00 86.33  ? 2382 ASP A CB  1 
ATOM   284  C CG  . ASP A 1 39  ? -17.785 -10.364 -10.845 1.00 90.14  ? 2382 ASP A CG  1 
ATOM   285  O OD1 . ASP A 1 39  ? -17.914 -11.572 -11.156 1.00 92.04  ? 2382 ASP A OD1 1 
ATOM   286  O OD2 . ASP A 1 39  ? -18.578 -9.474  -11.248 1.00 90.11  ? 2382 ASP A OD2 1 
ATOM   287  N N   . ALA A 1 40  ? -14.704 -12.403 -8.705  1.00 84.23  ? 2383 ALA A N   1 
ATOM   288  C CA  . ALA A 1 40  ? -14.088 -13.707 -8.965  1.00 83.64  ? 2383 ALA A CA  1 
ATOM   289  C C   . ALA A 1 40  ? -13.484 -14.381 -7.726  1.00 84.12  ? 2383 ALA A C   1 
ATOM   290  O O   . ALA A 1 40  ? -13.026 -15.521 -7.801  1.00 84.14  ? 2383 ALA A O   1 
ATOM   291  C CB  . ALA A 1 40  ? -13.009 -13.557 -10.033 1.00 83.05  ? 2383 ALA A CB  1 
ATOM   292  N N   . GLU A 1 41  ? -13.485 -13.682 -6.593  1.00 84.33  ? 2384 GLU A N   1 
ATOM   293  C CA  . GLU A 1 41  ? -12.905 -14.200 -5.355  1.00 83.99  ? 2384 GLU A CA  1 
ATOM   294  C C   . GLU A 1 41  ? -13.179 -15.668 -5.022  1.00 82.92  ? 2384 GLU A C   1 
ATOM   295  O O   . GLU A 1 41  ? -12.260 -16.426 -4.700  1.00 81.70  ? 2384 GLU A O   1 
ATOM   296  C CB  . GLU A 1 41  ? -13.366 -13.340 -4.181  1.00 86.71  ? 2384 GLU A CB  1 
ATOM   297  C CG  . GLU A 1 41  ? -12.718 -13.717 -2.853  1.00 89.96  ? 2384 GLU A CG  1 
ATOM   298  C CD  . GLU A 1 41  ? -13.293 -12.940 -1.681  1.00 91.04  ? 2384 GLU A CD  1 
ATOM   299  O OE1 . GLU A 1 41  ? -14.489 -13.137 -1.377  1.00 91.54  ? 2384 GLU A OE1 1 
ATOM   300  O OE2 . GLU A 1 41  ? -12.553 -12.132 -1.072  1.00 91.22  ? 2384 GLU A OE2 1 
ATOM   301  N N   . GLN A 1 42  ? -14.449 -16.054 -5.100  1.00 82.28  ? 2385 GLN A N   1 
ATOM   302  C CA  . GLN A 1 42  ? -14.906 -17.407 -4.777  1.00 80.47  ? 2385 GLN A CA  1 
ATOM   303  C C   . GLN A 1 42  ? -14.479 -18.530 -5.716  1.00 78.72  ? 2385 GLN A C   1 
ATOM   304  O O   . GLN A 1 42  ? -14.355 -19.681 -5.297  1.00 78.39  ? 2385 GLN A O   1 
ATOM   305  C CB  . GLN A 1 42  ? -16.428 -17.406 -4.681  1.00 82.19  ? 2385 GLN A CB  1 
ATOM   306  C CG  . GLN A 1 42  ? -17.045 -18.744 -4.310  1.00 84.30  ? 2385 GLN A CG  1 
ATOM   307  C CD  . GLN A 1 42  ? -16.682 -19.188 -2.906  1.00 84.67  ? 2385 GLN A CD  1 
ATOM   308  O OE1 . GLN A 1 42  ? -15.742 -19.960 -2.705  1.00 83.24  ? 2385 GLN A OE1 1 
ATOM   309  N NE2 . GLN A 1 42  ? -17.427 -18.690 -1.921  1.00 85.69  ? 2385 GLN A NE2 1 
ATOM   310  N N   . ASP A 1 43  ? -14.263 -18.205 -6.985  1.00 77.30  ? 2386 ASP A N   1 
ATOM   311  C CA  . ASP A 1 43  ? -13.878 -19.214 -7.967  1.00 75.84  ? 2386 ASP A CA  1 
ATOM   312  C C   . ASP A 1 43  ? -12.367 -19.399 -8.086  1.00 73.47  ? 2386 ASP A C   1 
ATOM   313  O O   . ASP A 1 43  ? -11.909 -20.304 -8.776  1.00 72.92  ? 2386 ASP A O   1 
ATOM   314  C CB  . ASP A 1 43  ? -14.451 -18.849 -9.340  1.00 77.53  ? 2386 ASP A CB  1 
ATOM   315  C CG  . ASP A 1 43  ? -15.846 -18.228 -9.252  1.00 80.52  ? 2386 ASP A CG  1 
ATOM   316  O OD1 . ASP A 1 43  ? -16.769 -18.892 -8.726  1.00 79.93  ? 2386 ASP A OD1 1 
ATOM   317  O OD2 . ASP A 1 43  ? -16.015 -17.070 -9.714  1.00 81.79  ? 2386 ASP A OD2 1 
ATOM   318  N N   . LEU A 1 44  ? -11.591 -18.558 -7.411  1.00 70.99  ? 2387 LEU A N   1 
ATOM   319  C CA  . LEU A 1 44  ? -10.136 -18.665 -7.489  1.00 69.60  ? 2387 LEU A CA  1 
ATOM   320  C C   . LEU A 1 44  ? -9.575  -19.911 -6.795  1.00 69.62  ? 2387 LEU A C   1 
ATOM   321  O O   . LEU A 1 44  ? -9.898  -20.194 -5.638  1.00 69.28  ? 2387 LEU A O   1 
ATOM   322  C CB  . LEU A 1 44  ? -9.481  -17.406 -6.912  1.00 66.51  ? 2387 LEU A CB  1 
ATOM   323  C CG  . LEU A 1 44  ? -9.786  -16.092 -7.641  1.00 65.05  ? 2387 LEU A CG  1 
ATOM   324  C CD1 . LEU A 1 44  ? -9.057  -14.949 -6.958  1.00 62.83  ? 2387 LEU A CD1 1 
ATOM   325  C CD2 . LEU A 1 44  ? -9.364  -16.190 -9.095  1.00 64.12  ? 2387 LEU A CD2 1 
ATOM   326  N N   . PRO A 1 45  ? -8.729  -20.682 -7.504  1.00 69.23  ? 2388 PRO A N   1 
ATOM   327  C CA  . PRO A 1 45  ? -8.124  -21.898 -6.950  1.00 68.84  ? 2388 PRO A CA  1 
ATOM   328  C C   . PRO A 1 45  ? -7.183  -21.546 -5.811  1.00 68.79  ? 2388 PRO A C   1 
ATOM   329  O O   . PRO A 1 45  ? -6.720  -20.419 -5.716  1.00 70.65  ? 2388 PRO A O   1 
ATOM   330  C CB  . PRO A 1 45  ? -7.378  -22.478 -8.142  1.00 67.89  ? 2388 PRO A CB  1 
ATOM   331  C CG  . PRO A 1 45  ? -6.933  -21.251 -8.855  1.00 67.85  ? 2388 PRO A CG  1 
ATOM   332  C CD  . PRO A 1 45  ? -8.199  -20.419 -8.854  1.00 68.17  ? 2388 PRO A CD  1 
ATOM   333  N N   . ALA A 1 46  ? -6.897  -22.505 -4.945  1.00 69.15  ? 2389 ALA A N   1 
ATOM   334  C CA  . ALA A 1 46  ? -5.996  -22.236 -3.836  1.00 69.60  ? 2389 ALA A CA  1 
ATOM   335  C C   . ALA A 1 46  ? -4.553  -22.104 -4.335  1.00 70.71  ? 2389 ALA A C   1 
ATOM   336  O O   . ALA A 1 46  ? -4.102  -22.863 -5.193  1.00 71.67  ? 2389 ALA A O   1 
ATOM   337  C CB  . ALA A 1 46  ? -6.095  -23.349 -2.798  1.00 67.41  ? 2389 ALA A CB  1 
ATOM   338  N N   . PHE A 1 47  ? -3.841  -21.118 -3.801  1.00 71.52  ? 2390 PHE A N   1 
ATOM   339  C CA  . PHE A 1 47  ? -2.449  -20.872 -4.145  1.00 71.02  ? 2390 PHE A CA  1 
ATOM   340  C C   . PHE A 1 47  ? -1.667  -21.458 -2.990  1.00 72.70  ? 2390 PHE A C   1 
ATOM   341  O O   . PHE A 1 47  ? -1.808  -20.995 -1.866  1.00 72.80  ? 2390 PHE A O   1 
ATOM   342  C CB  . PHE A 1 47  ? -2.191  -19.368 -4.225  1.00 69.38  ? 2390 PHE A CB  1 
ATOM   343  C CG  . PHE A 1 47  ? -0.745  -19.003 -4.386  1.00 68.55  ? 2390 PHE A CG  1 
ATOM   344  C CD1 . PHE A 1 47  ? -0.125  -19.081 -5.627  1.00 68.74  ? 2390 PHE A CD1 1 
ATOM   345  C CD2 . PHE A 1 47  ? 0.003   -18.581 -3.294  1.00 68.87  ? 2390 PHE A CD2 1 
ATOM   346  C CE1 . PHE A 1 47  ? 1.224   -18.741 -5.781  1.00 67.88  ? 2390 PHE A CE1 1 
ATOM   347  C CE2 . PHE A 1 47  ? 1.351   -18.240 -3.438  1.00 69.72  ? 2390 PHE A CE2 1 
ATOM   348  C CZ  . PHE A 1 47  ? 1.962   -18.321 -4.689  1.00 68.35  ? 2390 PHE A CZ  1 
ATOM   349  N N   . SER A 1 48  ? -0.855  -22.477 -3.246  1.00 75.98  ? 2391 SER A N   1 
ATOM   350  C CA  . SER A 1 48  ? -0.081  -23.075 -2.162  1.00 78.96  ? 2391 SER A CA  1 
ATOM   351  C C   . SER A 1 48  ? 1.443   -23.020 -2.304  1.00 80.65  ? 2391 SER A C   1 
ATOM   352  O O   . SER A 1 48  ? 2.160   -23.607 -1.492  1.00 81.34  ? 2391 SER A O   1 
ATOM   353  C CB  . SER A 1 48  ? -0.531  -24.512 -1.934  1.00 78.35  ? 2391 SER A CB  1 
ATOM   354  O OG  . SER A 1 48  ? -0.595  -25.196 -3.163  1.00 82.00  ? 2391 SER A OG  1 
ATOM   355  N N   . ASP A 1 49  ? 1.944   -22.320 -3.323  1.00 82.17  ? 2392 ASP A N   1 
ATOM   356  C CA  . ASP A 1 49  ? 3.391   -22.185 -3.496  1.00 83.73  ? 2392 ASP A CA  1 
ATOM   357  C C   . ASP A 1 49  ? 3.849   -20.956 -2.711  1.00 83.53  ? 2392 ASP A C   1 
ATOM   358  O O   . ASP A 1 49  ? 4.150   -19.909 -3.289  1.00 83.33  ? 2392 ASP A O   1 
ATOM   359  C CB  . ASP A 1 49  ? 3.764   -22.001 -4.970  1.00 85.80  ? 2392 ASP A CB  1 
ATOM   360  C CG  . ASP A 1 49  ? 5.248   -21.685 -5.160  1.00 88.01  ? 2392 ASP A CG  1 
ATOM   361  O OD1 . ASP A 1 49  ? 6.079   -22.619 -5.070  1.00 88.43  ? 2392 ASP A OD1 1 
ATOM   362  O OD2 . ASP A 1 49  ? 5.583   -20.494 -5.384  1.00 88.14  ? 2392 ASP A OD2 1 
ATOM   363  N N   . LEU A 1 50  ? 3.900   -21.095 -1.390  1.00 83.65  ? 2393 LEU A N   1 
ATOM   364  C CA  . LEU A 1 50  ? 4.293   -19.993 -0.514  1.00 83.77  ? 2393 LEU A CA  1 
ATOM   365  C C   . LEU A 1 50  ? 5.803   -19.805 -0.441  1.00 82.94  ? 2393 LEU A C   1 
ATOM   366  O O   . LEU A 1 50  ? 6.484   -20.498 0.309   1.00 84.11  ? 2393 LEU A O   1 
ATOM   367  C CB  . LEU A 1 50  ? 3.752   -20.237 0.898   1.00 83.71  ? 2393 LEU A CB  1 
ATOM   368  C CG  . LEU A 1 50  ? 2.288   -20.666 1.010   1.00 83.61  ? 2393 LEU A CG  1 
ATOM   369  C CD1 . LEU A 1 50  ? 1.959   -20.909 2.475   1.00 83.84  ? 2393 LEU A CD1 1 
ATOM   370  C CD2 . LEU A 1 50  ? 1.379   -19.597 0.417   1.00 83.51  ? 2393 LEU A CD2 1 
ATOM   371  N N   . LYS A 1 51  ? 6.324   -18.863 -1.215  1.00 81.68  ? 2394 LYS A N   1 
ATOM   372  C CA  . LYS A 1 51  ? 7.757   -18.593 -1.214  1.00 80.74  ? 2394 LYS A CA  1 
ATOM   373  C C   . LYS A 1 51  ? 7.952   -17.075 -1.220  1.00 79.77  ? 2394 LYS A C   1 
ATOM   374  O O   . LYS A 1 51  ? 7.157   -16.339 -1.817  1.00 79.17  ? 2394 LYS A O   1 
ATOM   375  C CB  . LYS A 1 51  ? 8.420   -19.217 -2.454  1.00 81.41  ? 2394 LYS A CB  1 
ATOM   376  C CG  . LYS A 1 51  ? 7.938   -18.614 -3.774  1.00 82.74  ? 2394 LYS A CG  1 
ATOM   377  C CD  . LYS A 1 51  ? 8.647   -19.178 -5.006  1.00 83.73  ? 2394 LYS A CD  1 
ATOM   378  C CE  . LYS A 1 51  ? 8.241   -18.390 -6.262  1.00 84.18  ? 2394 LYS A CE  1 
ATOM   379  N NZ  . LYS A 1 51  ? 8.753   -18.966 -7.547  1.00 83.43  ? 2394 LYS A NZ  1 
ATOM   380  N N   . GLU A 1 52  ? 8.995   -16.605 -0.543  1.00 77.45  ? 2395 GLU A N   1 
ATOM   381  C CA  . GLU A 1 52  ? 9.260   -15.178 -0.495  1.00 75.83  ? 2395 GLU A CA  1 
ATOM   382  C C   . GLU A 1 52  ? 9.285   -14.563 -1.890  1.00 74.18  ? 2395 GLU A C   1 
ATOM   383  O O   . GLU A 1 52  ? 10.028  -15.021 -2.759  1.00 74.86  ? 2395 GLU A O   1 
ATOM   384  C CB  . GLU A 1 52  ? 10.591  -14.906 0.202   1.00 76.62  ? 2395 GLU A CB  1 
ATOM   385  C CG  . GLU A 1 52  ? 10.550  -15.078 1.710   1.00 79.53  ? 2395 GLU A CG  1 
ATOM   386  C CD  . GLU A 1 52  ? 11.779  -14.484 2.389   1.00 81.44  ? 2395 GLU A CD  1 
ATOM   387  O OE1 . GLU A 1 52  ? 12.301  -13.470 1.871   1.00 82.86  ? 2395 GLU A OE1 1 
ATOM   388  O OE2 . GLU A 1 52  ? 12.213  -15.015 3.440   1.00 80.06  ? 2395 GLU A OE2 1 
ATOM   389  N N   . GLY A 1 53  ? 8.460   -13.533 -2.097  1.00 71.71  ? 2396 GLY A N   1 
ATOM   390  C CA  . GLY A 1 53  ? 8.410   -12.845 -3.378  1.00 67.59  ? 2396 GLY A CA  1 
ATOM   391  C C   . GLY A 1 53  ? 7.215   -13.145 -4.266  1.00 65.65  ? 2396 GLY A C   1 
ATOM   392  O O   . GLY A 1 53  ? 6.800   -12.300 -5.068  1.00 63.99  ? 2396 GLY A O   1 
ATOM   393  N N   . ALA A 1 54  ? 6.657   -14.343 -4.121  1.00 63.91  ? 2397 ALA A N   1 
ATOM   394  C CA  . ALA A 1 54  ? 5.519   -14.774 -4.926  1.00 62.99  ? 2397 ALA A CA  1 
ATOM   395  C C   . ALA A 1 54  ? 4.327   -13.828 -4.879  1.00 62.75  ? 2397 ALA A C   1 
ATOM   396  O O   . ALA A 1 54  ? 4.025   -13.249 -3.839  1.00 64.30  ? 2397 ALA A O   1 
ATOM   397  C CB  . ALA A 1 54  ? 5.080   -16.161 -4.488  1.00 62.46  ? 2397 ALA A CB  1 
ATOM   398  N N   . LEU A 1 55  ? 3.656   -13.673 -6.015  1.00 60.78  ? 2398 LEU A N   1 
ATOM   399  C CA  . LEU A 1 55  ? 2.474   -12.830 -6.099  1.00 59.25  ? 2398 LEU A CA  1 
ATOM   400  C C   . LEU A 1 55  ? 1.265   -13.743 -5.993  1.00 59.90  ? 2398 LEU A C   1 
ATOM   401  O O   . LEU A 1 55  ? 1.273   -14.853 -6.502  1.00 61.49  ? 2398 LEU A O   1 
ATOM   402  C CB  . LEU A 1 55  ? 2.422   -12.094 -7.426  1.00 58.52  ? 2398 LEU A CB  1 
ATOM   403  C CG  . LEU A 1 55  ? 2.419   -10.576 -7.330  1.00 60.27  ? 2398 LEU A CG  1 
ATOM   404  C CD1 . LEU A 1 55  ? 3.820   -10.100 -6.974  1.00 61.33  ? 2398 LEU A CD1 1 
ATOM   405  C CD2 . LEU A 1 55  ? 1.978   -9.981  -8.656  1.00 60.48  ? 2398 LEU A CD2 1 
ATOM   406  N N   . CYS A 1 56  ? 0.220   -13.275 -5.331  1.00 60.61  ? 2399 CYS A N   1 
ATOM   407  C CA  . CYS A 1 56  ? -0.982  -14.073 -5.157  1.00 60.60  ? 2399 CYS A CA  1 
ATOM   408  C C   . CYS A 1 56  ? -2.069  -13.119 -4.708  1.00 59.60  ? 2399 CYS A C   1 
ATOM   409  O O   . CYS A 1 56  ? -1.926  -11.899 -4.835  1.00 59.50  ? 2399 CYS A O   1 
ATOM   410  C CB  . CYS A 1 56  ? -0.756  -15.135 -4.073  1.00 61.97  ? 2399 CYS A CB  1 
ATOM   411  S SG  . CYS A 1 56  ? -0.360  -14.456 -2.395  1.00 66.39  ? 2399 CYS A SG  1 
ATOM   412  N N   . VAL A 1 57  ? -3.156  -13.680 -4.194  1.00 58.06  ? 2400 VAL A N   1 
ATOM   413  C CA  . VAL A 1 57  ? -4.257  -12.884 -3.673  1.00 56.32  ? 2400 VAL A CA  1 
ATOM   414  C C   . VAL A 1 57  ? -4.435  -13.370 -2.234  1.00 54.87  ? 2400 VAL A C   1 
ATOM   415  O O   . VAL A 1 57  ? -4.816  -14.512 -2.013  1.00 55.37  ? 2400 VAL A O   1 
ATOM   416  C CB  . VAL A 1 57  ? -5.542  -13.119 -4.492  1.00 55.48  ? 2400 VAL A CB  1 
ATOM   417  C CG1 . VAL A 1 57  ? -6.664  -12.273 -3.964  1.00 55.98  ? 2400 VAL A CG1 1 
ATOM   418  C CG2 . VAL A 1 57  ? -5.302  -12.764 -5.934  1.00 55.64  ? 2400 VAL A CG2 1 
ATOM   419  N N   . ALA A 1 58  ? -4.121  -12.522 -1.258  1.00 53.82  ? 2401 ALA A N   1 
ATOM   420  C CA  . ALA A 1 58  ? -4.244  -12.903 0.152   1.00 52.56  ? 2401 ALA A CA  1 
ATOM   421  C C   . ALA A 1 58  ? -5.400  -12.190 0.858   1.00 52.83  ? 2401 ALA A C   1 
ATOM   422  O O   . ALA A 1 58  ? -5.790  -11.093 0.481   1.00 51.44  ? 2401 ALA A O   1 
ATOM   423  C CB  . ALA A 1 58  ? -2.941  -12.625 0.882   1.00 48.27  ? 2401 ALA A CB  1 
ATOM   424  N N   . GLN A 1 59  ? -5.936  -12.826 1.895   1.00 54.75  ? 2402 GLN A N   1 
ATOM   425  C CA  . GLN A 1 59  ? -7.055  -12.272 2.640   1.00 56.18  ? 2402 GLN A CA  1 
ATOM   426  C C   . GLN A 1 59  ? -6.613  -11.338 3.765   1.00 57.01  ? 2402 GLN A C   1 
ATOM   427  O O   . GLN A 1 59  ? -5.746  -11.679 4.577   1.00 56.25  ? 2402 GLN A O   1 
ATOM   428  C CB  . GLN A 1 59  ? -7.914  -13.405 3.200   1.00 57.49  ? 2402 GLN A CB  1 
ATOM   429  C CG  . GLN A 1 59  ? -9.191  -12.939 3.879   1.00 61.11  ? 2402 GLN A CG  1 
ATOM   430  C CD  . GLN A 1 59  ? -9.927  -14.074 4.574   1.00 62.77  ? 2402 GLN A CD  1 
ATOM   431  O OE1 . GLN A 1 59  ? -9.356  -14.797 5.399   1.00 64.63  ? 2402 GLN A OE1 1 
ATOM   432  N NE2 . GLN A 1 59  ? -11.199 -14.230 4.251   1.00 63.13  ? 2402 GLN A NE2 1 
ATOM   433  N N   . PHE A 1 60  ? -7.221  -10.152 3.784   1.00 58.02  ? 2403 PHE A N   1 
ATOM   434  C CA  . PHE A 1 60  ? -6.939  -9.117  4.763   1.00 59.45  ? 2403 PHE A CA  1 
ATOM   435  C C   . PHE A 1 60  ? -7.824  -9.357  5.964   1.00 63.73  ? 2403 PHE A C   1 
ATOM   436  O O   . PHE A 1 60  ? -9.036  -9.103  5.909   1.00 64.89  ? 2403 PHE A O   1 
ATOM   437  C CB  . PHE A 1 60  ? -7.244  -7.743  4.175   1.00 55.43  ? 2403 PHE A CB  1 
ATOM   438  C CG  . PHE A 1 60  ? -6.944  -6.598  5.106   1.00 50.73  ? 2403 PHE A CG  1 
ATOM   439  C CD1 . PHE A 1 60  ? -5.877  -6.663  5.987   1.00 49.52  ? 2403 PHE A CD1 1 
ATOM   440  C CD2 . PHE A 1 60  ? -7.677  -5.419  5.034   1.00 49.34  ? 2403 PHE A CD2 1 
ATOM   441  C CE1 . PHE A 1 60  ? -5.538  -5.567  6.782   1.00 48.90  ? 2403 PHE A CE1 1 
ATOM   442  C CE2 . PHE A 1 60  ? -7.348  -4.313  5.823   1.00 48.31  ? 2403 PHE A CE2 1 
ATOM   443  C CZ  . PHE A 1 60  ? -6.275  -4.388  6.697   1.00 47.34  ? 2403 PHE A CZ  1 
ATOM   444  N N   . PRO A 1 61  ? -7.224  -9.821  7.077   1.00 65.98  ? 2404 PRO A N   1 
ATOM   445  C CA  . PRO A 1 61  ? -7.897  -10.127 8.347   1.00 67.20  ? 2404 PRO A CA  1 
ATOM   446  C C   . PRO A 1 61  ? -9.037  -9.186  8.758   1.00 67.79  ? 2404 PRO A C   1 
ATOM   447  O O   . PRO A 1 61  ? -10.084 -9.643  9.217   1.00 67.59  ? 2404 PRO A O   1 
ATOM   448  C CB  . PRO A 1 61  ? -6.743  -10.139 9.344   1.00 68.00  ? 2404 PRO A CB  1 
ATOM   449  C CG  . PRO A 1 61  ? -5.614  -10.711 8.510   1.00 67.40  ? 2404 PRO A CG  1 
ATOM   450  C CD  . PRO A 1 61  ? -5.758  -9.915  7.229   1.00 65.57  ? 2404 PRO A CD  1 
ATOM   451  N N   . GLU A 1 62  ? -8.838  -7.884  8.587   1.00 68.88  ? 2405 GLU A N   1 
ATOM   452  C CA  . GLU A 1 62  ? -9.855  -6.900  8.945   1.00 70.80  ? 2405 GLU A CA  1 
ATOM   453  C C   . GLU A 1 62  ? -11.101 -6.947  8.069   1.00 71.86  ? 2405 GLU A C   1 
ATOM   454  O O   . GLU A 1 62  ? -12.215 -6.719  8.542   1.00 72.80  ? 2405 GLU A O   1 
ATOM   455  C CB  . GLU A 1 62  ? -9.291  -5.487  8.859   1.00 72.79  ? 2405 GLU A CB  1 
ATOM   456  C CG  . GLU A 1 62  ? -8.543  -5.031  10.083  1.00 78.14  ? 2405 GLU A CG  1 
ATOM   457  C CD  . GLU A 1 62  ? -8.770  -3.557  10.374  1.00 80.26  ? 2405 GLU A CD  1 
ATOM   458  O OE1 . GLU A 1 62  ? -8.581  -2.730  9.452   1.00 82.81  ? 2405 GLU A OE1 1 
ATOM   459  O OE2 . GLU A 1 62  ? -9.137  -3.230  11.524  1.00 79.82  ? 2405 GLU A OE2 1 
ATOM   460  N N   . ASP A 1 63  ? -10.897 -7.220  6.786   1.00 71.63  ? 2406 ASP A N   1 
ATOM   461  C CA  . ASP A 1 63  ? -11.981 -7.267  5.817   1.00 70.26  ? 2406 ASP A CA  1 
ATOM   462  C C   . ASP A 1 63  ? -12.512 -8.663  5.582   1.00 68.90  ? 2406 ASP A C   1 
ATOM   463  O O   . ASP A 1 63  ? -13.711 -8.850  5.413   1.00 67.72  ? 2406 ASP A O   1 
ATOM   464  C CB  . ASP A 1 63  ? -11.493 -6.734  4.473   1.00 73.09  ? 2406 ASP A CB  1 
ATOM   465  C CG  . ASP A 1 63  ? -11.252 -5.259  4.492   1.00 75.98  ? 2406 ASP A CG  1 
ATOM   466  O OD1 . ASP A 1 63  ? -11.255 -4.682  5.598   1.00 79.09  ? 2406 ASP A OD1 1 
ATOM   467  O OD2 . ASP A 1 63  ? -11.056 -4.674  3.407   1.00 77.85  ? 2406 ASP A OD2 1 
ATOM   468  N N   . GLU A 1 64  ? -11.601 -9.630  5.563   1.00 67.17  ? 2407 GLU A N   1 
ATOM   469  C CA  . GLU A 1 64  ? -11.936 -11.014 5.263   1.00 65.75  ? 2407 GLU A CA  1 
ATOM   470  C C   . GLU A 1 64  ? -12.056 -10.971 3.742   1.00 62.04  ? 2407 GLU A C   1 
ATOM   471  O O   . GLU A 1 64  ? -12.675 -11.837 3.127   1.00 61.72  ? 2407 GLU A O   1 
ATOM   472  C CB  . GLU A 1 64  ? -13.277 -11.413 5.890   1.00 69.42  ? 2407 GLU A CB  1 
ATOM   473  C CG  . GLU A 1 64  ? -13.347 -11.206 7.391   1.00 76.03  ? 2407 GLU A CG  1 
ATOM   474  C CD  . GLU A 1 64  ? -12.897 -12.425 8.178   1.00 80.66  ? 2407 GLU A CD  1 
ATOM   475  O OE1 . GLU A 1 64  ? -13.649 -13.431 8.178   1.00 84.02  ? 2407 GLU A OE1 1 
ATOM   476  O OE2 . GLU A 1 64  ? -11.800 -12.380 8.793   1.00 82.02  ? 2407 GLU A OE2 1 
ATOM   477  N N   . VAL A 1 65  ? -11.465 -9.929  3.156   1.00 58.86  ? 2408 VAL A N   1 
ATOM   478  C CA  . VAL A 1 65  ? -11.458 -9.706  1.707   1.00 55.74  ? 2408 VAL A CA  1 
ATOM   479  C C   . VAL A 1 65  ? -10.076 -9.991  1.110   1.00 54.19  ? 2408 VAL A C   1 
ATOM   480  O O   . VAL A 1 65  ? -9.058  -9.741  1.745   1.00 54.04  ? 2408 VAL A O   1 
ATOM   481  C CB  . VAL A 1 65  ? -11.825 -8.247  1.356   1.00 55.14  ? 2408 VAL A CB  1 
ATOM   482  C CG1 . VAL A 1 65  ? -11.785 -8.054  -0.157  1.00 51.27  ? 2408 VAL A CG1 1 
ATOM   483  C CG2 . VAL A 1 65  ? -13.196 -7.902  1.914   1.00 50.15  ? 2408 VAL A CG2 1 
ATOM   484  N N   . PHE A 1 66  ? -10.055 -10.495 -0.122  1.00 52.86  ? 2409 PHE A N   1 
ATOM   485  C CA  . PHE A 1 66  ? -8.813  -10.837 -0.812  1.00 49.51  ? 2409 PHE A CA  1 
ATOM   486  C C   . PHE A 1 66  ? -8.295  -9.704  -1.685  1.00 49.35  ? 2409 PHE A C   1 
ATOM   487  O O   . PHE A 1 66  ? -9.055  -9.096  -2.432  1.00 49.78  ? 2409 PHE A O   1 
ATOM   488  C CB  . PHE A 1 66  ? -9.015  -12.084 -1.667  1.00 46.93  ? 2409 PHE A CB  1 
ATOM   489  C CG  . PHE A 1 66  ? -9.095  -13.353 -0.870  1.00 46.40  ? 2409 PHE A CG  1 
ATOM   490  C CD1 . PHE A 1 66  ? -10.304 -13.775 -0.316  1.00 45.32  ? 2409 PHE A CD1 1 
ATOM   491  C CD2 . PHE A 1 66  ? -7.951  -14.121 -0.653  1.00 45.09  ? 2409 PHE A CD2 1 
ATOM   492  C CE1 . PHE A 1 66  ? -10.372 -14.937 0.441   1.00 43.92  ? 2409 PHE A CE1 1 
ATOM   493  C CE2 . PHE A 1 66  ? -8.008  -15.287 0.105   1.00 45.15  ? 2409 PHE A CE2 1 
ATOM   494  C CZ  . PHE A 1 66  ? -9.224  -15.696 0.652   1.00 45.84  ? 2409 PHE A CZ  1 
ATOM   495  N N   . TYR A 1 67  ? -6.995  -9.434  -1.583  1.00 48.60  ? 2410 TYR A N   1 
ATOM   496  C CA  . TYR A 1 67  ? -6.341  -8.370  -2.339  1.00 47.34  ? 2410 TYR A CA  1 
ATOM   497  C C   . TYR A 1 67  ? -5.052  -8.868  -2.994  1.00 48.58  ? 2410 TYR A C   1 
ATOM   498  O O   . TYR A 1 67  ? -4.431  -9.824  -2.501  1.00 48.48  ? 2410 TYR A O   1 
ATOM   499  C CB  . TYR A 1 67  ? -5.977  -7.239  -1.398  1.00 45.71  ? 2410 TYR A CB  1 
ATOM   500  C CG  . TYR A 1 67  ? -7.149  -6.584  -0.742  1.00 47.23  ? 2410 TYR A CG  1 
ATOM   501  C CD1 . TYR A 1 67  ? -7.840  -5.563  -1.380  1.00 46.14  ? 2410 TYR A CD1 1 
ATOM   502  C CD2 . TYR A 1 67  ? -7.579  -6.985  0.531   1.00 47.96  ? 2410 TYR A CD2 1 
ATOM   503  C CE1 . TYR A 1 67  ? -8.929  -4.953  -0.772  1.00 47.30  ? 2410 TYR A CE1 1 
ATOM   504  C CE2 . TYR A 1 67  ? -8.665  -6.384  1.145   1.00 46.02  ? 2410 TYR A CE2 1 
ATOM   505  C CZ  . TYR A 1 67  ? -9.331  -5.370  0.485   1.00 46.94  ? 2410 TYR A CZ  1 
ATOM   506  O OH  . TYR A 1 67  ? -10.403 -4.768  1.075   1.00 48.12  ? 2410 TYR A OH  1 
ATOM   507  N N   . ARG A 1 68  ? -4.641  -8.226  -4.091  1.00 47.09  ? 2411 ARG A N   1 
ATOM   508  C CA  . ARG A 1 68  ? -3.389  -8.621  -4.727  1.00 48.06  ? 2411 ARG A CA  1 
ATOM   509  C C   . ARG A 1 68  ? -2.338  -8.464  -3.625  1.00 48.07  ? 2411 ARG A C   1 
ATOM   510  O O   . ARG A 1 68  ? -2.254  -7.424  -2.965  1.00 45.87  ? 2411 ARG A O   1 
ATOM   511  C CB  . ARG A 1 68  ? -3.029  -7.697  -5.895  1.00 49.58  ? 2411 ARG A CB  1 
ATOM   512  C CG  . ARG A 1 68  ? -4.115  -7.500  -6.920  1.00 50.29  ? 2411 ARG A CG  1 
ATOM   513  C CD  . ARG A 1 68  ? -3.532  -7.095  -8.258  1.00 51.46  ? 2411 ARG A CD  1 
ATOM   514  N NE  . ARG A 1 68  ? -2.823  -5.818  -8.222  1.00 53.18  ? 2411 ARG A NE  1 
ATOM   515  C CZ  . ARG A 1 68  ? -2.285  -5.227  -9.290  1.00 52.55  ? 2411 ARG A CZ  1 
ATOM   516  N NH1 . ARG A 1 68  ? -2.368  -5.788  -10.485 1.00 53.89  ? 2411 ARG A NH1 1 
ATOM   517  N NH2 . ARG A 1 68  ? -1.660  -4.069  -9.169  1.00 53.83  ? 2411 ARG A NH2 1 
ATOM   518  N N   . ALA A 1 69  ? -1.541  -9.496  -3.417  1.00 49.10  ? 2412 ALA A N   1 
ATOM   519  C CA  . ALA A 1 69  ? -0.537  -9.433  -2.379  1.00 51.29  ? 2412 ALA A CA  1 
ATOM   520  C C   . ALA A 1 69  ? 0.716   -10.145 -2.793  1.00 53.70  ? 2412 ALA A C   1 
ATOM   521  O O   . ALA A 1 69  ? 0.718   -10.970 -3.711  1.00 53.23  ? 2412 ALA A O   1 
ATOM   522  C CB  . ALA A 1 69  ? -1.063  -10.050 -1.105  1.00 51.39  ? 2412 ALA A CB  1 
ATOM   523  N N   . GLN A 1 70  ? 1.781   -9.832  -2.072  1.00 55.65  ? 2413 GLN A N   1 
ATOM   524  C CA  . GLN A 1 70  ? 3.084   -10.403 -2.318  1.00 56.18  ? 2413 GLN A CA  1 
ATOM   525  C C   . GLN A 1 70  ? 3.618   -10.949 -1.007  1.00 55.13  ? 2413 GLN A C   1 
ATOM   526  O O   . GLN A 1 70  ? 3.751   -10.213 -0.038  1.00 55.56  ? 2413 GLN A O   1 
ATOM   527  C CB  . GLN A 1 70  ? 4.000   -9.309  -2.844  1.00 58.68  ? 2413 GLN A CB  1 
ATOM   528  C CG  . GLN A 1 70  ? 5.353   -9.801  -3.229  1.00 64.68  ? 2413 GLN A CG  1 
ATOM   529  C CD  . GLN A 1 70  ? 6.171   -8.724  -3.882  1.00 67.61  ? 2413 GLN A CD  1 
ATOM   530  O OE1 . GLN A 1 70  ? 6.515   -7.714  -3.248  1.00 69.48  ? 2413 GLN A OE1 1 
ATOM   531  N NE2 . GLN A 1 70  ? 6.485   -8.918  -5.164  1.00 68.34  ? 2413 GLN A NE2 1 
ATOM   532  N N   . ILE A 1 71  ? 3.922   -12.239 -0.977  1.00 55.06  ? 2414 ILE A N   1 
ATOM   533  C CA  . ILE A 1 71  ? 4.438   -12.886 0.226   1.00 54.79  ? 2414 ILE A CA  1 
ATOM   534  C C   . ILE A 1 71  ? 5.782   -12.330 0.682   1.00 57.00  ? 2414 ILE A C   1 
ATOM   535  O O   . ILE A 1 71  ? 6.707   -12.192 -0.120  1.00 57.60  ? 2414 ILE A O   1 
ATOM   536  C CB  . ILE A 1 71  ? 4.580   -14.400 0.009   1.00 53.82  ? 2414 ILE A CB  1 
ATOM   537  C CG1 . ILE A 1 71  ? 3.192   -15.011 -0.207  1.00 51.58  ? 2414 ILE A CG1 1 
ATOM   538  C CG2 . ILE A 1 71  ? 5.323   -15.039 1.187   1.00 52.19  ? 2414 ILE A CG2 1 
ATOM   539  C CD1 . ILE A 1 71  ? 3.197   -16.440 -0.741  1.00 52.66  ? 2414 ILE A CD1 1 
ATOM   540  N N   . ARG A 1 72  ? 5.884   -12.012 1.971   1.00 58.47  ? 2415 ARG A N   1 
ATOM   541  C CA  . ARG A 1 72  ? 7.119   -11.470 2.527   1.00 60.19  ? 2415 ARG A CA  1 
ATOM   542  C C   . ARG A 1 72  ? 7.915   -12.453 3.373   1.00 62.23  ? 2415 ARG A C   1 
ATOM   543  O O   . ARG A 1 72  ? 9.136   -12.447 3.340   1.00 62.77  ? 2415 ARG A O   1 
ATOM   544  C CB  . ARG A 1 72  ? 6.828   -10.202 3.330   1.00 60.19  ? 2415 ARG A CB  1 
ATOM   545  C CG  . ARG A 1 72  ? 6.547   -8.996  2.441   1.00 63.01  ? 2415 ARG A CG  1 
ATOM   546  C CD  . ARG A 1 72  ? 7.704   -8.794  1.461   1.00 65.39  ? 2415 ARG A CD  1 
ATOM   547  N NE  . ARG A 1 72  ? 7.460   -7.757  0.464   1.00 66.91  ? 2415 ARG A NE  1 
ATOM   548  C CZ  . ARG A 1 72  ? 7.178   -6.492  0.760   1.00 68.75  ? 2415 ARG A CZ  1 
ATOM   549  N NH1 . ARG A 1 72  ? 7.102   -6.116  2.033   1.00 71.52  ? 2415 ARG A NH1 1 
ATOM   550  N NH2 . ARG A 1 72  ? 6.989   -5.602  -0.212  1.00 66.66  ? 2415 ARG A NH2 1 
ATOM   551  N N   . LYS A 1 73  ? 7.239   -13.291 4.145   1.00 65.08  ? 2416 LYS A N   1 
ATOM   552  C CA  . LYS A 1 73  ? 7.940   -14.271 4.960   1.00 69.18  ? 2416 LYS A CA  1 
ATOM   553  C C   . LYS A 1 73  ? 7.041   -15.465 5.163   1.00 71.36  ? 2416 LYS A C   1 
ATOM   554  O O   . LYS A 1 73  ? 5.819   -15.339 5.202   1.00 71.45  ? 2416 LYS A O   1 
ATOM   555  C CB  . LYS A 1 73  ? 8.291   -13.731 6.350   1.00 71.60  ? 2416 LYS A CB  1 
ATOM   556  C CG  . LYS A 1 73  ? 9.095   -12.453 6.410   1.00 75.34  ? 2416 LYS A CG  1 
ATOM   557  C CD  . LYS A 1 73  ? 9.237   -12.027 7.873   1.00 78.30  ? 2416 LYS A CD  1 
ATOM   558  C CE  . LYS A 1 73  ? 9.586   -10.545 8.014   1.00 80.67  ? 2416 LYS A CE  1 
ATOM   559  N NZ  . LYS A 1 73  ? 9.702   -10.133 9.452   1.00 82.85  ? 2416 LYS A NZ  1 
ATOM   560  N N   . VAL A 1 74  ? 7.649   -16.633 5.293   1.00 74.12  ? 2417 VAL A N   1 
ATOM   561  C CA  . VAL A 1 74  ? 6.875   -17.827 5.545   1.00 76.20  ? 2417 VAL A CA  1 
ATOM   562  C C   . VAL A 1 74  ? 7.013   -18.117 7.030   1.00 78.23  ? 2417 VAL A C   1 
ATOM   563  O O   . VAL A 1 74  ? 8.113   -18.321 7.550   1.00 77.91  ? 2417 VAL A O   1 
ATOM   564  C CB  . VAL A 1 74  ? 7.365   -19.026 4.708   1.00 75.59  ? 2417 VAL A CB  1 
ATOM   565  C CG1 . VAL A 1 74  ? 6.706   -20.308 5.202   1.00 74.95  ? 2417 VAL A CG1 1 
ATOM   566  C CG2 . VAL A 1 74  ? 7.019   -18.798 3.235   1.00 73.74  ? 2417 VAL A CG2 1 
ATOM   567  N N   . LEU A 1 75  ? 5.879   -18.092 7.715   1.00 80.21  ? 2418 LEU A N   1 
ATOM   568  C CA  . LEU A 1 75  ? 5.842   -18.346 9.136   1.00 82.25  ? 2418 LEU A CA  1 
ATOM   569  C C   . LEU A 1 75  ? 5.435   -19.794 9.354   1.00 85.32  ? 2418 LEU A C   1 
ATOM   570  O O   . LEU A 1 75  ? 5.516   -20.621 8.445   1.00 85.19  ? 2418 LEU A O   1 
ATOM   571  C CB  . LEU A 1 75  ? 4.842   -17.394 9.797   1.00 80.04  ? 2418 LEU A CB  1 
ATOM   572  C CG  . LEU A 1 75  ? 5.146   -15.915 9.549   1.00 78.67  ? 2418 LEU A CG  1 
ATOM   573  C CD1 . LEU A 1 75  ? 3.945   -15.053 9.918   1.00 77.26  ? 2418 LEU A CD1 1 
ATOM   574  C CD2 . LEU A 1 75  ? 6.382   -15.520 10.337  1.00 77.50  ? 2418 LEU A CD2 1 
ATOM   575  N N   . ASP A 1 76  ? 4.979   -20.095 10.560  1.00 89.43  ? 2419 ASP A N   1 
ATOM   576  C CA  . ASP A 1 76  ? 4.582   -21.447 10.896  1.00 93.36  ? 2419 ASP A CA  1 
ATOM   577  C C   . ASP A 1 76  ? 3.105   -21.739 10.648  1.00 95.40  ? 2419 ASP A C   1 
ATOM   578  O O   . ASP A 1 76  ? 2.254   -20.846 10.724  1.00 96.44  ? 2419 ASP A O   1 
ATOM   579  C CB  . ASP A 1 76  ? 4.930   -21.719 12.358  1.00 94.67  ? 2419 ASP A CB  1 
ATOM   580  C CG  . ASP A 1 76  ? 6.401   -21.513 12.645  1.00 96.83  ? 2419 ASP A CG  1 
ATOM   581  O OD1 . ASP A 1 76  ? 6.886   -20.367 12.481  1.00 97.73  ? 2419 ASP A OD1 1 
ATOM   582  O OD2 . ASP A 1 76  ? 7.073   -22.498 13.024  1.00 97.52  ? 2419 ASP A OD2 1 
ATOM   583  N N   . ASP A 1 77  ? 2.822   -23.003 10.340  1.00 96.18  ? 2420 ASP A N   1 
ATOM   584  C CA  . ASP A 1 77  ? 1.468   -23.488 10.097  1.00 96.64  ? 2420 ASP A CA  1 
ATOM   585  C C   . ASP A 1 77  ? 0.692   -22.742 9.019   1.00 96.06  ? 2420 ASP A C   1 
ATOM   586  O O   . ASP A 1 77  ? -0.400  -22.230 9.272   1.00 96.68  ? 2420 ASP A O   1 
ATOM   587  C CB  . ASP A 1 77  ? 0.672   -23.475 11.407  1.00 97.99  ? 2420 ASP A CB  1 
ATOM   588  C CG  . ASP A 1 77  ? 1.374   -24.244 12.525  1.00 99.97  ? 2420 ASP A CG  1 
ATOM   589  O OD1 . ASP A 1 77  ? 1.685   -25.446 12.333  1.00 99.34  ? 2420 ASP A OD1 1 
ATOM   590  O OD2 . ASP A 1 77  ? 1.613   -23.640 13.597  1.00 100.00 ? 2420 ASP A OD2 1 
ATOM   591  N N   . GLY A 1 78  ? 1.260   -22.692 7.816   1.00 94.80  ? 2421 GLY A N   1 
ATOM   592  C CA  . GLY A 1 78  ? 0.601   -22.031 6.704   1.00 92.26  ? 2421 GLY A CA  1 
ATOM   593  C C   . GLY A 1 78  ? 0.620   -20.515 6.719   1.00 90.66  ? 2421 GLY A C   1 
ATOM   594  O O   . GLY A 1 78  ? 0.452   -19.892 5.673   1.00 91.47  ? 2421 GLY A O   1 
ATOM   595  N N   . LYS A 1 79  ? 0.830   -19.915 7.889   1.00 88.22  ? 2422 LYS A N   1 
ATOM   596  C CA  . LYS A 1 79  ? 0.847   -18.459 8.013   1.00 85.16  ? 2422 LYS A CA  1 
ATOM   597  C C   . LYS A 1 79  ? 1.973   -17.830 7.207   1.00 81.40  ? 2422 LYS A C   1 
ATOM   598  O O   . LYS A 1 79  ? 3.073   -18.360 7.143   1.00 81.05  ? 2422 LYS A O   1 
ATOM   599  C CB  . LYS A 1 79  ? 0.991   -18.046 9.481   1.00 87.33  ? 2422 LYS A CB  1 
ATOM   600  C CG  . LYS A 1 79  ? -0.049  -18.654 10.414  1.00 89.76  ? 2422 LYS A CG  1 
ATOM   601  C CD  . LYS A 1 79  ? 0.449   -18.629 11.855  1.00 91.86  ? 2422 LYS A CD  1 
ATOM   602  C CE  . LYS A 1 79  ? -0.177  -19.744 12.686  1.00 93.19  ? 2422 LYS A CE  1 
ATOM   603  N NZ  . LYS A 1 79  ? 0.604   -20.019 13.934  1.00 93.60  ? 2422 LYS A NZ  1 
ATOM   604  N N   . CYS A 1 80  ? 1.678   -16.688 6.600   1.00 78.62  ? 2423 CYS A N   1 
ATOM   605  C CA  . CYS A 1 80  ? 2.639   -15.942 5.794   1.00 76.03  ? 2423 CYS A CA  1 
ATOM   606  C C   . CYS A 1 80  ? 2.459   -14.457 6.005   1.00 72.86  ? 2423 CYS A C   1 
ATOM   607  O O   . CYS A 1 80  ? 1.335   -13.964 6.054   1.00 72.71  ? 2423 CYS A O   1 
ATOM   608  C CB  . CYS A 1 80  ? 2.428   -16.198 4.299   1.00 77.02  ? 2423 CYS A CB  1 
ATOM   609  S SG  . CYS A 1 80  ? 3.220   -17.645 3.616   1.00 80.54  ? 2423 CYS A SG  1 
ATOM   610  N N   . GLU A 1 81  ? 3.560   -13.737 6.122   1.00 69.68  ? 2424 GLU A N   1 
ATOM   611  C CA  . GLU A 1 81  ? 3.458   -12.299 6.246   1.00 67.40  ? 2424 GLU A CA  1 
ATOM   612  C C   . GLU A 1 81  ? 3.343   -11.816 4.799   1.00 63.29  ? 2424 GLU A C   1 
ATOM   613  O O   . GLU A 1 81  ? 4.233   -12.063 3.982   1.00 62.42  ? 2424 GLU A O   1 
ATOM   614  C CB  . GLU A 1 81  ? 4.708   -11.712 6.893   1.00 70.53  ? 2424 GLU A CB  1 
ATOM   615  C CG  . GLU A 1 81  ? 4.626   -10.211 7.113   1.00 75.10  ? 2424 GLU A CG  1 
ATOM   616  C CD  . GLU A 1 81  ? 5.852   -9.664  7.832   1.00 80.22  ? 2424 GLU A CD  1 
ATOM   617  O OE1 . GLU A 1 81  ? 6.232   -10.243 8.888   1.00 80.22  ? 2424 GLU A OE1 1 
ATOM   618  O OE2 . GLU A 1 81  ? 6.428   -8.655  7.344   1.00 81.33  ? 2424 GLU A OE2 1 
ATOM   619  N N   . VAL A 1 82  ? 2.238   -11.156 4.470   1.00 57.65  ? 2425 VAL A N   1 
ATOM   620  C CA  . VAL A 1 82  ? 2.052   -10.670 3.118   1.00 52.22  ? 2425 VAL A CA  1 
ATOM   621  C C   . VAL A 1 82  ? 2.036   -9.149  3.054   1.00 51.26  ? 2425 VAL A C   1 
ATOM   622  O O   . VAL A 1 82  ? 1.870   -8.462  4.063   1.00 51.38  ? 2425 VAL A O   1 
ATOM   623  C CB  . VAL A 1 82  ? 0.754   -11.223 2.505   1.00 50.89  ? 2425 VAL A CB  1 
ATOM   624  C CG1 . VAL A 1 82  ? 0.709   -12.731 2.679   1.00 48.31  ? 2425 VAL A CG1 1 
ATOM   625  C CG2 . VAL A 1 82  ? -0.453  -10.556 3.144   1.00 51.64  ? 2425 VAL A CG2 1 
ATOM   626  N N   . HIS A 1 83  ? 2.227   -8.627  1.854   1.00 48.76  ? 2426 HIS A N   1 
ATOM   627  C CA  . HIS A 1 83  ? 2.238   -7.201  1.642   1.00 46.02  ? 2426 HIS A CA  1 
ATOM   628  C C   . HIS A 1 83  ? 1.173   -6.923  0.612   1.00 47.09  ? 2426 HIS A C   1 
ATOM   629  O O   . HIS A 1 83  ? 1.165   -7.532  -0.457  1.00 48.68  ? 2426 HIS A O   1 
ATOM   630  C CB  . HIS A 1 83  ? 3.596   -6.769  1.103   1.00 45.69  ? 2426 HIS A CB  1 
ATOM   631  C CG  . HIS A 1 83  ? 3.662   -5.328  0.711   1.00 44.08  ? 2426 HIS A CG  1 
ATOM   632  N ND1 . HIS A 1 83  ? 3.872   -4.316  1.623   1.00 42.87  ? 2426 HIS A ND1 1 
ATOM   633  C CD2 . HIS A 1 83  ? 3.511   -4.725  -0.493  1.00 44.00  ? 2426 HIS A CD2 1 
ATOM   634  C CE1 . HIS A 1 83  ? 3.847   -3.151  0.997   1.00 45.27  ? 2426 HIS A CE1 1 
ATOM   635  N NE2 . HIS A 1 83  ? 3.629   -3.371  -0.289  1.00 44.53  ? 2426 HIS A NE2 1 
ATOM   636  N N   . PHE A 1 84  ? 0.266   -6.009  0.927   1.00 47.22  ? 2427 PHE A N   1 
ATOM   637  C CA  . PHE A 1 84  ? -0.799  -5.669  0.002   1.00 47.10  ? 2427 PHE A CA  1 
ATOM   638  C C   . PHE A 1 84  ? -0.335  -4.550  -0.918  1.00 48.26  ? 2427 PHE A C   1 
ATOM   639  O O   . PHE A 1 84  ? -0.452  -3.361  -0.605  1.00 48.55  ? 2427 PHE A O   1 
ATOM   640  C CB  . PHE A 1 84  ? -2.050  -5.306  0.799   1.00 45.42  ? 2427 PHE A CB  1 
ATOM   641  C CG  . PHE A 1 84  ? -2.662  -6.486  1.479   1.00 42.99  ? 2427 PHE A CG  1 
ATOM   642  C CD1 . PHE A 1 84  ? -3.166  -7.546  0.720   1.00 44.08  ? 2427 PHE A CD1 1 
ATOM   643  C CD2 . PHE A 1 84  ? -2.655  -6.594  2.857   1.00 41.69  ? 2427 PHE A CD2 1 
ATOM   644  C CE1 . PHE A 1 84  ? -3.647  -8.701  1.325   1.00 40.95  ? 2427 PHE A CE1 1 
ATOM   645  C CE2 . PHE A 1 84  ? -3.134  -7.743  3.477   1.00 41.58  ? 2427 PHE A CE2 1 
ATOM   646  C CZ  . PHE A 1 84  ? -3.630  -8.800  2.705   1.00 41.50  ? 2427 PHE A CZ  1 
ATOM   647  N N   . ILE A 1 85  ? 0.184   -4.959  -2.073  1.00 48.27  ? 2428 ILE A N   1 
ATOM   648  C CA  . ILE A 1 85  ? 0.748   -4.037  -3.038  1.00 48.56  ? 2428 ILE A CA  1 
ATOM   649  C C   . ILE A 1 85  ? -0.084  -2.836  -3.451  1.00 49.27  ? 2428 ILE A C   1 
ATOM   650  O O   . ILE A 1 85  ? 0.478   -1.765  -3.699  1.00 49.96  ? 2428 ILE A O   1 
ATOM   651  C CB  . ILE A 1 85  ? 1.225   -4.784  -4.295  1.00 49.39  ? 2428 ILE A CB  1 
ATOM   652  C CG1 . ILE A 1 85  ? 0.039   -5.390  -5.047  1.00 52.01  ? 2428 ILE A CG1 1 
ATOM   653  C CG2 . ILE A 1 85  ? 2.196   -5.862  -3.900  1.00 47.97  ? 2428 ILE A CG2 1 
ATOM   654  C CD1 . ILE A 1 85  ? -0.323  -4.647  -6.305  1.00 54.93  ? 2428 ILE A CD1 1 
ATOM   655  N N   . ASP A 1 86  ? -1.406  -2.982  -3.525  1.00 50.31  ? 2429 ASP A N   1 
ATOM   656  C CA  . ASP A 1 86  ? -2.248  -1.846  -3.926  1.00 50.45  ? 2429 ASP A CA  1 
ATOM   657  C C   . ASP A 1 86  ? -2.617  -0.972  -2.749  1.00 50.31  ? 2429 ASP A C   1 
ATOM   658  O O   . ASP A 1 86  ? -3.298  0.044   -2.913  1.00 50.65  ? 2429 ASP A O   1 
ATOM   659  C CB  . ASP A 1 86  ? -3.530  -2.304  -4.632  1.00 50.44  ? 2429 ASP A CB  1 
ATOM   660  C CG  . ASP A 1 86  ? -3.245  -3.090  -5.908  1.00 52.16  ? 2429 ASP A CG  1 
ATOM   661  O OD1 . ASP A 1 86  ? -2.363  -2.676  -6.695  1.00 48.07  ? 2429 ASP A OD1 1 
ATOM   662  O OD2 . ASP A 1 86  ? -3.915  -4.124  -6.123  1.00 54.63  ? 2429 ASP A OD2 1 
ATOM   663  N N   . PHE A 1 87  ? -2.178  -1.362  -1.555  1.00 49.28  ? 2430 PHE A N   1 
ATOM   664  C CA  . PHE A 1 87  ? -2.465  -0.559  -0.377  1.00 47.93  ? 2430 PHE A CA  1 
ATOM   665  C C   . PHE A 1 87  ? -1.198  -0.084  0.313   1.00 49.23  ? 2430 PHE A C   1 
ATOM   666  O O   . PHE A 1 87  ? -0.967  1.114   0.432   1.00 50.80  ? 2430 PHE A O   1 
ATOM   667  C CB  . PHE A 1 87  ? -3.364  -1.331  0.573   1.00 44.34  ? 2430 PHE A CB  1 
ATOM   668  C CG  . PHE A 1 87  ? -4.751  -1.486  0.054   1.00 42.31  ? 2430 PHE A CG  1 
ATOM   669  C CD1 . PHE A 1 87  ? -5.070  -2.527  -0.825  1.00 41.48  ? 2430 PHE A CD1 1 
ATOM   670  C CD2 . PHE A 1 87  ? -5.725  -0.537  0.360   1.00 41.18  ? 2430 PHE A CD2 1 
ATOM   671  C CE1 . PHE A 1 87  ? -6.334  -2.619  -1.393  1.00 38.22  ? 2430 PHE A CE1 1 
ATOM   672  C CE2 . PHE A 1 87  ? -6.996  -0.615  -0.203  1.00 40.25  ? 2430 PHE A CE2 1 
ATOM   673  C CZ  . PHE A 1 87  ? -7.303  -1.662  -1.085  1.00 40.53  ? 2430 PHE A CZ  1 
ATOM   674  N N   . GLY A 1 88  ? -0.361  -1.010  0.753   1.00 50.86  ? 2431 GLY A N   1 
ATOM   675  C CA  . GLY A 1 88  ? 0.868   -0.596  1.399   1.00 51.44  ? 2431 GLY A CA  1 
ATOM   676  C C   . GLY A 1 88  ? 1.052   -1.203  2.764   1.00 52.60  ? 2431 GLY A C   1 
ATOM   677  O O   . GLY A 1 88  ? 2.161   -1.205  3.292   1.00 54.26  ? 2431 GLY A O   1 
ATOM   678  N N   . ASN A 1 89  ? -0.020  -1.727  3.345   1.00 52.42  ? 2432 ASN A N   1 
ATOM   679  C CA  . ASN A 1 89  ? 0.103   -2.323  4.663   1.00 53.01  ? 2432 ASN A CA  1 
ATOM   680  C C   . ASN A 1 89  ? 0.438   -3.794  4.528   1.00 51.87  ? 2432 ASN A C   1 
ATOM   681  O O   . ASN A 1 89  ? 0.332   -4.350  3.445   1.00 51.56  ? 2432 ASN A O   1 
ATOM   682  C CB  . ASN A 1 89  ? -1.196  -2.137  5.469   1.00 54.11  ? 2432 ASN A CB  1 
ATOM   683  C CG  . ASN A 1 89  ? -2.363  -2.947  4.917   1.00 54.04  ? 2432 ASN A CG  1 
ATOM   684  O OD1 . ASN A 1 89  ? -2.821  -2.717  3.798   1.00 53.12  ? 2432 ASN A OD1 1 
ATOM   685  N ND2 . ASN A 1 89  ? -2.852  -3.898  5.712   1.00 53.66  ? 2432 ASN A ND2 1 
ATOM   686  N N   . ASN A 1 90  ? 0.855   -4.393  5.641   1.00 53.24  ? 2433 ASN A N   1 
ATOM   687  C CA  . ASN A 1 90  ? 1.219   -5.813  5.743   1.00 54.36  ? 2433 ASN A CA  1 
ATOM   688  C C   . ASN A 1 90  ? 0.243   -6.548  6.651   1.00 54.49  ? 2433 ASN A C   1 
ATOM   689  O O   . ASN A 1 90  ? -0.581  -5.937  7.327   1.00 54.70  ? 2433 ASN A O   1 
ATOM   690  C CB  . ASN A 1 90  ? 2.622   -5.978  6.333   1.00 55.63  ? 2433 ASN A CB  1 
ATOM   691  C CG  . ASN A 1 90  ? 3.700   -5.956  5.286   1.00 56.01  ? 2433 ASN A CG  1 
ATOM   692  O OD1 . ASN A 1 90  ? 3.823   -5.003  4.514   1.00 59.45  ? 2433 ASN A OD1 1 
ATOM   693  N ND2 . ASN A 1 90  ? 4.491   -7.015  5.247   1.00 57.85  ? 2433 ASN A ND2 1 
ATOM   694  N N   . ALA A 1 91  ? 0.359   -7.868  6.692   1.00 54.40  ? 2434 ALA A N   1 
ATOM   695  C CA  . ALA A 1 91  ? -0.547  -8.658  7.505   1.00 53.17  ? 2434 ALA A CA  1 
ATOM   696  C C   . ALA A 1 91  ? -0.139  -10.114 7.482   1.00 51.62  ? 2434 ALA A C   1 
ATOM   697  O O   . ALA A 1 91  ? 0.595   -10.544 6.600   1.00 51.23  ? 2434 ALA A O   1 
ATOM   698  C CB  . ALA A 1 91  ? -1.981  -8.506  6.978   1.00 51.52  ? 2434 ALA A CB  1 
ATOM   699  N N   . VAL A 1 92  ? -0.610  -10.864 8.471   1.00 51.22  ? 2435 VAL A N   1 
ATOM   700  C CA  . VAL A 1 92  ? -0.320  -12.286 8.563   1.00 50.92  ? 2435 VAL A CA  1 
ATOM   701  C C   . VAL A 1 92  ? -1.647  -12.947 8.287   1.00 50.95  ? 2435 VAL A C   1 
ATOM   702  O O   . VAL A 1 92  ? -2.670  -12.547 8.840   1.00 51.95  ? 2435 VAL A O   1 
ATOM   703  C CB  . VAL A 1 92  ? 0.161   -12.694 9.973   1.00 51.15  ? 2435 VAL A CB  1 
ATOM   704  C CG1 . VAL A 1 92  ? 0.415   -14.199 10.020  1.00 51.25  ? 2435 VAL A CG1 1 
ATOM   705  C CG2 . VAL A 1 92  ? 1.415   -11.915 10.340  1.00 50.27  ? 2435 VAL A CG2 1 
ATOM   706  N N   . THR A 1 93  ? -1.637  -13.948 7.420   1.00 51.60  ? 2436 THR A N   1 
ATOM   707  C CA  . THR A 1 93  ? -2.859  -14.639 7.060   1.00 51.74  ? 2436 THR A CA  1 
ATOM   708  C C   . THR A 1 93  ? -2.502  -16.054 6.679   1.00 53.08  ? 2436 THR A C   1 
ATOM   709  O O   . THR A 1 93  ? -1.332  -16.411 6.691   1.00 54.40  ? 2436 THR A O   1 
ATOM   710  C CB  . THR A 1 93  ? -3.558  -13.929 5.887   1.00 50.20  ? 2436 THR A CB  1 
ATOM   711  O OG1 . THR A 1 93  ? -4.627  -14.738 5.395   1.00 49.68  ? 2436 THR A OG1 1 
ATOM   712  C CG2 . THR A 1 93  ? -2.573  -13.648 4.781   1.00 49.88  ? 2436 THR A CG2 1 
ATOM   713  N N   . GLN A 1 94  ? -3.511  -16.860 6.373   1.00 54.68  ? 2437 GLN A N   1 
ATOM   714  C CA  . GLN A 1 94  ? -3.308  -18.245 5.986   1.00 57.50  ? 2437 GLN A CA  1 
ATOM   715  C C   . GLN A 1 94  ? -4.103  -18.496 4.724   1.00 59.86  ? 2437 GLN A C   1 
ATOM   716  O O   . GLN A 1 94  ? -4.002  -19.565 4.122   1.00 62.12  ? 2437 GLN A O   1 
ATOM   717  C CB  . GLN A 1 94  ? -3.834  -19.193 7.059   1.00 58.50  ? 2437 GLN A CB  1 
ATOM   718  C CG  . GLN A 1 94  ? -3.098  -19.164 8.377   1.00 64.19  ? 2437 GLN A CG  1 
ATOM   719  C CD  . GLN A 1 94  ? -3.790  -20.030 9.431   1.00 66.69  ? 2437 GLN A CD  1 
ATOM   720  O OE1 . GLN A 1 94  ? -4.923  -19.741 9.836   1.00 67.43  ? 2437 GLN A OE1 1 
ATOM   721  N NE2 . GLN A 1 94  ? -3.116  -21.098 9.871   1.00 65.66  ? 2437 GLN A NE2 1 
ATOM   722  N N   . GLN A 1 95  ? -4.913  -17.516 4.332   1.00 60.22  ? 2438 GLN A N   1 
ATOM   723  C CA  . GLN A 1 95  ? -5.750  -17.667 3.152   1.00 60.30  ? 2438 GLN A CA  1 
ATOM   724  C C   . GLN A 1 95  ? -5.185  -17.061 1.870   1.00 60.53  ? 2438 GLN A C   1 
ATOM   725  O O   . GLN A 1 95  ? -5.250  -15.845 1.671   1.00 61.13  ? 2438 GLN A O   1 
ATOM   726  C CB  . GLN A 1 95  ? -7.134  -17.079 3.423   1.00 59.50  ? 2438 GLN A CB  1 
ATOM   727  C CG  . GLN A 1 95  ? -7.867  -17.694 4.602   1.00 60.44  ? 2438 GLN A CG  1 
ATOM   728  C CD  . GLN A 1 95  ? -7.912  -19.214 4.559   1.00 62.10  ? 2438 GLN A CD  1 
ATOM   729  O OE1 . GLN A 1 95  ? -8.042  -19.825 3.490   1.00 61.42  ? 2438 GLN A OE1 1 
ATOM   730  N NE2 . GLN A 1 95  ? -7.825  -19.834 5.731   1.00 62.58  ? 2438 GLN A NE2 1 
ATOM   731  N N   . PHE A 1 96  ? -4.635  -17.910 1.001   1.00 59.56  ? 2439 PHE A N   1 
ATOM   732  C CA  . PHE A 1 96  ? -4.093  -17.444 -0.275  1.00 59.74  ? 2439 PHE A CA  1 
ATOM   733  C C   . PHE A 1 96  ? -4.807  -18.079 -1.469  1.00 58.97  ? 2439 PHE A C   1 
ATOM   734  O O   . PHE A 1 96  ? -5.234  -19.225 -1.412  1.00 60.19  ? 2439 PHE A O   1 
ATOM   735  C CB  . PHE A 1 96  ? -2.607  -17.762 -0.384  1.00 59.81  ? 2439 PHE A CB  1 
ATOM   736  C CG  . PHE A 1 96  ? -1.853  -17.548 0.878   1.00 61.83  ? 2439 PHE A CG  1 
ATOM   737  C CD1 . PHE A 1 96  ? -1.639  -18.608 1.754   1.00 61.61  ? 2439 PHE A CD1 1 
ATOM   738  C CD2 . PHE A 1 96  ? -1.357  -16.287 1.203   1.00 61.63  ? 2439 PHE A CD2 1 
ATOM   739  C CE1 . PHE A 1 96  ? -0.944  -18.420 2.939   1.00 61.68  ? 2439 PHE A CE1 1 
ATOM   740  C CE2 . PHE A 1 96  ? -0.659  -16.088 2.389   1.00 62.11  ? 2439 PHE A CE2 1 
ATOM   741  C CZ  . PHE A 1 96  ? -0.453  -17.157 3.259   1.00 62.49  ? 2439 PHE A CZ  1 
ATOM   742  N N   . ARG A 1 97  ? -4.937  -17.326 -2.552  1.00 58.48  ? 2440 ARG A N   1 
ATOM   743  C CA  . ARG A 1 97  ? -5.568  -17.836 -3.757  1.00 58.18  ? 2440 ARG A CA  1 
ATOM   744  C C   . ARG A 1 97  ? -4.802  -17.361 -4.975  1.00 59.22  ? 2440 ARG A C   1 
ATOM   745  O O   . ARG A 1 97  ? -4.018  -16.404 -4.904  1.00 59.62  ? 2440 ARG A O   1 
ATOM   746  C CB  . ARG A 1 97  ? -7.031  -17.407 -3.813  1.00 56.73  ? 2440 ARG A CB  1 
ATOM   747  C CG  . ARG A 1 97  ? -7.799  -17.991 -2.640  1.00 56.55  ? 2440 ARG A CG  1 
ATOM   748  C CD  . ARG A 1 97  ? -9.296  -17.901 -2.758  1.00 55.97  ? 2440 ARG A CD  1 
ATOM   749  N NE  . ARG A 1 97  ? -9.897  -18.383 -1.519  1.00 58.07  ? 2440 ARG A NE  1 
ATOM   750  C CZ  . ARG A 1 97  ? -11.205 -18.443 -1.273  1.00 58.53  ? 2440 ARG A CZ  1 
ATOM   751  N NH1 . ARG A 1 97  ? -12.089 -18.054 -2.188  1.00 56.87  ? 2440 ARG A NH1 1 
ATOM   752  N NH2 . ARG A 1 97  ? -11.624 -18.883 -0.091  1.00 57.69  ? 2440 ARG A NH2 1 
ATOM   753  N N   . GLN A 1 98  ? -5.009  -18.039 -6.093  1.00 60.05  ? 2441 GLN A N   1 
ATOM   754  C CA  . GLN A 1 98  ? -4.293  -17.687 -7.304  1.00 61.79  ? 2441 GLN A CA  1 
ATOM   755  C C   . GLN A 1 98  ? -4.632  -16.320 -7.852  1.00 62.07  ? 2441 GLN A C   1 
ATOM   756  O O   . GLN A 1 98  ? -5.736  -15.811 -7.656  1.00 62.89  ? 2441 GLN A O   1 
ATOM   757  C CB  . GLN A 1 98  ? -4.516  -18.736 -8.383  1.00 62.65  ? 2441 GLN A CB  1 
ATOM   758  C CG  . GLN A 1 98  ? -3.215  -19.301 -8.883  1.00 64.59  ? 2441 GLN A CG  1 
ATOM   759  C CD  . GLN A 1 98  ? -3.274  -20.792 -8.981  1.00 66.67  ? 2441 GLN A CD  1 
ATOM   760  O OE1 . GLN A 1 98  ? -3.857  -21.337 -9.917  1.00 68.16  ? 2441 GLN A OE1 1 
ATOM   761  N NE2 . GLN A 1 98  ? -2.689  -21.475 -7.998  1.00 67.78  ? 2441 GLN A NE2 1 
ATOM   762  N N   . LEU A 1 99  ? -3.660  -15.724 -8.537  1.00 61.60  ? 2442 LEU A N   1 
ATOM   763  C CA  . LEU A 1 99  ? -3.845  -14.405 -9.126  1.00 59.43  ? 2442 LEU A CA  1 
ATOM   764  C C   . LEU A 1 99  ? -3.825  -14.492 -10.643 1.00 59.23  ? 2442 LEU A C   1 
ATOM   765  O O   . LEU A 1 99  ? -2.787  -14.759 -11.250 1.00 58.21  ? 2442 LEU A O   1 
ATOM   766  C CB  . LEU A 1 99  ? -2.756  -13.448 -8.638  1.00 55.08  ? 2442 LEU A CB  1 
ATOM   767  C CG  . LEU A 1 99  ? -2.707  -12.052 -9.246  1.00 52.51  ? 2442 LEU A CG  1 
ATOM   768  C CD1 . LEU A 1 99  ? -4.077  -11.368 -9.209  1.00 51.62  ? 2442 LEU A CD1 1 
ATOM   769  C CD2 . LEU A 1 99  ? -1.679  -11.263 -8.483  1.00 49.99  ? 2442 LEU A CD2 1 
ATOM   770  N N   . PRO A 1 100 ? -4.997  -14.314 -11.271 1.00 59.49  ? 2443 PRO A N   1 
ATOM   771  C CA  . PRO A 1 100 ? -5.097  -14.365 -12.731 1.00 59.74  ? 2443 PRO A CA  1 
ATOM   772  C C   . PRO A 1 100 ? -3.991  -13.475 -13.311 1.00 59.55  ? 2443 PRO A C   1 
ATOM   773  O O   . PRO A 1 100 ? -3.736  -12.396 -12.785 1.00 58.62  ? 2443 PRO A O   1 
ATOM   774  C CB  . PRO A 1 100 ? -6.495  -13.812 -12.981 1.00 59.20  ? 2443 PRO A CB  1 
ATOM   775  C CG  . PRO A 1 100 ? -7.266  -14.375 -11.816 1.00 57.07  ? 2443 PRO A CG  1 
ATOM   776  C CD  . PRO A 1 100 ? -6.327  -14.141 -10.653 1.00 58.39  ? 2443 PRO A CD  1 
ATOM   777  N N   . GLU A 1 101 ? -3.338  -13.930 -14.378 1.00 60.39  ? 2444 GLU A N   1 
ATOM   778  C CA  . GLU A 1 101 ? -2.245  -13.179 -15.002 1.00 60.95  ? 2444 GLU A CA  1 
ATOM   779  C C   . GLU A 1 101 ? -2.704  -11.869 -15.609 1.00 60.56  ? 2444 GLU A C   1 
ATOM   780  O O   . GLU A 1 101 ? -1.910  -10.954 -15.790 1.00 60.60  ? 2444 GLU A O   1 
ATOM   781  C CB  . GLU A 1 101 ? -1.554  -14.011 -16.083 1.00 62.24  ? 2444 GLU A CB  1 
ATOM   782  C CG  . GLU A 1 101 ? -0.945  -15.310 -15.589 1.00 65.54  ? 2444 GLU A CG  1 
ATOM   783  C CD  . GLU A 1 101 ? -1.980  -16.404 -15.377 1.00 68.73  ? 2444 GLU A CD  1 
ATOM   784  O OE1 . GLU A 1 101 ? -2.858  -16.248 -14.499 1.00 70.24  ? 2444 GLU A OE1 1 
ATOM   785  O OE2 . GLU A 1 101 ? -1.915  -17.425 -16.094 1.00 71.52  ? 2444 GLU A OE2 1 
ATOM   786  N N   . GLU A 1 102 ? -3.984  -11.792 -15.934 1.00 60.95  ? 2445 GLU A N   1 
ATOM   787  C CA  . GLU A 1 102 ? -4.559  -10.584 -16.498 1.00 62.16  ? 2445 GLU A CA  1 
ATOM   788  C C   . GLU A 1 102 ? -4.638  -9.537  -15.396 1.00 61.52  ? 2445 GLU A C   1 
ATOM   789  O O   . GLU A 1 102 ? -4.487  -8.340  -15.637 1.00 63.12  ? 2445 GLU A O   1 
ATOM   790  C CB  . GLU A 1 102 ? -5.959  -10.889 -17.038 1.00 65.68  ? 2445 GLU A CB  1 
ATOM   791  C CG  . GLU A 1 102 ? -6.982  -9.762  -16.871 1.00 72.54  ? 2445 GLU A CG  1 
ATOM   792  C CD  . GLU A 1 102 ? -8.372  -10.285 -16.487 1.00 76.08  ? 2445 GLU A CD  1 
ATOM   793  O OE1 . GLU A 1 102 ? -8.462  -11.053 -15.496 1.00 76.74  ? 2445 GLU A OE1 1 
ATOM   794  O OE2 . GLU A 1 102 ? -9.368  -9.928  -17.163 1.00 77.29  ? 2445 GLU A OE2 1 
ATOM   795  N N   . LEU A 1 103 ? -4.883  -9.997  -14.175 1.00 60.82  ? 2446 LEU A N   1 
ATOM   796  C CA  . LEU A 1 103 ? -4.992  -9.102  -13.028 1.00 59.38  ? 2446 LEU A CA  1 
ATOM   797  C C   . LEU A 1 103 ? -3.678  -8.989  -12.258 1.00 58.08  ? 2446 LEU A C   1 
ATOM   798  O O   . LEU A 1 103 ? -3.671  -8.588  -11.104 1.00 58.81  ? 2446 LEU A O   1 
ATOM   799  C CB  . LEU A 1 103 ? -6.093  -9.595  -12.095 1.00 57.49  ? 2446 LEU A CB  1 
ATOM   800  C CG  . LEU A 1 103 ? -7.451  -9.776  -12.768 1.00 57.40  ? 2446 LEU A CG  1 
ATOM   801  C CD1 . LEU A 1 103 ? -8.398  -10.370 -11.764 1.00 57.71  ? 2446 LEU A CD1 1 
ATOM   802  C CD2 . LEU A 1 103 ? -7.982  -8.448  -13.295 1.00 56.97  ? 2446 LEU A CD2 1 
ATOM   803  N N   . ALA A 1 104 ? -2.579  -9.361  -12.899 1.00 56.48  ? 2447 ALA A N   1 
ATOM   804  C CA  . ALA A 1 104 ? -1.261  -9.297  -12.285 1.00 56.27  ? 2447 ALA A CA  1 
ATOM   805  C C   . ALA A 1 104 ? -0.435  -8.359  -13.136 1.00 56.73  ? 2447 ALA A C   1 
ATOM   806  O O   . ALA A 1 104 ? 0.617   -7.879  -12.729 1.00 56.46  ? 2447 ALA A O   1 
ATOM   807  C CB  . ALA A 1 104 ? -0.631  -10.663 -12.270 1.00 53.32  ? 2447 ALA A CB  1 
ATOM   808  N N   . LYS A 1 105 ? -0.940  -8.110  -14.335 1.00 58.77  ? 2448 LYS A N   1 
ATOM   809  C CA  . LYS A 1 105 ? -0.278  -7.239  -15.283 1.00 60.65  ? 2448 LYS A CA  1 
ATOM   810  C C   . LYS A 1 105 ? -0.259  -5.800  -14.794 1.00 60.48  ? 2448 LYS A C   1 
ATOM   811  O O   . LYS A 1 105 ? 0.770   -5.123  -14.909 1.00 62.02  ? 2448 LYS A O   1 
ATOM   812  C CB  . LYS A 1 105 ? -0.963  -7.329  -16.657 1.00 61.75  ? 2448 LYS A CB  1 
ATOM   813  C CG  . LYS A 1 105 ? -0.810  -8.693  -17.295 1.00 61.87  ? 2448 LYS A CG  1 
ATOM   814  C CD  . LYS A 1 105 ? -1.080  -8.668  -18.780 1.00 63.26  ? 2448 LYS A CD  1 
ATOM   815  C CE  . LYS A 1 105 ? -0.738  -10.030 -19.414 1.00 65.00  ? 2448 LYS A CE  1 
ATOM   816  N NZ  . LYS A 1 105 ? 0.700   -10.410 -19.260 1.00 61.81  ? 2448 LYS A NZ  1 
ATOM   817  N N   . PRO A 1 106 ? -1.386  -5.311  -14.237 1.00 58.75  ? 2449 PRO A N   1 
ATOM   818  C CA  . PRO A 1 106 ? -1.399  -3.929  -13.754 1.00 57.55  ? 2449 PRO A CA  1 
ATOM   819  C C   . PRO A 1 106 ? -0.298  -3.672  -12.714 1.00 58.46  ? 2449 PRO A C   1 
ATOM   820  O O   . PRO A 1 106 ? 0.158   -4.597  -12.026 1.00 58.37  ? 2449 PRO A O   1 
ATOM   821  C CB  . PRO A 1 106 ? -2.799  -3.789  -13.172 1.00 55.42  ? 2449 PRO A CB  1 
ATOM   822  C CG  . PRO A 1 106 ? -3.606  -4.704  -14.021 1.00 54.96  ? 2449 PRO A CG  1 
ATOM   823  C CD  . PRO A 1 106 ? -2.721  -5.919  -14.095 1.00 57.42  ? 2449 PRO A CD  1 
ATOM   824  N N   . ALA A 1 107 ? 0.143   -2.419  -12.622 1.00 58.59  ? 2450 ALA A N   1 
ATOM   825  C CA  . ALA A 1 107 ? 1.181   -2.029  -11.665 1.00 57.65  ? 2450 ALA A CA  1 
ATOM   826  C C   . ALA A 1 107 ? 0.597   -1.931  -10.258 1.00 57.23  ? 2450 ALA A C   1 
ATOM   827  O O   . ALA A 1 107 ? -0.623  -1.907  -10.101 1.00 58.57  ? 2450 ALA A O   1 
ATOM   828  C CB  . ALA A 1 107 ? 1.755   -0.693  -12.062 1.00 56.65  ? 2450 ALA A CB  1 
ATOM   829  N N   . ARG A 1 108 ? 1.450   -1.874  -9.237  1.00 56.21  ? 2451 ARG A N   1 
ATOM   830  C CA  . ARG A 1 108 ? 0.933   -1.735  -7.881  1.00 55.41  ? 2451 ARG A CA  1 
ATOM   831  C C   . ARG A 1 108 ? 0.256   -0.371  -7.815  1.00 54.97  ? 2451 ARG A C   1 
ATOM   832  O O   . ARG A 1 108 ? 0.737   0.594   -8.414  1.00 53.25  ? 2451 ARG A O   1 
ATOM   833  C CB  . ARG A 1 108 ? 2.049   -1.850  -6.829  1.00 55.70  ? 2451 ARG A CB  1 
ATOM   834  C CG  . ARG A 1 108 ? 3.227   -0.883  -6.948  1.00 57.56  ? 2451 ARG A CG  1 
ATOM   835  C CD  . ARG A 1 108 ? 4.224   -1.136  -5.805  1.00 56.63  ? 2451 ARG A CD  1 
ATOM   836  N NE  . ARG A 1 108 ? 3.637   -0.767  -4.516  1.00 59.19  ? 2451 ARG A NE  1 
ATOM   837  C CZ  . ARG A 1 108 ? 3.891   -1.384  -3.362  1.00 60.15  ? 2451 ARG A CZ  1 
ATOM   838  N NH1 . ARG A 1 108 ? 4.734   -2.414  -3.324  1.00 61.31  ? 2451 ARG A NH1 1 
ATOM   839  N NH2 . ARG A 1 108 ? 3.287   -0.985  -2.247  1.00 58.33  ? 2451 ARG A NH2 1 
ATOM   840  N N   . TYR A 1 109 ? -0.870  -0.298  -7.114  1.00 54.54  ? 2452 TYR A N   1 
ATOM   841  C CA  . TYR A 1 109 ? -1.604  0.949   -7.016  1.00 56.29  ? 2452 TYR A CA  1 
ATOM   842  C C   . TYR A 1 109 ? -1.315  1.800   -5.777  1.00 56.17  ? 2452 TYR A C   1 
ATOM   843  O O   . TYR A 1 109 ? -1.976  2.819   -5.543  1.00 56.11  ? 2452 TYR A O   1 
ATOM   844  C CB  . TYR A 1 109 ? -3.102  0.683   -7.158  1.00 60.30  ? 2452 TYR A CB  1 
ATOM   845  C CG  . TYR A 1 109 ? -3.486  0.255   -8.556  1.00 65.08  ? 2452 TYR A CG  1 
ATOM   846  C CD1 . TYR A 1 109 ? -3.248  1.093   -9.651  1.00 67.50  ? 2452 TYR A CD1 1 
ATOM   847  C CD2 . TYR A 1 109 ? -4.070  -0.993  -8.794  1.00 67.18  ? 2452 TYR A CD2 1 
ATOM   848  C CE1 . TYR A 1 109 ? -3.580  0.698   -10.951 1.00 69.33  ? 2452 TYR A CE1 1 
ATOM   849  C CE2 . TYR A 1 109 ? -4.408  -1.399  -10.087 1.00 69.04  ? 2452 TYR A CE2 1 
ATOM   850  C CZ  . TYR A 1 109 ? -4.159  -0.547  -11.160 1.00 70.29  ? 2452 TYR A CZ  1 
ATOM   851  O OH  . TYR A 1 109 ? -4.488  -0.939  -12.436 1.00 70.30  ? 2452 TYR A OH  1 
ATOM   852  N N   . SER A 1 110 ? -0.344  1.375   -4.977  1.00 55.18  ? 2453 SER A N   1 
ATOM   853  C CA  . SER A 1 110 ? 0.070   2.159   -3.816  1.00 54.56  ? 2453 SER A CA  1 
ATOM   854  C C   . SER A 1 110 ? 1.546   2.390   -4.108  1.00 54.65  ? 2453 SER A C   1 
ATOM   855  O O   . SER A 1 110 ? 2.220   1.510   -4.661  1.00 53.97  ? 2453 SER A O   1 
ATOM   856  C CB  . SER A 1 110 ? -0.093  1.390   -2.497  1.00 51.73  ? 2453 SER A CB  1 
ATOM   857  O OG  . SER A 1 110 ? 0.858   0.353   -2.374  1.00 49.18  ? 2453 SER A OG  1 
ATOM   858  N N   . ARG A 1 111 ? 2.049   3.569   -3.757  1.00 53.58  ? 2454 ARG A N   1 
ATOM   859  C CA  . ARG A 1 111 ? 3.446   3.871   -4.014  1.00 51.60  ? 2454 ARG A CA  1 
ATOM   860  C C   . ARG A 1 111 ? 4.286   4.035   -2.764  1.00 50.04  ? 2454 ARG A C   1 
ATOM   861  O O   . ARG A 1 111 ? 3.947   4.807   -1.873  1.00 49.89  ? 2454 ARG A O   1 
ATOM   862  C CB  . ARG A 1 111 ? 3.548   5.129   -4.879  1.00 50.97  ? 2454 ARG A CB  1 
ATOM   863  C CG  . ARG A 1 111 ? 2.853   4.970   -6.230  1.00 52.18  ? 2454 ARG A CG  1 
ATOM   864  C CD  . ARG A 1 111 ? 3.038   6.193   -7.124  1.00 53.20  ? 2454 ARG A CD  1 
ATOM   865  N NE  . ARG A 1 111 ? 2.364   6.029   -8.409  1.00 55.67  ? 2454 ARG A NE  1 
ATOM   866  C CZ  . ARG A 1 111 ? 2.255   6.975   -9.341  1.00 58.50  ? 2454 ARG A CZ  1 
ATOM   867  N NH1 . ARG A 1 111 ? 2.786   8.185   -9.152  1.00 57.41  ? 2454 ARG A NH1 1 
ATOM   868  N NH2 . ARG A 1 111 ? 1.585   6.715   -10.461 1.00 59.44  ? 2454 ARG A NH2 1 
ATOM   869  N N   . HIS A 1 112 ? 5.381   3.284   -2.702  1.00 50.20  ? 2455 HIS A N   1 
ATOM   870  C CA  . HIS A 1 112 ? 6.330   3.371   -1.594  1.00 50.77  ? 2455 HIS A CA  1 
ATOM   871  C C   . HIS A 1 112 ? 7.001   4.751   -1.660  1.00 50.81  ? 2455 HIS A C   1 
ATOM   872  O O   . HIS A 1 112 ? 7.454   5.171   -2.723  1.00 49.12  ? 2455 HIS A O   1 
ATOM   873  C CB  . HIS A 1 112 ? 7.394   2.297   -1.741  1.00 51.65  ? 2455 HIS A CB  1 
ATOM   874  C CG  . HIS A 1 112 ? 8.227   2.118   -0.520  1.00 55.21  ? 2455 HIS A CG  1 
ATOM   875  N ND1 . HIS A 1 112 ? 8.645   3.179   0.254   1.00 57.27  ? 2455 HIS A ND1 1 
ATOM   876  C CD2 . HIS A 1 112 ? 8.729   1.002   0.064   1.00 56.25  ? 2455 HIS A CD2 1 
ATOM   877  C CE1 . HIS A 1 112 ? 9.370   2.724   1.262   1.00 58.15  ? 2455 HIS A CE1 1 
ATOM   878  N NE2 . HIS A 1 112 ? 9.435   1.409   1.169   1.00 57.04  ? 2455 HIS A NE2 1 
ATOM   879  N N   . CYS A 1 113 ? 7.069   5.457   -0.533  1.00 52.84  ? 2456 CYS A N   1 
ATOM   880  C CA  . CYS A 1 113 ? 7.671   6.797   -0.510  1.00 54.51  ? 2456 CYS A CA  1 
ATOM   881  C C   . CYS A 1 113 ? 8.647   7.058   0.627   1.00 55.80  ? 2456 CYS A C   1 
ATOM   882  O O   . CYS A 1 113 ? 8.883   6.207   1.489   1.00 54.09  ? 2456 CYS A O   1 
ATOM   883  C CB  . CYS A 1 113 ? 6.590   7.875   -0.423  1.00 54.01  ? 2456 CYS A CB  1 
ATOM   884  S SG  . CYS A 1 113 ? 5.548   8.111   -1.869  1.00 60.19  ? 2456 CYS A SG  1 
ATOM   885  N N   . GLU A 1 114 ? 9.180   8.278   0.612   1.00 59.47  ? 2457 GLU A N   1 
ATOM   886  C CA  . GLU A 1 114 ? 10.121  8.783   1.610   1.00 62.57  ? 2457 GLU A CA  1 
ATOM   887  C C   . GLU A 1 114 ? 10.461  10.250  1.343   1.00 64.53  ? 2457 GLU A C   1 
ATOM   888  O O   . GLU A 1 114 ? 10.384  10.731  0.206   1.00 62.60  ? 2457 GLU A O   1 
ATOM   889  C CB  . GLU A 1 114 ? 11.412  7.974   1.593   1.00 64.33  ? 2457 GLU A CB  1 
ATOM   890  C CG  . GLU A 1 114 ? 12.151  8.060   0.285   1.00 68.14  ? 2457 GLU A CG  1 
ATOM   891  C CD  . GLU A 1 114 ? 13.380  7.177   0.254   1.00 72.28  ? 2457 GLU A CD  1 
ATOM   892  O OE1 . GLU A 1 114 ? 13.258  5.960   0.553   1.00 72.86  ? 2457 GLU A OE1 1 
ATOM   893  O OE2 . GLU A 1 114 ? 14.468  7.702   -0.081  1.00 74.77  ? 2457 GLU A OE2 1 
ATOM   894  N N   . LEU A 1 115 ? 10.830  10.957  2.406   1.00 68.00  ? 2458 LEU A N   1 
ATOM   895  C CA  . LEU A 1 115 ? 11.216  12.359  2.299   1.00 71.49  ? 2458 LEU A CA  1 
ATOM   896  C C   . LEU A 1 115 ? 12.738  12.321  2.276   1.00 74.11  ? 2458 LEU A C   1 
ATOM   897  O O   . LEU A 1 115 ? 13.335  11.331  2.716   1.00 74.85  ? 2458 LEU A O   1 
ATOM   898  C CB  . LEU A 1 115 ? 10.737  13.133  3.523   1.00 72.03  ? 2458 LEU A CB  1 
ATOM   899  C CG  . LEU A 1 115 ? 9.291   12.903  3.981   1.00 72.01  ? 2458 LEU A CG  1 
ATOM   900  C CD1 . LEU A 1 115 ? 9.149   13.386  5.420   1.00 71.52  ? 2458 LEU A CD1 1 
ATOM   901  C CD2 . LEU A 1 115 ? 8.314   13.617  3.054   1.00 70.35  ? 2458 LEU A CD2 1 
ATOM   902  N N   . ASP A 1 116 ? 13.371  13.372  1.759   1.00 76.19  ? 2459 ASP A N   1 
ATOM   903  C CA  . ASP A 1 116 ? 14.831  13.401  1.705   1.00 77.59  ? 2459 ASP A CA  1 
ATOM   904  C C   . ASP A 1 116 ? 15.362  13.464  3.129   1.00 78.41  ? 2459 ASP A C   1 
ATOM   905  O O   . ASP A 1 116 ? 15.025  14.378  3.878   1.00 78.02  ? 2459 ASP A O   1 
ATOM   906  C CB  . ASP A 1 116 ? 15.331  14.591  0.884   1.00 20.00  ? 2459 ASP A CB  1 
ATOM   907  C CG  . ASP A 1 116 ? 16.839  14.598  0.726   1.00 20.00  ? 2459 ASP A CG  1 
ATOM   908  O OD1 . ASP A 1 116 ? 17.495  13.668  1.238   1.00 20.00  ? 2459 ASP A OD1 1 
ATOM   909  O OD2 . ASP A 1 116 ? 17.454  15.491  0.107   1.00 20.00  ? 2459 ASP A OD2 1 
ATOM   910  N N   . ALA A 1 117 ? 16.172  12.475  3.504   1.00 80.63  ? 2460 ALA A N   1 
ATOM   911  C CA  . ALA A 1 117 ? 16.747  12.423  4.848   1.00 83.35  ? 2460 ALA A CA  1 
ATOM   912  C C   . ALA A 1 117 ? 17.665  13.629  5.009   1.00 85.17  ? 2460 ALA A C   1 
ATOM   913  O O   . ALA A 1 117 ? 17.890  14.132  6.117   1.00 85.47  ? 2460 ALA A O   1 
ATOM   914  C CB  . ALA A 1 117 ? 17.535  11.125  5.037   1.00 82.57  ? 2460 ALA A CB  1 
ATOM   915  N N   . SER A 1 118 ? 18.178  14.083  3.870   1.00 86.86  ? 2461 SER A N   1 
ATOM   916  C CA  . SER A 1 118 ? 19.078  15.226  3.783   1.00 87.94  ? 2461 SER A CA  1 
ATOM   917  C C   . SER A 1 118 ? 18.419  16.505  4.317   1.00 88.39  ? 2461 SER A C   1 
ATOM   918  O O   . SER A 1 118 ? 19.101  17.479  4.655   1.00 87.73  ? 2461 SER A O   1 
ATOM   919  C CB  . SER A 1 118 ? 19.488  15.414  2.316   1.00 87.77  ? 2461 SER A CB  1 
ATOM   920  O OG  . SER A 1 118 ? 20.439  16.448  2.162   1.00 89.15  ? 2461 SER A OG  1 
ATOM   921  N N   . THR A 1 119 ? 17.089  16.479  4.408   1.00 89.18  ? 2462 THR A N   1 
ATOM   922  C CA  . THR A 1 119 ? 16.308  17.626  4.862   1.00 89.08  ? 2462 THR A CA  1 
ATOM   923  C C   . THR A 1 119 ? 15.517  17.373  6.141   1.00 89.33  ? 2462 THR A C   1 
ATOM   924  O O   . THR A 1 119 ? 14.721  18.216  6.547   1.00 88.40  ? 2462 THR A O   1 
ATOM   925  C CB  . THR A 1 119 ? 15.308  18.058  3.774   1.00 88.82  ? 2462 THR A CB  1 
ATOM   926  O OG1 . THR A 1 119 ? 14.272  17.072  3.659   1.00 89.09  ? 2462 THR A OG1 1 
ATOM   927  C CG2 . THR A 1 119 ? 16.012  18.187  2.431   1.00 88.10  ? 2462 THR A CG2 1 
ATOM   928  N N   . ILE A 1 120 ? 15.727  16.221  6.771   1.00 90.17  ? 2463 ILE A N   1 
ATOM   929  C CA  . ILE A 1 120 ? 15.007  15.903  8.000   1.00 91.78  ? 2463 ILE A CA  1 
ATOM   930  C C   . ILE A 1 120 ? 15.922  15.400  9.119   1.00 92.81  ? 2463 ILE A C   1 
ATOM   931  O O   . ILE A 1 120 ? 16.822  14.584  8.882   1.00 93.70  ? 2463 ILE A O   1 
ATOM   932  C CB  . ILE A 1 120 ? 13.907  14.824  7.760   1.00 91.90  ? 2463 ILE A CB  1 
ATOM   933  C CG1 . ILE A 1 120 ? 14.554  13.467  7.439   1.00 91.47  ? 2463 ILE A CG1 1 
ATOM   934  C CG2 . ILE A 1 120 ? 12.977  15.270  6.634   1.00 90.59  ? 2463 ILE A CG2 1 
ATOM   935  C CD1 . ILE A 1 120 ? 14.751  12.565  8.645   1.00 90.59  ? 2463 ILE A CD1 1 
ATOM   936  N N   . SER A 1 121 ? 15.676  15.885  10.337  1.00 92.61  ? 2464 SER A N   1 
ATOM   937  C CA  . SER A 1 121 ? 16.453  15.489  11.511  1.00 91.70  ? 2464 SER A CA  1 
ATOM   938  C C   . SER A 1 121 ? 15.685  15.796  12.792  1.00 91.33  ? 2464 SER A C   1 
ATOM   939  O O   . SER A 1 121 ? 15.035  14.922  13.366  1.00 91.08  ? 2464 SER A O   1 
ATOM   940  C CB  . SER A 1 121 ? 17.797  16.212  11.518  1.00 91.07  ? 2464 SER A CB  1 
ATOM   941  N N   . ALA A 1 125 ? 10.374  10.736  16.419  1.00 87.18  ? 2468 ALA A N   1 
ATOM   942  C CA  . ALA A 1 125 ? 9.501   10.867  15.254  1.00 87.78  ? 2468 ALA A CA  1 
ATOM   943  C C   . ALA A 1 125 ? 8.032   10.595  15.598  1.00 88.15  ? 2468 ALA A C   1 
ATOM   944  O O   . ALA A 1 125 ? 7.129   11.012  14.873  1.00 88.48  ? 2468 ALA A O   1 
ATOM   945  C CB  . ALA A 1 125 ? 9.960   9.914   14.155  1.00 86.89  ? 2468 ALA A CB  1 
ATOM   946  N N   . ALA A 1 126 ? 7.803   9.901   16.710  1.00 87.93  ? 2469 ALA A N   1 
ATOM   947  C CA  . ALA A 1 126 ? 6.458   9.553   17.162  1.00 86.61  ? 2469 ALA A CA  1 
ATOM   948  C C   . ALA A 1 126 ? 5.468   10.713  17.125  1.00 85.82  ? 2469 ALA A C   1 
ATOM   949  O O   . ALA A 1 126 ? 4.264   10.503  17.287  1.00 85.81  ? 2469 ALA A O   1 
ATOM   950  C CB  . ALA A 1 126 ? 6.521   8.975   18.582  1.00 86.77  ? 2469 ALA A CB  1 
ATOM   951  N N   . LEU A 1 127 ? 5.966   11.929  16.920  1.00 84.68  ? 2470 LEU A N   1 
ATOM   952  C CA  . LEU A 1 127 ? 5.094   13.100  16.878  1.00 84.04  ? 2470 LEU A CA  1 
ATOM   953  C C   . LEU A 1 127 ? 4.366   13.215  15.536  1.00 83.37  ? 2470 LEU A C   1 
ATOM   954  O O   . LEU A 1 127 ? 3.168   13.512  15.496  1.00 83.19  ? 2470 LEU A O   1 
ATOM   955  C CB  . LEU A 1 127 ? 5.906   14.372  17.161  1.00 83.85  ? 2470 LEU A CB  1 
ATOM   956  N N   . LEU A 1 128 ? 5.093   12.964  14.445  1.00 82.19  ? 2471 LEU A N   1 
ATOM   957  C CA  . LEU A 1 128 ? 4.530   13.030  13.094  1.00 79.74  ? 2471 LEU A CA  1 
ATOM   958  C C   . LEU A 1 128 ? 3.718   11.766  12.800  1.00 78.15  ? 2471 LEU A C   1 
ATOM   959  O O   . LEU A 1 128 ? 2.729   11.812  12.074  1.00 77.51  ? 2471 LEU A O   1 
ATOM   960  C CB  . LEU A 1 128 ? 5.652   13.163  12.058  1.00 79.46  ? 2471 LEU A CB  1 
ATOM   961  C CG  . LEU A 1 128 ? 5.377   14.009  10.810  1.00 78.79  ? 2471 LEU A CG  1 
ATOM   962  C CD1 . LEU A 1 128 ? 6.437   13.701  9.780   1.00 78.01  ? 2471 LEU A CD1 1 
ATOM   963  C CD2 . LEU A 1 128 ? 4.000   13.717  10.238  1.00 79.41  ? 2471 LEU A CD2 1 
ATOM   964  N N   . GLN A 1 129 ? 4.155   10.641  13.358  1.00 76.76  ? 2472 GLN A N   1 
ATOM   965  C CA  . GLN A 1 129 ? 3.467   9.370   13.183  1.00 76.88  ? 2472 GLN A CA  1 
ATOM   966  C C   . GLN A 1 129 ? 1.979   9.540   13.534  1.00 77.34  ? 2472 GLN A C   1 
ATOM   967  O O   . GLN A 1 129 ? 1.092   9.314   12.694  1.00 77.35  ? 2472 GLN A O   1 
ATOM   968  C CB  . GLN A 1 129 ? 4.106   8.306   14.085  1.00 77.76  ? 2472 GLN A CB  1 
ATOM   969  C CG  . GLN A 1 129 ? 3.389   6.957   14.092  1.00 80.56  ? 2472 GLN A CG  1 
ATOM   970  C CD  . GLN A 1 129 ? 3.586   6.174   12.803  1.00 83.38  ? 2472 GLN A CD  1 
ATOM   971  O OE1 . GLN A 1 129 ? 2.923   5.152   12.564  1.00 83.78  ? 2472 GLN A OE1 1 
ATOM   972  N NE2 . GLN A 1 129 ? 4.511   6.642   11.965  1.00 84.25  ? 2472 GLN A NE2 1 
ATOM   973  N N   . SER A 1 130 ? 1.709   9.948   14.773  1.00 76.15  ? 2473 SER A N   1 
ATOM   974  C CA  . SER A 1 130 ? 0.338   10.155  15.234  1.00 74.88  ? 2473 SER A CA  1 
ATOM   975  C C   . SER A 1 130 ? -0.363  11.244  14.424  1.00 73.49  ? 2473 SER A C   1 
ATOM   976  O O   . SER A 1 130 ? -1.576  11.190  14.217  1.00 73.92  ? 2473 SER A O   1 
ATOM   977  C CB  . SER A 1 130 ? 0.334   10.534  16.712  1.00 75.89  ? 2473 SER A CB  1 
ATOM   978  O OG  . SER A 1 130 ? 1.189   11.642  16.939  1.00 78.27  ? 2473 SER A OG  1 
ATOM   979  N N   . PHE A 1 131 ? 0.399   12.234  13.970  1.00 70.87  ? 2474 PHE A N   1 
ATOM   980  C CA  . PHE A 1 131 ? -0.170  13.307  13.174  1.00 68.75  ? 2474 PHE A CA  1 
ATOM   981  C C   . PHE A 1 131 ? -0.727  12.773  11.846  1.00 69.63  ? 2474 PHE A C   1 
ATOM   982  O O   . PHE A 1 131 ? -1.798  13.194  11.389  1.00 69.46  ? 2474 PHE A O   1 
ATOM   983  C CB  . PHE A 1 131 ? 0.891   14.378  12.923  1.00 66.77  ? 2474 PHE A CB  1 
ATOM   984  C CG  . PHE A 1 131 ? 0.407   15.520  12.077  1.00 65.38  ? 2474 PHE A CG  1 
ATOM   985  C CD1 . PHE A 1 131 ? 0.516   15.467  10.705  1.00 63.30  ? 2474 PHE A CD1 1 
ATOM   986  C CD2 . PHE A 1 131 ? -0.190  16.634  12.654  1.00 64.85  ? 2474 PHE A CD2 1 
ATOM   987  C CE1 . PHE A 1 131 ? 0.041   16.495  9.927   1.00 62.92  ? 2474 PHE A CE1 1 
ATOM   988  C CE2 . PHE A 1 131 ? -0.670  17.669  11.869  1.00 64.14  ? 2474 PHE A CE2 1 
ATOM   989  C CZ  . PHE A 1 131 ? -0.553  17.598  10.498  1.00 64.46  ? 2474 PHE A CZ  1 
ATOM   990  N N   . ILE A 1 132 ? 0.001   11.840  11.231  1.00 70.42  ? 2475 ILE A N   1 
ATOM   991  C CA  . ILE A 1 132 ? -0.422  11.242  9.964   1.00 71.06  ? 2475 ILE A CA  1 
ATOM   992  C C   . ILE A 1 132 ? -1.562  10.249  10.205  1.00 70.19  ? 2475 ILE A C   1 
ATOM   993  O O   . ILE A 1 132 ? -2.583  10.294  9.519   1.00 69.81  ? 2475 ILE A O   1 
ATOM   994  C CB  . ILE A 1 132 ? 0.750   10.475  9.252   1.00 72.13  ? 2475 ILE A CB  1 
ATOM   995  C CG1 . ILE A 1 132 ? 1.905   11.434  8.929   1.00 72.33  ? 2475 ILE A CG1 1 
ATOM   996  C CG2 . ILE A 1 132 ? 0.227   9.785   7.968   1.00 69.78  ? 2475 ILE A CG2 1 
ATOM   997  C CD1 . ILE A 1 132 ? 1.869   12.205  7.599   1.00 71.90  ? 2475 ILE A CD1 1 
ATOM   998  N N   . ASP A 1 133 ? -1.385  9.353   11.176  1.00 70.30  ? 2476 ASP A N   1 
ATOM   999  C CA  . ASP A 1 133 ? -2.416  8.357   11.467  1.00 71.55  ? 2476 ASP A CA  1 
ATOM   1000 C C   . ASP A 1 133 ? -3.737  9.008   11.876  1.00 70.10  ? 2476 ASP A C   1 
ATOM   1001 O O   . ASP A 1 133 ? -4.815  8.489   11.586  1.00 69.40  ? 2476 ASP A O   1 
ATOM   1002 C CB  . ASP A 1 133 ? -1.940  7.382   12.551  1.00 75.12  ? 2476 ASP A CB  1 
ATOM   1003 C CG  . ASP A 1 133 ? -0.731  6.549   12.102  1.00 79.98  ? 2476 ASP A CG  1 
ATOM   1004 O OD1 . ASP A 1 133 ? -0.634  6.216   10.894  1.00 80.06  ? 2476 ASP A OD1 1 
ATOM   1005 O OD2 . ASP A 1 133 ? 0.120   6.215   12.960  1.00 83.28  ? 2476 ASP A OD2 1 
ATOM   1006 N N   . THR A 1 134 ? -3.657  10.157  12.528  1.00 67.97  ? 2477 THR A N   1 
ATOM   1007 C CA  . THR A 1 134 ? -4.868  10.839  12.935  1.00 67.64  ? 2477 THR A CA  1 
ATOM   1008 C C   . THR A 1 134 ? -5.614  11.372  11.717  1.00 66.89  ? 2477 THR A C   1 
ATOM   1009 O O   . THR A 1 134 ? -6.756  11.813  11.825  1.00 68.14  ? 2477 THR A O   1 
ATOM   1010 C CB  . THR A 1 134 ? -4.542  11.985  13.903  1.00 67.89  ? 2477 THR A CB  1 
ATOM   1011 O OG1 . THR A 1 134 ? -3.821  11.449  15.013  1.00 68.50  ? 2477 THR A OG1 1 
ATOM   1012 C CG2 . THR A 1 134 ? -5.815  12.636  14.434  1.00 67.49  ? 2477 THR A CG2 1 
ATOM   1013 N N   . ARG A 1 135 ? -4.980  11.320  10.552  1.00 65.78  ? 2478 ARG A N   1 
ATOM   1014 C CA  . ARG A 1 135 ? -5.618  11.805  9.334   1.00 64.35  ? 2478 ARG A CA  1 
ATOM   1015 C C   . ARG A 1 135 ? -5.639  10.762  8.218   1.00 63.86  ? 2478 ARG A C   1 
ATOM   1016 O O   . ARG A 1 135 ? -5.627  11.100  7.035   1.00 63.85  ? 2478 ARG A O   1 
ATOM   1017 C CB  . ARG A 1 135 ? -4.923  13.089  8.871   1.00 63.81  ? 2478 ARG A CB  1 
ATOM   1018 C CG  . ARG A 1 135 ? -4.679  14.026  10.027  1.00 62.72  ? 2478 ARG A CG  1 
ATOM   1019 C CD  . ARG A 1 135 ? -4.656  15.491  9.635   1.00 63.71  ? 2478 ARG A CD  1 
ATOM   1020 N NE  . ARG A 1 135 ? -4.912  16.336  10.805  1.00 65.00  ? 2478 ARG A NE  1 
ATOM   1021 C CZ  . ARG A 1 135 ? -4.201  16.311  11.933  1.00 64.63  ? 2478 ARG A CZ  1 
ATOM   1022 N NH1 . ARG A 1 135 ? -3.164  15.490  12.071  1.00 63.16  ? 2478 ARG A NH1 1 
ATOM   1023 N NH2 . ARG A 1 135 ? -4.549  17.093  12.943  1.00 65.58  ? 2478 ARG A NH2 1 
ATOM   1024 N N   . PHE A 1 136 ? -5.697  9.494   8.615   1.00 64.21  ? 2479 PHE A N   1 
ATOM   1025 C CA  . PHE A 1 136 ? -5.732  8.366   7.689   1.00 66.06  ? 2479 PHE A CA  1 
ATOM   1026 C C   . PHE A 1 136 ? -6.817  8.526   6.622   1.00 66.55  ? 2479 PHE A C   1 
ATOM   1027 O O   . PHE A 1 136 ? -6.684  8.049   5.487   1.00 66.30  ? 2479 PHE A O   1 
ATOM   1028 C CB  . PHE A 1 136 ? -5.964  7.066   8.473   1.00 66.81  ? 2479 PHE A CB  1 
ATOM   1029 C CG  . PHE A 1 136 ? -7.276  7.023   9.220   1.00 69.18  ? 2479 PHE A CG  1 
ATOM   1030 C CD1 . PHE A 1 136 ? -8.483  6.847   8.542   1.00 70.03  ? 2479 PHE A CD1 1 
ATOM   1031 C CD2 . PHE A 1 136 ? -7.308  7.192   10.602  1.00 70.49  ? 2479 PHE A CD2 1 
ATOM   1032 C CE1 . PHE A 1 136 ? -9.700  6.850   9.227   1.00 70.16  ? 2479 PHE A CE1 1 
ATOM   1033 C CE2 . PHE A 1 136 ? -8.524  7.195   11.298  1.00 71.49  ? 2479 PHE A CE2 1 
ATOM   1034 C CZ  . PHE A 1 136 ? -9.722  7.025   10.606  1.00 71.08  ? 2479 PHE A CZ  1 
ATOM   1035 N N   . SER A 1 137 ? -7.885  9.214   7.003   1.00 67.30  ? 2480 SER A N   1 
ATOM   1036 C CA  . SER A 1 137 ? -9.027  9.440   6.133   1.00 68.27  ? 2480 SER A CA  1 
ATOM   1037 C C   . SER A 1 137 ? -9.017  10.827  5.507   1.00 69.60  ? 2480 SER A C   1 
ATOM   1038 O O   . SER A 1 137 ? -10.078 11.379  5.208   1.00 70.67  ? 2480 SER A O   1 
ATOM   1039 C CB  . SER A 1 137 ? -10.315 9.264   6.938   1.00 67.38  ? 2480 SER A CB  1 
ATOM   1040 O OG  . SER A 1 137 ? -10.338 10.154  8.043   1.00 65.77  ? 2480 SER A OG  1 
ATOM   1041 N N   . GLU A 1 138 ? -7.836  11.398  5.300   1.00 70.08  ? 2481 GLU A N   1 
ATOM   1042 C CA  . GLU A 1 138 ? -7.783  12.727  4.718   1.00 71.48  ? 2481 GLU A CA  1 
ATOM   1043 C C   . GLU A 1 138 ? -6.816  12.828  3.565   1.00 70.66  ? 2481 GLU A C   1 
ATOM   1044 O O   . GLU A 1 138 ? -5.887  12.027  3.451   1.00 70.52  ? 2481 GLU A O   1 
ATOM   1045 C CB  . GLU A 1 138 ? -7.438  13.742  5.795   1.00 74.28  ? 2481 GLU A CB  1 
ATOM   1046 C CG  . GLU A 1 138 ? -8.353  13.607  6.991   1.00 81.53  ? 2481 GLU A CG  1 
ATOM   1047 C CD  . GLU A 1 138 ? -8.333  14.823  7.890   1.00 87.08  ? 2481 GLU A CD  1 
ATOM   1048 O OE1 . GLU A 1 138 ? -7.246  15.162  8.423   1.00 89.68  ? 2481 GLU A OE1 1 
ATOM   1049 O OE2 . GLU A 1 138 ? -9.412  15.439  8.062   1.00 88.94  ? 2481 GLU A OE2 1 
ATOM   1050 N N   . THR A 1 139 ? -7.039  13.819  2.707   1.00 69.54  ? 2482 THR A N   1 
ATOM   1051 C CA  . THR A 1 139 ? -6.198  14.023  1.536   1.00 69.51  ? 2482 THR A CA  1 
ATOM   1052 C C   . THR A 1 139 ? -4.915  14.805  1.776   1.00 69.89  ? 2482 THR A C   1 
ATOM   1053 O O   . THR A 1 139 ? -4.932  15.884  2.376   1.00 71.12  ? 2482 THR A O   1 
ATOM   1054 C CB  . THR A 1 139 ? -6.972  14.745  0.407   1.00 69.39  ? 2482 THR A CB  1 
ATOM   1055 O OG1 . THR A 1 139 ? -7.879  13.830  -0.216  1.00 70.66  ? 2482 THR A OG1 1 
ATOM   1056 C CG2 . THR A 1 139 ? -6.015  15.284  -0.646  1.00 68.59  ? 2482 THR A CG2 1 
ATOM   1057 N N   . PHE A 1 140 ? -3.805  14.253  1.290   1.00 69.03  ? 2483 PHE A N   1 
ATOM   1058 C CA  . PHE A 1 140 ? -2.511  14.910  1.389   1.00 68.42  ? 2483 PHE A CA  1 
ATOM   1059 C C   . PHE A 1 140 ? -2.059  15.239  -0.027  1.00 68.11  ? 2483 PHE A C   1 
ATOM   1060 O O   . PHE A 1 140 ? -2.826  15.144  -0.983  1.00 67.90  ? 2483 PHE A O   1 
ATOM   1061 C CB  . PHE A 1 140 ? -1.466  14.002  2.030   1.00 67.72  ? 2483 PHE A CB  1 
ATOM   1062 C CG  . PHE A 1 140 ? -1.785  13.607  3.426   1.00 66.73  ? 2483 PHE A CG  1 
ATOM   1063 C CD1 . PHE A 1 140 ? -2.984  12.966  3.722   1.00 66.91  ? 2483 PHE A CD1 1 
ATOM   1064 C CD2 . PHE A 1 140 ? -0.872  13.845  4.449   1.00 65.51  ? 2483 PHE A CD2 1 
ATOM   1065 C CE1 . PHE A 1 140 ? -3.262  12.570  5.029   1.00 67.80  ? 2483 PHE A CE1 1 
ATOM   1066 C CE2 . PHE A 1 140 ? -1.143  13.451  5.747   1.00 64.56  ? 2483 PHE A CE2 1 
ATOM   1067 C CZ  . PHE A 1 140 ? -2.327  12.815  6.053   1.00 65.39  ? 2483 PHE A CZ  1 
ATOM   1068 N N   . GLN A 1 141 ? -0.798  15.620  -0.150  1.00 68.51  ? 2484 GLN A N   1 
ATOM   1069 C CA  . GLN A 1 141 ? -0.241  15.956  -1.439  1.00 69.08  ? 2484 GLN A CA  1 
ATOM   1070 C C   . GLN A 1 141 ? 1.227   15.623  -1.474  1.00 68.92  ? 2484 GLN A C   1 
ATOM   1071 O O   . GLN A 1 141 ? 1.945   15.824  -0.498  1.00 70.78  ? 2484 GLN A O   1 
ATOM   1072 C CB  . GLN A 1 141 ? -0.439  17.435  -1.734  1.00 68.93  ? 2484 GLN A CB  1 
ATOM   1073 C CG  . GLN A 1 141 ? -1.854  17.783  -2.125  1.00 68.30  ? 2484 GLN A CG  1 
ATOM   1074 C CD  . GLN A 1 141 ? -1.949  19.183  -2.665  1.00 68.03  ? 2484 GLN A CD  1 
ATOM   1075 O OE1 . GLN A 1 141 ? -1.705  20.147  -1.943  1.00 67.73  ? 2484 GLN A OE1 1 
ATOM   1076 N NE2 . GLN A 1 141 ? -2.292  19.308  -3.945  1.00 67.00  ? 2484 GLN A NE2 1 
ATOM   1077 N N   . VAL A 1 142 ? 1.667   15.093  -2.603  1.00 67.89  ? 2485 VAL A N   1 
ATOM   1078 C CA  . VAL A 1 142 ? 3.057   14.739  -2.768  1.00 66.84  ? 2485 VAL A CA  1 
ATOM   1079 C C   . VAL A 1 142 ? 3.628   15.445  -3.966  1.00 68.24  ? 2485 VAL A C   1 
ATOM   1080 O O   . VAL A 1 142 ? 2.930   15.754  -4.936  1.00 67.34  ? 2485 VAL A O   1 
ATOM   1081 C CB  . VAL A 1 142 ? 3.254   13.227  -2.992  1.00 65.62  ? 2485 VAL A CB  1 
ATOM   1082 C CG1 . VAL A 1 142 ? 3.113   12.483  -1.683  1.00 64.85  ? 2485 VAL A CG1 1 
ATOM   1083 C CG2 . VAL A 1 142 ? 2.248   12.720  -4.020  1.00 63.80  ? 2485 VAL A CG2 1 
ATOM   1084 N N   . GLU A 1 143 ? 4.917   15.709  -3.869  1.00 69.91  ? 2486 GLU A N   1 
ATOM   1085 C CA  . GLU A 1 143 ? 5.653   16.330  -4.937  1.00 72.07  ? 2486 GLU A CA  1 
ATOM   1086 C C   . GLU A 1 143 ? 6.662   15.231  -5.165  1.00 71.73  ? 2486 GLU A C   1 
ATOM   1087 O O   . GLU A 1 143 ? 7.489   14.983  -4.288  1.00 71.34  ? 2486 GLU A O   1 
ATOM   1088 C CB  . GLU A 1 143 ? 6.358   17.581  -4.432  1.00 75.70  ? 2486 GLU A CB  1 
ATOM   1089 C CG  . GLU A 1 143 ? 6.905   18.482  -5.521  1.00 81.49  ? 2486 GLU A CG  1 
ATOM   1090 C CD  . GLU A 1 143 ? 7.922   19.480  -4.984  1.00 84.98  ? 2486 GLU A CD  1 
ATOM   1091 O OE1 . GLU A 1 143 ? 7.654   20.105  -3.934  1.00 86.31  ? 2486 GLU A OE1 1 
ATOM   1092 O OE2 . GLU A 1 143 ? 8.989   19.639  -5.618  1.00 87.58  ? 2486 GLU A OE2 1 
ATOM   1093 N N   . ILE A 1 144 ? 6.569   14.524  -6.290  1.00 71.86  ? 2487 ILE A N   1 
ATOM   1094 C CA  . ILE A 1 144 ? 7.537   13.460  -6.548  1.00 72.08  ? 2487 ILE A CA  1 
ATOM   1095 C C   . ILE A 1 144 ? 8.803   14.147  -7.019  1.00 72.07  ? 2487 ILE A C   1 
ATOM   1096 O O   . ILE A 1 144 ? 8.837   14.718  -8.112  1.00 72.94  ? 2487 ILE A O   1 
ATOM   1097 C CB  . ILE A 1 144 ? 7.069   12.446  -7.641  1.00 71.83  ? 2487 ILE A CB  1 
ATOM   1098 C CG1 . ILE A 1 144 ? 5.851   11.655  -7.160  1.00 72.53  ? 2487 ILE A CG1 1 
ATOM   1099 C CG2 . ILE A 1 144 ? 8.183   11.444  -7.936  1.00 70.04  ? 2487 ILE A CG2 1 
ATOM   1100 C CD1 . ILE A 1 144 ? 4.551   12.451  -7.108  1.00 74.62  ? 2487 ILE A CD1 1 
ATOM   1101 N N   . LEU A 1 145 ? 9.835   14.114  -6.183  1.00 70.52  ? 2488 LEU A N   1 
ATOM   1102 C CA  . LEU A 1 145 ? 11.095  14.750  -6.527  1.00 69.78  ? 2488 LEU A CA  1 
ATOM   1103 C C   . LEU A 1 145 ? 11.936  13.852  -7.410  1.00 70.87  ? 2488 LEU A C   1 
ATOM   1104 O O   . LEU A 1 145 ? 12.760  14.337  -8.183  1.00 72.54  ? 2488 LEU A O   1 
ATOM   1105 C CB  . LEU A 1 145 ? 11.875  15.111  -5.265  1.00 67.53  ? 2488 LEU A CB  1 
ATOM   1106 C CG  . LEU A 1 145 ? 11.266  16.245  -4.450  1.00 67.19  ? 2488 LEU A CG  1 
ATOM   1107 C CD1 . LEU A 1 145 ? 12.163  16.563  -3.269  1.00 68.72  ? 2488 LEU A CD1 1 
ATOM   1108 C CD2 . LEU A 1 145 ? 11.089  17.471  -5.334  1.00 67.03  ? 2488 LEU A CD2 1 
ATOM   1109 N N   . ALA A 1 146 ? 11.722  12.544  -7.290  1.00 70.53  ? 2489 ALA A N   1 
ATOM   1110 C CA  . ALA A 1 146 ? 12.457  11.562  -8.071  1.00 70.43  ? 2489 ALA A CA  1 
ATOM   1111 C C   . ALA A 1 146 ? 11.935  10.165  -7.777  1.00 70.57  ? 2489 ALA A C   1 
ATOM   1112 O O   . ALA A 1 146 ? 11.194  9.962   -6.821  1.00 71.63  ? 2489 ALA A O   1 
ATOM   1113 C CB  . ALA A 1 146 ? 13.942  11.634  -7.735  1.00 71.05  ? 2489 ALA A CB  1 
ATOM   1114 N N   . THR A 1 147 ? 12.320  9.204   -8.606  1.00 69.40  ? 2490 THR A N   1 
ATOM   1115 C CA  . THR A 1 147 ? 11.923  7.819   -8.414  1.00 68.57  ? 2490 THR A CA  1 
ATOM   1116 C C   . THR A 1 147 ? 13.205  7.025   -8.251  1.00 68.50  ? 2490 THR A C   1 
ATOM   1117 O O   . THR A 1 147 ? 13.931  6.799   -9.219  1.00 68.61  ? 2490 THR A O   1 
ATOM   1118 C CB  . THR A 1 147 ? 11.153  7.280   -9.624  1.00 69.16  ? 2490 THR A CB  1 
ATOM   1119 O OG1 . THR A 1 147 ? 9.955   8.044   -9.803  1.00 68.02  ? 2490 THR A OG1 1 
ATOM   1120 C CG2 . THR A 1 147 ? 10.804  5.809   -9.422  1.00 69.05  ? 2490 THR A CG2 1 
ATOM   1121 N N   . LYS A 1 148 ? 13.498  6.617   -7.026  1.00 67.92  ? 2491 LYS A N   1 
ATOM   1122 C CA  . LYS A 1 148 ? 14.714  5.867   -6.779  1.00 68.50  ? 2491 LYS A CA  1 
ATOM   1123 C C   . LYS A 1 148 ? 14.791  4.604   -7.619  1.00 67.97  ? 2491 LYS A C   1 
ATOM   1124 O O   . LYS A 1 148 ? 13.779  4.108   -8.116  1.00 67.91  ? 2491 LYS A O   1 
ATOM   1125 C CB  . LYS A 1 148 ? 14.839  5.528   -5.292  1.00 70.30  ? 2491 LYS A CB  1 
ATOM   1126 C CG  . LYS A 1 148 ? 15.370  6.688   -4.454  1.00 72.24  ? 2491 LYS A CG  1 
ATOM   1127 C CD  . LYS A 1 148 ? 16.113  6.174   -3.232  1.00 73.91  ? 2491 LYS A CD  1 
ATOM   1128 C CE  . LYS A 1 148 ? 17.210  7.143   -2.833  1.00 75.10  ? 2491 LYS A CE  1 
ATOM   1129 N NZ  . LYS A 1 148 ? 18.126  6.543   -1.820  1.00 77.11  ? 2491 LYS A NZ  1 
ATOM   1130 N N   . GLY A 1 149 ? 16.004  4.085   -7.766  1.00 67.63  ? 2492 GLY A N   1 
ATOM   1131 C CA  . GLY A 1 149 ? 16.217  2.887   -8.558  1.00 68.38  ? 2492 GLY A CA  1 
ATOM   1132 C C   . GLY A 1 149 ? 15.362  1.676   -8.228  1.00 68.77  ? 2492 GLY A C   1 
ATOM   1133 O O   . GLY A 1 149 ? 15.124  0.827   -9.088  1.00 68.56  ? 2492 GLY A O   1 
ATOM   1134 N N   . THR A 1 150 ? 14.904  1.584   -6.986  1.00 70.14  ? 2493 THR A N   1 
ATOM   1135 C CA  . THR A 1 150 ? 14.081  0.454   -6.566  1.00 71.22  ? 2493 THR A CA  1 
ATOM   1136 C C   . THR A 1 150 ? 12.574  0.753   -6.560  1.00 71.01  ? 2493 THR A C   1 
ATOM   1137 O O   . THR A 1 150 ? 11.778  0.016   -5.973  1.00 70.40  ? 2493 THR A O   1 
ATOM   1138 C CB  . THR A 1 150 ? 14.524  -0.052  -5.175  1.00 71.34  ? 2493 THR A CB  1 
ATOM   1139 O OG1 . THR A 1 150 ? 14.749  1.067   -4.306  1.00 71.50  ? 2493 THR A OG1 1 
ATOM   1140 C CG2 . THR A 1 150 ? 15.810  -0.879  -5.297  1.00 71.72  ? 2493 THR A CG2 1 
ATOM   1141 N N   . GLY A 1 151 ? 12.189  1.834   -7.227  1.00 71.34  ? 2494 GLY A N   1 
ATOM   1142 C CA  . GLY A 1 151 ? 10.783  2.181   -7.309  1.00 71.05  ? 2494 GLY A CA  1 
ATOM   1143 C C   . GLY A 1 151 ? 10.303  3.134   -6.239  1.00 70.69  ? 2494 GLY A C   1 
ATOM   1144 O O   . GLY A 1 151 ? 9.257   3.769   -6.400  1.00 70.95  ? 2494 GLY A O   1 
ATOM   1145 N N   . THR A 1 152 ? 11.056  3.241   -5.150  1.00 69.21  ? 2495 THR A N   1 
ATOM   1146 C CA  . THR A 1 152 ? 10.670  4.131   -4.062  1.00 68.52  ? 2495 THR A CA  1 
ATOM   1147 C C   . THR A 1 152 ? 10.763  5.615   -4.390  1.00 67.56  ? 2495 THR A C   1 
ATOM   1148 O O   . THR A 1 152 ? 11.828  6.126   -4.726  1.00 68.48  ? 2495 THR A O   1 
ATOM   1149 C CB  . THR A 1 152 ? 11.496  3.856   -2.810  1.00 68.18  ? 2495 THR A CB  1 
ATOM   1150 O OG1 . THR A 1 152 ? 10.906  2.764   -2.102  1.00 70.26  ? 2495 THR A OG1 1 
ATOM   1151 C CG2 . THR A 1 152 ? 11.539  5.080   -1.909  1.00 66.50  ? 2495 THR A CG2 1 
ATOM   1152 N N   . HIS A 1 153 ? 9.633   6.300   -4.282  1.00 66.09  ? 2496 HIS A N   1 
ATOM   1153 C CA  . HIS A 1 153 ? 9.587   7.719   -4.550  1.00 65.94  ? 2496 HIS A CA  1 
ATOM   1154 C C   . HIS A 1 153 ? 10.209  8.539   -3.429  1.00 66.49  ? 2496 HIS A C   1 
ATOM   1155 O O   . HIS A 1 153 ? 10.105  8.192   -2.249  1.00 66.79  ? 2496 HIS A O   1 
ATOM   1156 C CB  . HIS A 1 153 ? 8.150   8.194   -4.715  1.00 66.24  ? 2496 HIS A CB  1 
ATOM   1157 C CG  . HIS A 1 153 ? 7.509   7.769   -5.992  1.00 67.19  ? 2496 HIS A CG  1 
ATOM   1158 N ND1 . HIS A 1 153 ? 8.180   7.766   -7.193  1.00 67.61  ? 2496 HIS A ND1 1 
ATOM   1159 C CD2 . HIS A 1 153 ? 6.237   7.397   -6.268  1.00 67.07  ? 2496 HIS A CD2 1 
ATOM   1160 C CE1 . HIS A 1 153 ? 7.347   7.414   -8.157  1.00 67.79  ? 2496 HIS A CE1 1 
ATOM   1161 N NE2 . HIS A 1 153 ? 6.161   7.185   -7.622  1.00 66.49  ? 2496 HIS A NE2 1 
ATOM   1162 N N   . VAL A 1 154 ? 10.849  9.634   -3.821  1.00 65.58  ? 2497 VAL A N   1 
ATOM   1163 C CA  . VAL A 1 154 ? 11.445  10.572  -2.893  1.00 64.98  ? 2497 VAL A CA  1 
ATOM   1164 C C   . VAL A 1 154 ? 10.565  11.791  -3.075  1.00 65.87  ? 2497 VAL A C   1 
ATOM   1165 O O   . VAL A 1 154 ? 10.489  12.357  -4.168  1.00 64.01  ? 2497 VAL A O   1 
ATOM   1166 C CB  . VAL A 1 154 ? 12.890  10.896  -3.269  1.00 64.01  ? 2497 VAL A CB  1 
ATOM   1167 C CG1 . VAL A 1 154 ? 13.355  12.123  -2.522  1.00 63.65  ? 2497 VAL A CG1 1 
ATOM   1168 C CG2 . VAL A 1 154 ? 13.774  9.712   -2.921  1.00 63.23  ? 2497 VAL A CG2 1 
ATOM   1169 N N   . VAL A 1 155 ? 9.877   12.179  -2.007  1.00 68.42  ? 2498 VAL A N   1 
ATOM   1170 C CA  . VAL A 1 155 ? 8.964   13.306  -2.091  1.00 69.82  ? 2498 VAL A CA  1 
ATOM   1171 C C   . VAL A 1 155 ? 9.003   14.248  -0.908  1.00 71.16  ? 2498 VAL A C   1 
ATOM   1172 O O   . VAL A 1 155 ? 9.867   14.170  -0.033  1.00 69.85  ? 2498 VAL A O   1 
ATOM   1173 C CB  . VAL A 1 155 ? 7.501   12.818  -2.216  1.00 69.13  ? 2498 VAL A CB  1 
ATOM   1174 C CG1 . VAL A 1 155 ? 7.349   11.923  -3.428  1.00 69.56  ? 2498 VAL A CG1 1 
ATOM   1175 C CG2 . VAL A 1 155 ? 7.097   12.068  -0.955  1.00 67.57  ? 2498 VAL A CG2 1 
ATOM   1176 N N   . ARG A 1 156 ? 8.026   15.147  -0.922  1.00 73.96  ? 2499 ARG A N   1 
ATOM   1177 C CA  . ARG A 1 156 ? 7.801   16.140  0.117   1.00 76.03  ? 2499 ARG A CA  1 
ATOM   1178 C C   . ARG A 1 156 ? 6.320   15.951  0.399   1.00 75.74  ? 2499 ARG A C   1 
ATOM   1179 O O   . ARG A 1 156 ? 5.510   15.956  -0.532  1.00 73.57  ? 2499 ARG A O   1 
ATOM   1180 C CB  . ARG A 1 156 ? 8.039   17.551  -0.417  1.00 78.34  ? 2499 ARG A CB  1 
ATOM   1181 C CG  . ARG A 1 156 ? 9.472   17.838  -0.742  1.00 80.74  ? 2499 ARG A CG  1 
ATOM   1182 C CD  . ARG A 1 156 ? 9.587   19.153  -1.448  1.00 83.52  ? 2499 ARG A CD  1 
ATOM   1183 N NE  . ARG A 1 156 ? 10.918  19.310  -2.012  1.00 88.48  ? 2499 ARG A NE  1 
ATOM   1184 C CZ  . ARG A 1 156 ? 11.243  20.241  -2.905  1.00 90.94  ? 2499 ARG A CZ  1 
ATOM   1185 N NH1 . ARG A 1 156 ? 10.316  21.099  -3.329  1.00 90.84  ? 2499 ARG A NH1 1 
ATOM   1186 N NH2 . ARG A 1 156 ? 12.488  20.312  -3.373  1.00 91.09  ? 2499 ARG A NH2 1 
ATOM   1187 N N   . LEU A 1 157 ? 5.964   15.783  1.667   1.00 76.22  ? 2500 LEU A N   1 
ATOM   1188 C CA  . LEU A 1 157 ? 4.573   15.562  2.013   1.00 76.83  ? 2500 LEU A CA  1 
ATOM   1189 C C   . LEU A 1 157 ? 3.861   16.824  2.485   1.00 79.02  ? 2500 LEU A C   1 
ATOM   1190 O O   . LEU A 1 157 ? 4.338   17.510  3.380   1.00 79.62  ? 2500 LEU A O   1 
ATOM   1191 C CB  . LEU A 1 157 ? 4.494   14.474  3.073   1.00 74.64  ? 2500 LEU A CB  1 
ATOM   1192 C CG  . LEU A 1 157 ? 3.109   13.879  3.282   1.00 74.38  ? 2500 LEU A CG  1 
ATOM   1193 C CD1 . LEU A 1 157 ? 2.374   13.812  1.944   1.00 73.19  ? 2500 LEU A CD1 1 
ATOM   1194 C CD2 . LEU A 1 157 ? 3.244   12.508  3.917   1.00 73.15  ? 2500 LEU A CD2 1 
ATOM   1195 N N   . PHE A 1 158 ? 2.713   17.123  1.878   1.00 81.71  ? 2501 PHE A N   1 
ATOM   1196 C CA  . PHE A 1 158 ? 1.922   18.307  2.219   1.00 83.73  ? 2501 PHE A CA  1 
ATOM   1197 C C   . PHE A 1 158 ? 0.566   17.926  2.832   1.00 85.02  ? 2501 PHE A C   1 
ATOM   1198 O O   . PHE A 1 158 ? 0.023   16.854  2.561   1.00 86.17  ? 2501 PHE A O   1 
ATOM   1199 C CB  . PHE A 1 158 ? 1.662   19.141  0.961   1.00 84.99  ? 2501 PHE A CB  1 
ATOM   1200 C CG  . PHE A 1 158 ? 2.904   19.631  0.266   1.00 87.24  ? 2501 PHE A CG  1 
ATOM   1201 C CD1 . PHE A 1 158 ? 3.371   20.925  0.479   1.00 87.64  ? 2501 PHE A CD1 1 
ATOM   1202 C CD2 . PHE A 1 158 ? 3.570   18.823  -0.652  1.00 88.50  ? 2501 PHE A CD2 1 
ATOM   1203 C CE1 . PHE A 1 158 ? 4.477   21.412  -0.221  1.00 88.17  ? 2501 PHE A CE1 1 
ATOM   1204 C CE2 . PHE A 1 158 ? 4.678   19.301  -1.357  1.00 89.05  ? 2501 PHE A CE2 1 
ATOM   1205 C CZ  . PHE A 1 158 ? 5.132   20.597  -1.142  1.00 89.58  ? 2501 PHE A CZ  1 
ATOM   1206 N N   . TYR A 1 159 ? 0.046   18.816  3.673   1.00 86.77  ? 2502 TYR A N   1 
ATOM   1207 C CA  . TYR A 1 159 ? -1.240  18.613  4.329   1.00 89.59  ? 2502 TYR A CA  1 
ATOM   1208 C C   . TYR A 1 159 ? -2.023  19.921  4.331   1.00 90.36  ? 2502 TYR A C   1 
ATOM   1209 O O   . TYR A 1 159 ? -1.976  20.687  5.293   1.00 90.49  ? 2502 TYR A O   1 
ATOM   1210 C CB  . TYR A 1 159 ? -1.041  18.116  5.762   1.00 20.00  ? 2502 TYR A CB  1 
ATOM   1211 C CG  . TYR A 1 159 ? -2.319  18.031  6.564   1.00 20.00  ? 2502 TYR A CG  1 
ATOM   1212 C CD1 . TYR A 1 159 ? -3.203  16.974  6.389   1.00 20.00  ? 2502 TYR A CD1 1 
ATOM   1213 C CD2 . TYR A 1 159 ? -2.643  19.007  7.496   1.00 20.00  ? 2502 TYR A CD2 1 
ATOM   1214 C CE1 . TYR A 1 159 ? -4.373  16.893  7.119   1.00 20.00  ? 2502 TYR A CE1 1 
ATOM   1215 C CE2 . TYR A 1 159 ? -3.811  18.934  8.232   1.00 20.00  ? 2502 TYR A CE2 1 
ATOM   1216 C CZ  . TYR A 1 159 ? -4.672  17.875  8.039   1.00 20.00  ? 2502 TYR A CZ  1 
ATOM   1217 O OH  . TYR A 1 159 ? -5.836  17.798  8.769   1.00 20.00  ? 2502 TYR A OH  1 
ATOM   1218 N N   . GLN A 1 160 ? -2.737  20.169  3.239   1.00 91.50  ? 2503 GLN A N   1 
ATOM   1219 C CA  . GLN A 1 160 ? -3.462  21.417  3.048   1.00 91.55  ? 2503 GLN A CA  1 
ATOM   1220 C C   . GLN A 1 160 ? -2.534  22.584  2.803   1.00 91.87  ? 2503 GLN A C   1 
ATOM   1221 O O   . GLN A 1 160 ? -2.897  23.729  3.099   1.00 91.62  ? 2503 GLN A O   1 
ATOM   1222 C CB  . GLN A 1 160 ? -4.329  21.702  4.271   1.00 91.51  ? 2503 GLN A CB  1 
ATOM   1223 C CG  . GLN A 1 160 ? -5.335  20.614  4.584   1.00 91.06  ? 2503 GLN A CG  1 
ATOM   1224 C CD  . GLN A 1 160 ? -6.414  21.105  5.509   1.00 90.23  ? 2503 GLN A CD  1 
ATOM   1225 O OE1 . GLN A 1 160 ? -6.205  21.270  6.722   1.00 90.02  ? 2503 GLN A OE1 1 
ATOM   1226 N NE2 . GLN A 1 160 ? -7.585  21.366  4.939   1.00 88.82  ? 2503 GLN A NE2 1 
ATOM   1227 N N   . SER A 1 161 ? -1.349  22.287  2.273   1.00 92.27  ? 2504 SER A N   1 
ATOM   1228 C CA  . SER A 1 161 ? -0.348  23.307  1.954   1.00 91.91  ? 2504 SER A CA  1 
ATOM   1229 C C   . SER A 1 161 ? 0.803   23.529  2.962   1.00 91.08  ? 2504 SER A C   1 
ATOM   1230 O O   . SER A 1 161 ? 1.607   24.438  2.797   1.00 91.28  ? 2504 SER A O   1 
ATOM   1231 C CB  . SER A 1 161 ? -1.044  24.638  1.652   1.00 92.67  ? 2504 SER A CB  1 
ATOM   1232 O OG  . SER A 1 161 ? -1.945  24.535  0.541   1.00 94.04  ? 2504 SER A OG  1 
ATOM   1233 N N   . LYS A 1 162 ? 0.872   22.699  3.993   1.00 90.54  ? 2505 LYS A N   1 
ATOM   1234 C CA  . LYS A 1 162 ? 1.931   22.794  4.991   1.00 91.04  ? 2505 LYS A CA  1 
ATOM   1235 C C   . LYS A 1 162 ? 2.899   21.626  4.752   1.00 90.55  ? 2505 LYS A C   1 
ATOM   1236 O O   . LYS A 1 162 ? 2.589   20.501  5.136   1.00 90.67  ? 2505 LYS A O   1 
ATOM   1237 C CB  . LYS A 1 162 ? 1.326   22.698  6.426   1.00 90.62  ? 2505 LYS A CB  1 
ATOM   1238 N N   . ASN A 1 163 ? 4.046   21.863  4.105   1.00 90.40  ? 2506 ASN A N   1 
ATOM   1239 C CA  . ASN A 1 163 ? 4.997   20.767  3.904   1.00 90.70  ? 2506 ASN A CA  1 
ATOM   1240 C C   . ASN A 1 163 ? 5.114   20.284  5.335   1.00 90.69  ? 2506 ASN A C   1 
ATOM   1241 O O   . ASN A 1 163 ? 5.628   20.988  6.206   1.00 89.79  ? 2506 ASN A O   1 
ATOM   1242 C CB  . ASN A 1 163 ? 6.371   21.247  3.411   1.00 90.18  ? 2506 ASN A CB  1 
ATOM   1243 C CG  . ASN A 1 163 ? 7.402   20.118  3.369   1.00 89.78  ? 2506 ASN A CG  1 
ATOM   1244 O OD1 . ASN A 1 163 ? 7.252   19.115  4.068   1.00 88.00  ? 2506 ASN A OD1 1 
ATOM   1245 N ND2 . ASN A 1 163 ? 8.463   20.290  2.561   1.00 90.41  ? 2506 ASN A ND2 1 
ATOM   1246 N N   . ILE A 1 164 ? 4.622   19.083  5.578   1.00 92.21  ? 2507 ILE A N   1 
ATOM   1247 C CA  . ILE A 1 164 ? 4.630   18.560  6.923   1.00 93.30  ? 2507 ILE A CA  1 
ATOM   1248 C C   . ILE A 1 164 ? 6.013   18.569  7.550   1.00 94.35  ? 2507 ILE A C   1 
ATOM   1249 O O   . ILE A 1 164 ? 6.169   18.308  8.744   1.00 93.67  ? 2507 ILE A O   1 
ATOM   1250 C CB  . ILE A 1 164 ? 3.980   17.162  6.958   1.00 92.73  ? 2507 ILE A CB  1 
ATOM   1251 C CG1 . ILE A 1 164 ? 4.822   16.125  6.219   1.00 93.00  ? 2507 ILE A CG1 1 
ATOM   1252 C CG2 . ILE A 1 164 ? 2.656   17.233  6.262   1.00 91.38  ? 2507 ILE A CG2 1 
ATOM   1253 C CD1 . ILE A 1 164 ? 4.499   14.668  6.560   1.00 94.01  ? 2507 ILE A CD1 1 
ATOM   1254 N N   . SER A 1 165 ? 7.003   18.915  6.736   1.00 95.61  ? 2508 SER A N   1 
ATOM   1255 C CA  . SER A 1 165 ? 8.380   18.989  7.174   1.00 96.69  ? 2508 SER A CA  1 
ATOM   1256 C C   . SER A 1 165 ? 8.574   20.074  8.227   1.00 96.88  ? 2508 SER A C   1 
ATOM   1257 O O   . SER A 1 165 ? 9.555   20.045  8.971   1.00 97.40  ? 2508 SER A O   1 
ATOM   1258 C CB  . SER A 1 165 ? 9.301   19.244  5.975   1.00 96.30  ? 2508 SER A CB  1 
ATOM   1259 O OG  . SER A 1 165 ? 9.129   20.554  5.468   1.00 96.97  ? 2508 SER A OG  1 
ATOM   1260 N N   . GLU A 1 166 ? 7.648   21.030  8.292   1.00 96.95  ? 2509 GLU A N   1 
ATOM   1261 C CA  . GLU A 1 166 ? 7.770   22.069  9.300   1.00 97.21  ? 2509 GLU A CA  1 
ATOM   1262 C C   . GLU A 1 166 ? 7.718   21.406  10.671  1.00 97.51  ? 2509 GLU A C   1 
ATOM   1263 O O   . GLU A 1 166 ? 8.270   21.933  11.635  1.00 99.00  ? 2509 GLU A O   1 
ATOM   1264 C CB  . GLU A 1 166 ? 6.676   23.152  9.148   1.00 96.57  ? 2509 GLU A CB  1 
ATOM   1265 C CG  . GLU A 1 166 ? 5.292   22.680  8.660   1.00 99.13  ? 2509 GLU A CG  1 
ATOM   1266 C CD  . GLU A 1 166 ? 4.307   22.363  9.790   1.00 100.00 ? 2509 GLU A CD  1 
ATOM   1267 O OE1 . GLU A 1 166 ? 3.155   22.866  9.733   1.00 100.00 ? 2509 GLU A OE1 1 
ATOM   1268 O OE2 . GLU A 1 166 ? 4.667   21.602  10.722  1.00 100.00 ? 2509 GLU A OE2 1 
ATOM   1269 N N   . LYS A 1 167 ? 7.105   20.220  10.721  1.00 97.37  ? 2510 LYS A N   1 
ATOM   1270 C CA  . LYS A 1 167 ? 6.941   19.436  11.951  1.00 96.91  ? 2510 LYS A CA  1 
ATOM   1271 C C   . LYS A 1 167 ? 8.108   18.509  12.269  1.00 97.17  ? 2510 LYS A C   1 
ATOM   1272 O O   . LYS A 1 167 ? 7.908   17.480  12.903  1.00 96.00  ? 2510 LYS A O   1 
ATOM   1273 C CB  . LYS A 1 167 ? 5.656   18.627  11.870  1.00 20.00  ? 2510 LYS A CB  1 
ATOM   1274 N N   . LEU A 1 168 ? 9.328   18.865  11.870  1.00 98.72  ? 2511 LEU A N   1 
ATOM   1275 C CA  . LEU A 1 168 ? 10.458  17.967  12.123  1.00 99.86  ? 2511 LEU A CA  1 
ATOM   1276 C C   . LEU A 1 168 ? 11.793  18.523  12.610  1.00 100.00 ? 2511 LEU A C   1 
ATOM   1277 O O   . LEU A 1 168 ? 12.573  19.061  11.815  1.00 100.00 ? 2511 LEU A O   1 
ATOM   1278 C CB  . LEU A 1 168 ? 10.737  17.121  10.876  1.00 100.00 ? 2511 LEU A CB  1 
ATOM   1279 C CG  . LEU A 1 168 ? 9.696   16.089  10.462  1.00 100.00 ? 2511 LEU A CG  1 
ATOM   1280 C CD1 . LEU A 1 168 ? 10.250  15.227  9.323   1.00 99.95  ? 2511 LEU A CD1 1 
ATOM   1281 C CD2 . LEU A 1 168 ? 9.368   15.226  11.666  1.00 99.95  ? 2511 LEU A CD2 1 
ATOM   1282 N N   . GLN A 1 169 ? 12.051  18.345  13.909  1.00 100.00 ? 2512 GLN A N   1 
ATOM   1283 C CA  . GLN A 1 169 ? 13.286  18.779  14.570  1.00 100.00 ? 2512 GLN A CA  1 
ATOM   1284 C C   . GLN A 1 169 ? 13.726  17.701  15.579  1.00 100.00 ? 2512 GLN A C   1 
ATOM   1285 O O   . GLN A 1 169 ? 12.865  17.236  16.355  1.00 99.84  ? 2512 GLN A O   1 
ATOM   1286 C CB  . GLN A 1 169 ? 13.068  20.118  15.299  1.00 99.98  ? 2512 GLN A CB  1 
ATOM   1287 C CG  . GLN A 1 169 ? 12.370  21.191  14.467  1.00 99.67  ? 2512 GLN A CG  1 
ATOM   1288 C CD  . GLN A 1 169 ? 10.856  21.094  14.556  1.00 100.00 ? 2512 GLN A CD  1 
ATOM   1289 O OE1 . GLN A 1 169 ? 10.305  20.015  14.792  1.00 99.94  ? 2512 GLN A OE1 1 
ATOM   1290 N NE2 . GLN A 1 169 ? 10.172  22.220  14.355  1.00 100.00 ? 2512 GLN A NE2 1 
ATOM   1291 N N   . ARG B 2 6   ? -8.164  1.130   5.962   1.00 81.86  ? 11   ARG C N   1 
ATOM   1292 C CA  . ARG B 2 6   ? -8.240  2.478   5.303   1.00 81.15  ? 11   ARG C CA  1 
ATOM   1293 C C   . ARG B 2 6   ? -7.836  2.460   3.841   1.00 80.70  ? 11   ARG C C   1 
ATOM   1294 O O   . ARG B 2 6   ? -7.618  1.395   3.277   1.00 81.48  ? 11   ARG C O   1 
ATOM   1295 C CB  . ARG B 2 6   ? -7.321  3.468   6.015   1.00 82.25  ? 11   ARG C CB  1 
ATOM   1296 C CG  . ARG B 2 6   ? -5.865  3.016   6.279   1.00 82.95  ? 11   ARG C CG  1 
ATOM   1297 C CD  . ARG B 2 6   ? -5.126  4.249   6.812   1.00 84.41  ? 11   ARG C CD  1 
ATOM   1298 N NE  . ARG B 2 6   ? -3.894  3.964   7.546   1.00 85.11  ? 11   ARG C NE  1 
ATOM   1299 C CZ  . ARG B 2 6   ? -3.160  4.900   8.146   1.00 85.67  ? 11   ARG C CZ  1 
ATOM   1300 N NH1 . ARG B 2 6   ? -3.540  6.166   8.093   1.00 86.57  ? 11   ARG C NH1 1 
ATOM   1301 N NH2 . ARG B 2 6   ? -2.042  4.586   8.791   1.00 85.60  ? 11   ARG C NH2 1 
ATOM   1302 N N   . GLY B 2 7   ? -7.704  3.639   3.237   1.00 78.41  ? 12   GLY C N   1 
ATOM   1303 C CA  . GLY B 2 7   ? -7.262  3.681   1.864   1.00 76.19  ? 12   GLY C CA  1 
ATOM   1304 C C   . GLY B 2 7   ? -8.314  4.020   0.854   1.00 74.92  ? 12   GLY C C   1 
ATOM   1305 O O   . GLY B 2 7   ? -8.982  5.056   0.910   1.00 75.67  ? 12   GLY C O   1 
ATOM   1306 N N   . ARG B 2 8   ? -8.476  3.090   -0.066  1.00 73.35  ? 13   ARG C N   1 
ATOM   1307 C CA  . ARG B 2 8   ? -9.399  3.272   -1.147  1.00 71.04  ? 13   ARG C CA  1 
ATOM   1308 C C   . ARG B 2 8   ? -9.562  1.954   -1.871  1.00 69.28  ? 13   ARG C C   1 
ATOM   1309 O O   . ARG B 2 8   ? -8.609  1.200   -1.994  1.00 68.94  ? 13   ARG C O   1 
ATOM   1310 C CB  . ARG B 2 8   ? -8.808  4.300   -2.093  1.00 71.98  ? 13   ARG C CB  1 
ATOM   1311 C CG  . ARG B 2 8   ? -9.345  5.678   -1.932  1.00 72.33  ? 13   ARG C CG  1 
ATOM   1312 C CD  . ARG B 2 8   ? -10.809 5.583   -2.183  1.00 76.13  ? 13   ARG C CD  1 
ATOM   1313 N NE  . ARG B 2 8   ? -11.394 6.826   -2.651  1.00 78.42  ? 13   ARG C NE  1 
ATOM   1314 C CZ  . ARG B 2 8   ? -12.609 6.903   -3.180  1.00 77.64  ? 13   ARG C CZ  1 
ATOM   1315 N NH1 . ARG B 2 8   ? -13.354 5.811   -3.306  1.00 76.69  ? 13   ARG C NH1 1 
ATOM   1316 N NH2 . ARG B 2 8   ? -13.079 8.069   -3.582  1.00 76.92  ? 13   ARG C NH2 1 
ATOM   1317 N N   . GLY B 2 9   ? -10.752 1.695   -2.391  1.00 67.75  ? 14   GLY C N   1 
ATOM   1318 C CA  . GLY B 2 9   ? -10.969 0.448   -3.084  1.00 66.26  ? 14   GLY C CA  1 
ATOM   1319 C C   . GLY B 2 9   ? -10.759 -0.675  -2.099  1.00 66.05  ? 14   GLY C C   1 
ATOM   1320 O O   . GLY B 2 9   ? -10.125 -1.681  -2.410  1.00 64.58  ? 14   GLY C O   1 
HETATM 1321 N N   . 2MR B 2 10  ? -11.251 -0.498  -0.880  1.00 67.37  ? 15   2MR C N   1 
HETATM 1322 C CA  . 2MR B 2 10  ? -11.113 -1.564  0.095   1.00 69.07  ? 15   2MR C CA  1 
HETATM 1323 C CB  . 2MR B 2 10  ? -11.242 -1.044  1.528   1.00 63.47  ? 15   2MR C CB  1 
HETATM 1324 C CG  . 2MR B 2 10  ? -9.901  -0.700  2.164   1.00 58.81  ? 15   2MR C CG  1 
HETATM 1325 C CD  . 2MR B 2 10  ? -8.938  -1.897  2.074   1.00 55.91  ? 15   2MR C CD  1 
HETATM 1326 N NE  . 2MR B 2 10  ? -7.632  -1.634  2.665   1.00 54.48  ? 15   2MR C NE  1 
HETATM 1327 C CZ  . 2MR B 2 10  ? -6.666  -2.525  2.786   1.00 54.24  ? 15   2MR C CZ  1 
HETATM 1328 N NH1 . 2MR B 2 10  ? -6.853  -3.762  2.339   1.00 56.00  ? 15   2MR C NH1 1 
HETATM 1329 C CQ1 . 2MR B 2 10  ? -5.676  -4.495  1.989   1.00 56.52  ? 15   2MR C CQ1 1 
HETATM 1330 N NH2 . 2MR B 2 10  ? -5.524  -2.154  3.384   1.00 53.87  ? 15   2MR C NH2 1 
HETATM 1331 C CQ2 . 2MR B 2 10  ? -5.391  -0.821  4.017   1.00 54.57  ? 15   2MR C CQ2 1 
HETATM 1332 C C   . 2MR B 2 10  ? -12.237 -2.523  -0.247  1.00 72.21  ? 15   2MR C C   1 
HETATM 1333 O O   . 2MR B 2 10  ? -12.030 -3.716  -0.426  1.00 73.15  ? 15   2MR C O   1 
ATOM   1334 N N   . GLY B 2 11  ? -13.437 -1.995  -0.389  1.00 75.50  ? 16   GLY C N   1 
ATOM   1335 C CA  . GLY B 2 11  ? -14.538 -2.867  -0.737  1.00 80.67  ? 16   GLY C CA  1 
ATOM   1336 C C   . GLY B 2 11  ? -15.140 -3.655  0.412   1.00 84.23  ? 16   GLY C C   1 
ATOM   1337 O O   . GLY B 2 11  ? -14.640 -4.710  0.800   1.00 84.64  ? 16   GLY C O   1 
ATOM   1338 N N   . ARG B 2 12  ? -16.235 -3.136  0.955   1.00 87.29  ? 17   ARG C N   1 
ATOM   1339 C CA  . ARG B 2 12  ? -16.938 -3.788  2.057   1.00 90.45  ? 17   ARG C CA  1 
ATOM   1340 C C   . ARG B 2 12  ? -18.040 -2.855  2.547   1.00 91.84  ? 17   ARG C C   1 
ATOM   1341 O O   . ARG B 2 12  ? -18.167 -1.746  1.985   1.00 93.34  ? 17   ARG C O   1 
ATOM   1342 C CB  . ARG B 2 12  ? -15.970 -4.112  3.204   1.00 90.68  ? 17   ARG C CB  1 
HETATM 1343 O O   . HOH C 3 .   ? -12.265 -20.458 -4.180  1.00 41.65  ? 1    HOH A O   1 
HETATM 1344 O O   . HOH C 3 .   ? -8.103  -19.932 -0.442  1.00 62.63  ? 2    HOH A O   1 
HETATM 1345 O O   . HOH C 3 .   ? -11.281 14.467  6.230   1.00 64.35  ? 3    HOH A O   1 
HETATM 1346 O O   . HOH C 3 .   ? 3.865   -2.773  4.186   1.00 76.88  ? 4    HOH A O   1 
HETATM 1347 O O   . HOH C 3 .   ? -3.130  11.747  -7.555  1.00 50.58  ? 5    HOH A O   1 
HETATM 1348 O O   . HOH C 3 .   ? 17.264  6.570   -9.112  1.00 75.23  ? 6    HOH A O   1 
HETATM 1349 O O   . HOH C 3 .   ? 0.349   17.815  -14.248 1.00 77.59  ? 7    HOH A O   1 
HETATM 1350 O O   . HOH C 3 .   ? 11.381  5.952   8.217   1.00 78.77  ? 8    HOH A O   1 
HETATM 1351 O O   . HOH C 3 .   ? 6.451   15.424  -8.816  1.00 66.26  ? 9    HOH A O   1 
HETATM 1352 O O   . HOH C 3 .   ? -6.897  -22.163 3.888   1.00 68.28  ? 10   HOH A O   1 
HETATM 1353 O O   . HOH C 3 .   ? -1.032  16.855  -9.855  1.00 66.44  ? 11   HOH A O   1 
HETATM 1354 O O   . HOH C 3 .   ? -4.427  9.856   4.040   1.00 57.27  ? 12   HOH A O   1 
HETATM 1355 O O   . HOH C 3 .   ? 11.678  16.030  0.742   1.00 74.17  ? 13   HOH A O   1 
HETATM 1356 O O   . HOH C 3 .   ? 7.881   13.483  15.154  1.00 69.81  ? 14   HOH A O   1 
HETATM 1357 O O   . HOH C 3 .   ? 4.301   22.838  -7.163  1.00 67.93  ? 15   HOH A O   1 
HETATM 1358 O O   . HOH C 3 .   ? 6.822   -3.364  1.837   1.00 67.27  ? 16   HOH A O   1 
HETATM 1359 O O   . HOH C 3 .   ? -18.999 -17.327 -3.654  1.00 71.36  ? 17   HOH A O   1 
HETATM 1360 O O   . HOH C 3 .   ? -2.715  -5.149  -3.087  1.00 100.00 ? 18   HOH A O   1 
# 
